data_5C5K
#
_entry.id   5C5K
#
_cell.length_a   89.399
_cell.length_b   192.747
_cell.length_c   225.071
_cell.angle_alpha   90.00
_cell.angle_beta   90.00
_cell.angle_gamma   90.00
#
_symmetry.space_group_name_H-M   'P 21 21 21'
#
loop_
_entity.id
_entity.type
_entity.pdbx_description
1 polymer Bacteriophytochrome
2 non-polymer 'BILIVERDINE IX ALPHA'
3 non-polymer 1,2-ETHANEDIOL
4 non-polymer 'ACETATE ION'
5 non-polymer beta-D-glucopyranose
6 water water
#
_entity_poly.entity_id   1
_entity_poly.type   'polypeptide(L)'
_entity_poly.pdbx_seq_one_letter_code
;MALSMTGGQQMGRGSMSRDPLPFFPPLYLGGPEITTENCEREPIHIPGSIQPHGALLTADGHSGEVLQMSLNAATFLGQE
PTVLRGQTLAALLPEQWPALQAALPPGCPDALQYRATLDWPAAGHLSLTVHRVGELLILEFEPTEAWDSTGPHALRNAMF
ALESAPNLRALAEVATQTVRELTGFDRVMLYKFAPDATGEVIAEARREGLHAFLGHRFPASDIPAQARALYTRHLLRLTA
DTRAAAVPLDPVLNPQTNAPTPLGGAVLRATSPMHMQYLRNMGVGSSLSVSVVVGGQLWGLIACHHQTPYVLPPDLRTTL
EYLGRLLSLQVQVKEAADVAAFRQSLREHHARVALAAAHSLSPHDTLSDPALDLLGLMRAGGLILRFEGRWQTLGEVPPA
PAVDALLAWLETQPGALVQTDALGQLWPAGADLAPSAAGLLAISVGEGWSECLVWLRPELRLEVAWGGATPDQAKDDLGP
RHSWDTYLEEKRGYAEPWHPGEIEEAQDLRDTLTGALEHHHHHH
;
_entity_poly.pdbx_strand_id   A,B,C,D
#
loop_
_chem_comp.id
_chem_comp.type
_chem_comp.name
_chem_comp.formula
ACT non-polymer 'ACETATE ION' 'C2 H3 O2 -1'
BGC D-saccharide, beta linking beta-D-glucopyranose 'C6 H12 O6'
BLA non-polymer 'BILIVERDINE IX ALPHA' 'C33 H34 N4 O6'
EDO non-polymer 1,2-ETHANEDIOL 'C2 H6 O2'
#
# COMPACT_ATOMS: atom_id res chain seq x y z
N PRO A 22 -29.24 -35.36 29.83
CA PRO A 22 -29.96 -36.62 29.62
C PRO A 22 -30.98 -36.52 28.49
N PHE A 23 -31.33 -37.65 27.88
CA PHE A 23 -32.28 -37.70 26.78
C PHE A 23 -33.62 -38.23 27.27
N PHE A 24 -34.69 -37.70 26.68
CA PHE A 24 -36.03 -38.21 26.97
C PHE A 24 -36.24 -39.56 26.29
N PRO A 25 -37.09 -40.40 26.85
CA PRO A 25 -37.42 -41.65 26.17
C PRO A 25 -38.16 -41.38 24.88
N PRO A 26 -38.00 -42.23 23.87
CA PRO A 26 -38.72 -42.03 22.60
C PRO A 26 -40.22 -42.15 22.78
N LEU A 27 -40.96 -41.67 21.78
CA LEU A 27 -42.41 -41.61 21.87
C LEU A 27 -43.04 -42.98 22.05
N TYR A 28 -42.40 -44.03 21.53
CA TYR A 28 -42.94 -45.38 21.60
C TYR A 28 -42.59 -46.09 22.90
N LEU A 29 -41.98 -45.39 23.85
CA LEU A 29 -41.65 -45.94 25.17
C LEU A 29 -42.14 -45.00 26.26
N GLY A 30 -43.36 -44.49 26.12
CA GLY A 30 -43.89 -43.57 27.10
C GLY A 30 -43.21 -42.22 27.11
N GLY A 31 -42.66 -41.80 25.98
CA GLY A 31 -41.95 -40.54 25.89
C GLY A 31 -42.86 -39.34 25.80
N PRO A 32 -42.42 -38.22 26.36
CA PRO A 32 -43.24 -37.00 26.33
C PRO A 32 -43.36 -36.45 24.92
N GLU A 33 -44.47 -35.74 24.68
CA GLU A 33 -44.68 -35.13 23.38
C GLU A 33 -43.61 -34.07 23.13
N ILE A 34 -43.05 -34.08 21.92
CA ILE A 34 -41.95 -33.19 21.59
C ILE A 34 -42.50 -31.79 21.35
N THR A 35 -42.08 -30.84 22.19
CA THR A 35 -42.50 -29.44 22.07
C THR A 35 -41.28 -28.54 21.90
N THR A 36 -41.55 -27.25 21.73
CA THR A 36 -40.49 -26.27 21.55
C THR A 36 -39.68 -26.05 22.82
N GLU A 37 -40.21 -26.46 23.98
CA GLU A 37 -39.52 -26.25 25.24
C GLU A 37 -38.57 -27.40 25.59
N ASN A 38 -38.90 -28.63 25.16
CA ASN A 38 -38.09 -29.80 25.45
C ASN A 38 -37.55 -30.43 24.18
N CYS A 39 -37.21 -29.61 23.19
CA CYS A 39 -36.66 -30.11 21.94
C CYS A 39 -35.19 -30.48 22.06
N GLU A 40 -34.50 -29.98 23.07
CA GLU A 40 -33.07 -30.25 23.22
C GLU A 40 -32.81 -31.70 23.58
N ARG A 41 -33.67 -32.30 24.42
CA ARG A 41 -33.49 -33.65 24.91
C ARG A 41 -34.20 -34.69 24.06
N GLU A 42 -34.48 -34.38 22.80
CA GLU A 42 -35.20 -35.29 21.93
C GLU A 42 -34.26 -36.36 21.39
N PRO A 43 -34.54 -37.65 21.61
CA PRO A 43 -33.69 -38.70 21.05
C PRO A 43 -33.90 -38.83 19.55
N ILE A 44 -33.31 -37.91 18.78
CA ILE A 44 -33.46 -37.93 17.32
C ILE A 44 -32.75 -39.10 16.68
N HIS A 45 -31.88 -39.78 17.43
CA HIS A 45 -31.14 -40.92 16.89
C HIS A 45 -31.95 -42.21 16.89
N ILE A 46 -33.02 -42.30 17.69
CA ILE A 46 -33.84 -43.49 17.72
C ILE A 46 -35.31 -43.12 17.53
N PRO A 47 -35.72 -42.59 16.38
CA PRO A 47 -37.14 -42.28 16.18
C PRO A 47 -38.01 -43.49 15.99
N GLY A 48 -37.43 -44.67 15.76
CA GLY A 48 -38.21 -45.87 15.53
C GLY A 48 -38.98 -45.86 14.24
N SER A 49 -38.64 -44.97 13.31
CA SER A 49 -39.38 -44.84 12.06
C SER A 49 -38.46 -44.31 10.98
N ILE A 50 -38.87 -44.50 9.73
CA ILE A 50 -38.10 -44.06 8.57
C ILE A 50 -38.98 -43.14 7.72
N GLN A 51 -38.35 -42.54 6.71
CA GLN A 51 -39.07 -41.70 5.78
C GLN A 51 -39.79 -42.56 4.73
N PRO A 52 -40.97 -42.15 4.27
CA PRO A 52 -41.78 -43.02 3.40
C PRO A 52 -41.26 -43.15 1.98
N HIS A 53 -40.15 -42.51 1.63
CA HIS A 53 -39.61 -42.61 0.27
C HIS A 53 -38.67 -43.79 0.10
N GLY A 54 -38.62 -44.70 1.07
CA GLY A 54 -37.78 -45.87 0.97
C GLY A 54 -38.24 -46.94 1.94
N ALA A 55 -37.46 -48.01 2.01
CA ALA A 55 -37.75 -49.13 2.91
C ALA A 55 -36.48 -49.50 3.67
N LEU A 56 -36.65 -49.93 4.92
CA LEU A 56 -35.52 -50.22 5.80
C LEU A 56 -35.68 -51.59 6.45
N LEU A 57 -34.59 -52.34 6.50
CA LEU A 57 -34.56 -53.64 7.16
C LEU A 57 -33.32 -53.74 8.05
N THR A 58 -33.43 -54.54 9.11
CA THR A 58 -32.29 -54.83 9.97
C THR A 58 -32.14 -56.34 10.11
N ALA A 59 -30.91 -56.82 10.02
CA ALA A 59 -30.62 -58.24 10.11
C ALA A 59 -29.42 -58.45 11.02
N ASP A 60 -29.27 -59.68 11.52
CA ASP A 60 -28.14 -59.98 12.40
C ASP A 60 -26.83 -59.91 11.63
N GLY A 61 -25.81 -59.35 12.28
CA GLY A 61 -24.52 -59.17 11.65
C GLY A 61 -23.79 -60.45 11.34
N HIS A 62 -24.10 -61.54 12.06
CA HIS A 62 -23.44 -62.83 11.85
C HIS A 62 -24.28 -63.76 10.99
N SER A 63 -25.52 -64.01 11.39
CA SER A 63 -26.37 -64.94 10.66
C SER A 63 -26.97 -64.30 9.42
N GLY A 64 -27.53 -63.11 9.56
CA GLY A 64 -28.24 -62.46 8.48
C GLY A 64 -29.75 -62.56 8.56
N GLU A 65 -30.28 -63.03 9.69
CA GLU A 65 -31.71 -63.18 9.86
C GLU A 65 -32.37 -61.81 9.94
N VAL A 66 -33.33 -61.55 9.04
CA VAL A 66 -34.04 -60.27 9.05
C VAL A 66 -34.86 -60.17 10.33
N LEU A 67 -34.63 -59.10 11.10
CA LEU A 67 -35.34 -58.90 12.35
C LEU A 67 -36.40 -57.83 12.22
N GLN A 68 -36.00 -56.57 12.31
CA GLN A 68 -36.94 -55.47 12.20
C GLN A 68 -37.18 -55.12 10.74
N MET A 69 -38.35 -54.54 10.48
CA MET A 69 -38.74 -54.17 9.13
C MET A 69 -39.70 -52.98 9.23
N SER A 70 -39.63 -52.10 8.23
CA SER A 70 -40.60 -51.02 8.14
C SER A 70 -41.88 -51.53 7.49
N LEU A 71 -43.02 -50.97 7.94
CA LEU A 71 -44.31 -51.45 7.48
C LEU A 71 -44.53 -51.24 5.98
N ASN A 72 -43.78 -50.33 5.35
CA ASN A 72 -43.92 -50.13 3.92
C ASN A 72 -42.95 -50.98 3.12
N ALA A 73 -42.03 -51.68 3.79
CA ALA A 73 -41.08 -52.52 3.08
C ALA A 73 -41.75 -53.67 2.36
N ALA A 74 -42.89 -54.15 2.88
CA ALA A 74 -43.62 -55.21 2.21
C ALA A 74 -44.10 -54.78 0.83
N THR A 75 -44.69 -53.57 0.76
CA THR A 75 -45.15 -53.06 -0.53
C THR A 75 -43.98 -52.63 -1.39
N PHE A 76 -42.95 -52.05 -0.78
CA PHE A 76 -41.81 -51.52 -1.53
C PHE A 76 -41.02 -52.65 -2.18
N LEU A 77 -40.61 -53.64 -1.39
CA LEU A 77 -39.78 -54.72 -1.88
C LEU A 77 -40.56 -55.70 -2.75
N GLY A 78 -41.88 -55.74 -2.62
CA GLY A 78 -42.72 -56.64 -3.37
C GLY A 78 -42.91 -58.03 -2.79
N GLN A 79 -42.49 -58.25 -1.55
CA GLN A 79 -42.68 -59.54 -0.89
C GLN A 79 -43.45 -59.34 0.41
N GLU A 80 -44.19 -60.37 0.81
CA GLU A 80 -45.05 -60.26 1.98
C GLU A 80 -44.20 -60.01 3.23
N PRO A 81 -44.74 -59.25 4.21
CA PRO A 81 -43.94 -58.92 5.39
C PRO A 81 -43.63 -60.13 6.25
N THR A 82 -44.56 -61.09 6.34
CA THR A 82 -44.30 -62.29 7.13
C THR A 82 -43.19 -63.13 6.52
N VAL A 83 -43.16 -63.22 5.18
CA VAL A 83 -42.14 -64.01 4.50
C VAL A 83 -40.76 -63.40 4.68
N LEU A 84 -40.67 -62.06 4.63
CA LEU A 84 -39.38 -61.39 4.73
C LEU A 84 -38.75 -61.63 6.09
N ARG A 85 -39.54 -61.53 7.16
CA ARG A 85 -39.01 -61.73 8.50
C ARG A 85 -38.70 -63.20 8.73
N GLY A 86 -37.67 -63.46 9.54
CA GLY A 86 -37.21 -64.81 9.75
C GLY A 86 -36.60 -65.44 8.53
N GLN A 87 -36.13 -64.63 7.58
CA GLN A 87 -35.52 -65.10 6.36
C GLN A 87 -34.11 -64.51 6.27
N THR A 88 -33.13 -65.36 5.99
CA THR A 88 -31.76 -64.92 5.90
C THR A 88 -31.56 -63.99 4.70
N LEU A 89 -30.60 -63.06 4.85
CA LEU A 89 -30.28 -62.17 3.74
C LEU A 89 -29.69 -62.94 2.56
N ALA A 90 -29.10 -64.11 2.80
CA ALA A 90 -28.61 -64.93 1.71
C ALA A 90 -29.75 -65.43 0.82
N ALA A 91 -30.95 -65.62 1.40
CA ALA A 91 -32.10 -66.01 0.60
C ALA A 91 -32.68 -64.84 -0.16
N LEU A 92 -32.70 -63.65 0.46
CA LEU A 92 -33.26 -62.48 -0.21
C LEU A 92 -32.30 -61.96 -1.28
N LEU A 93 -31.04 -61.73 -0.91
CA LEU A 93 -30.03 -61.19 -1.82
C LEU A 93 -28.83 -62.12 -1.82
N PRO A 94 -28.90 -63.24 -2.54
CA PRO A 94 -27.76 -64.16 -2.60
C PRO A 94 -26.57 -63.60 -3.35
N GLU A 95 -26.76 -62.58 -4.18
CA GLU A 95 -25.67 -62.04 -4.98
C GLU A 95 -24.85 -61.02 -4.22
N GLN A 96 -25.46 -60.28 -3.29
CA GLN A 96 -24.78 -59.20 -2.59
C GLN A 96 -24.40 -59.51 -1.15
N TRP A 97 -25.01 -60.53 -0.54
CA TRP A 97 -24.75 -60.83 0.86
C TRP A 97 -23.28 -61.10 1.18
N PRO A 98 -22.55 -61.93 0.42
CA PRO A 98 -21.13 -62.15 0.77
C PRO A 98 -20.29 -60.90 0.65
N ALA A 99 -20.46 -60.14 -0.44
CA ALA A 99 -19.72 -58.89 -0.58
C ALA A 99 -20.16 -57.87 0.45
N LEU A 100 -21.42 -57.95 0.90
CA LEU A 100 -21.89 -57.06 1.94
C LEU A 100 -21.20 -57.34 3.26
N GLN A 101 -21.13 -58.61 3.65
CA GLN A 101 -20.43 -58.95 4.89
C GLN A 101 -18.94 -58.69 4.79
N ALA A 102 -18.38 -58.83 3.58
CA ALA A 102 -16.96 -58.54 3.39
C ALA A 102 -16.68 -57.04 3.50
N ALA A 103 -17.58 -56.21 2.96
CA ALA A 103 -17.36 -54.77 2.97
C ALA A 103 -17.56 -54.18 4.35
N LEU A 104 -18.40 -54.79 5.19
CA LEU A 104 -18.71 -54.30 6.52
C LEU A 104 -18.33 -55.37 7.53
N PRO A 105 -17.05 -55.48 7.89
CA PRO A 105 -16.65 -56.48 8.88
C PRO A 105 -17.10 -56.06 10.27
N PRO A 106 -17.28 -57.02 11.18
CA PRO A 106 -17.67 -56.66 12.56
C PRO A 106 -16.58 -55.81 13.21
N GLY A 107 -17.01 -54.75 13.88
CA GLY A 107 -16.10 -53.81 14.50
C GLY A 107 -15.84 -52.57 13.67
N CYS A 108 -16.30 -52.53 12.43
CA CYS A 108 -16.12 -51.36 11.59
C CYS A 108 -16.95 -50.19 12.13
N PRO A 109 -16.52 -48.95 11.88
CA PRO A 109 -17.31 -47.81 12.35
C PRO A 109 -18.68 -47.77 11.68
N ASP A 110 -19.67 -47.30 12.45
CA ASP A 110 -21.04 -47.22 11.93
C ASP A 110 -21.19 -46.16 10.85
N ALA A 111 -20.27 -45.19 10.78
CA ALA A 111 -20.32 -44.19 9.71
C ALA A 111 -20.01 -44.81 8.36
N LEU A 112 -19.27 -45.92 8.35
CA LEU A 112 -18.89 -46.59 7.12
C LEU A 112 -20.13 -47.12 6.39
N GLN A 113 -20.36 -46.64 5.17
CA GLN A 113 -21.51 -47.06 4.38
C GLN A 113 -21.05 -47.82 3.15
N TYR A 114 -21.80 -48.85 2.79
CA TYR A 114 -21.58 -49.62 1.57
C TYR A 114 -22.81 -49.48 0.69
N ARG A 115 -22.62 -48.95 -0.51
CA ARG A 115 -23.71 -48.65 -1.43
C ARG A 115 -23.55 -49.47 -2.70
N ALA A 116 -24.67 -50.05 -3.16
CA ALA A 116 -24.67 -50.83 -4.39
C ALA A 116 -26.05 -50.73 -5.02
N THR A 117 -26.14 -51.06 -6.30
CA THR A 117 -27.40 -50.98 -7.03
C THR A 117 -27.97 -52.38 -7.22
N LEU A 118 -29.28 -52.51 -6.97
CA LEU A 118 -30.01 -53.75 -7.09
C LEU A 118 -31.05 -53.64 -8.20
N ASP A 119 -31.42 -54.77 -8.77
CA ASP A 119 -32.47 -54.83 -9.79
C ASP A 119 -33.54 -55.81 -9.32
N TRP A 120 -34.72 -55.29 -9.00
CA TRP A 120 -35.83 -56.14 -8.57
C TRP A 120 -36.97 -56.10 -9.57
N PRO A 121 -37.60 -57.24 -9.85
CA PRO A 121 -38.77 -57.23 -10.74
C PRO A 121 -39.97 -56.51 -10.16
N ALA A 122 -40.06 -56.40 -8.83
CA ALA A 122 -41.25 -55.80 -8.21
C ALA A 122 -41.21 -54.29 -8.27
N ALA A 123 -40.16 -53.69 -7.69
CA ALA A 123 -40.04 -52.23 -7.60
C ALA A 123 -39.11 -51.63 -8.65
N GLY A 124 -38.47 -52.45 -9.48
CA GLY A 124 -37.53 -51.96 -10.46
C GLY A 124 -36.13 -51.85 -9.90
N HIS A 125 -35.33 -50.93 -10.44
CA HIS A 125 -33.97 -50.73 -9.95
C HIS A 125 -33.99 -49.96 -8.64
N LEU A 126 -33.20 -50.42 -7.67
CA LEU A 126 -33.18 -49.89 -6.32
C LEU A 126 -31.75 -49.57 -5.92
N SER A 127 -31.60 -48.61 -5.01
CA SER A 127 -30.32 -48.21 -4.45
C SER A 127 -30.24 -48.73 -3.03
N LEU A 128 -29.25 -49.58 -2.77
CA LEU A 128 -29.03 -50.21 -1.48
C LEU A 128 -27.91 -49.50 -0.73
N THR A 129 -28.17 -49.14 0.53
CA THR A 129 -27.20 -48.48 1.39
C THR A 129 -27.19 -49.20 2.74
N VAL A 130 -26.10 -49.90 3.04
CA VAL A 130 -26.02 -50.75 4.22
C VAL A 130 -24.91 -50.23 5.13
N HIS A 131 -25.19 -50.20 6.44
CA HIS A 131 -24.17 -49.89 7.43
C HIS A 131 -24.33 -50.80 8.63
N ARG A 132 -23.24 -51.03 9.34
CA ARG A 132 -23.21 -51.94 10.48
C ARG A 132 -23.10 -51.16 11.78
N VAL A 133 -24.05 -51.37 12.68
CA VAL A 133 -24.02 -50.80 14.02
C VAL A 133 -23.97 -51.97 15.00
N GLY A 134 -22.82 -52.18 15.62
CA GLY A 134 -22.68 -53.25 16.59
C GLY A 134 -22.88 -54.60 15.92
N GLU A 135 -23.81 -55.38 16.46
CA GLU A 135 -24.15 -56.69 15.91
C GLU A 135 -25.34 -56.63 14.96
N LEU A 136 -25.67 -55.45 14.44
CA LEU A 136 -26.85 -55.29 13.60
C LEU A 136 -26.47 -54.65 12.28
N LEU A 137 -26.90 -55.27 11.18
CA LEU A 137 -26.72 -54.73 9.84
C LEU A 137 -28.01 -54.04 9.42
N ILE A 138 -27.90 -52.77 9.04
CA ILE A 138 -29.05 -51.97 8.63
C ILE A 138 -28.96 -51.75 7.13
N LEU A 139 -29.94 -52.29 6.41
CA LEU A 139 -30.05 -52.18 4.97
C LEU A 139 -31.12 -51.16 4.61
N GLU A 140 -30.81 -50.30 3.64
CA GLU A 140 -31.73 -49.27 3.17
C GLU A 140 -31.96 -49.41 1.67
N PHE A 141 -33.21 -49.23 1.27
CA PHE A 141 -33.68 -49.41 -0.10
C PHE A 141 -34.35 -48.11 -0.54
N GLU A 142 -33.86 -47.53 -1.63
CA GLU A 142 -34.47 -46.34 -2.20
C GLU A 142 -34.71 -46.52 -3.68
N PRO A 143 -35.70 -45.84 -4.24
CA PRO A 143 -35.84 -45.84 -5.71
C PRO A 143 -34.71 -45.03 -6.31
N THR A 144 -34.13 -45.54 -7.41
CA THR A 144 -32.94 -44.93 -7.98
C THR A 144 -33.18 -44.55 -9.44
N GLU A 145 -32.14 -43.96 -10.02
CA GLU A 145 -32.12 -43.42 -11.37
C GLU A 145 -30.71 -42.95 -11.65
N ALA A 146 -30.35 -42.98 -12.92
CA ALA A 146 -29.08 -42.43 -13.35
C ALA A 146 -29.09 -40.91 -13.18
N TRP A 147 -27.90 -40.33 -13.09
CA TRP A 147 -27.74 -38.89 -12.90
C TRP A 147 -26.84 -38.34 -14.00
N ASP A 148 -27.36 -37.40 -14.77
CA ASP A 148 -26.63 -36.76 -15.86
C ASP A 148 -26.34 -35.31 -15.50
N SER A 149 -25.12 -35.04 -15.06
CA SER A 149 -24.68 -33.67 -14.87
C SER A 149 -24.40 -33.04 -16.23
N THR A 150 -24.84 -31.79 -16.40
CA THR A 150 -24.65 -31.11 -17.68
C THR A 150 -23.17 -31.02 -18.05
N GLY A 151 -22.30 -30.87 -17.06
CA GLY A 151 -20.88 -30.84 -17.28
C GLY A 151 -20.23 -32.15 -16.89
N PRO A 152 -19.76 -32.92 -17.89
CA PRO A 152 -18.98 -34.11 -17.58
C PRO A 152 -17.70 -33.80 -16.82
N HIS A 153 -17.08 -32.67 -17.12
CA HIS A 153 -15.91 -32.18 -16.40
C HIS A 153 -16.26 -31.17 -15.32
N ALA A 154 -17.55 -31.02 -14.99
CA ALA A 154 -17.96 -29.98 -14.06
C ALA A 154 -17.37 -30.20 -12.67
N LEU A 155 -17.30 -31.46 -12.22
CA LEU A 155 -16.78 -31.73 -10.89
C LEU A 155 -15.29 -31.39 -10.80
N ARG A 156 -14.52 -31.79 -11.80
CA ARG A 156 -13.08 -31.51 -11.82
C ARG A 156 -12.82 -30.00 -11.85
N ASN A 157 -13.46 -29.30 -12.79
CA ASN A 157 -13.33 -27.85 -12.88
C ASN A 157 -13.73 -27.19 -11.57
N ALA A 158 -14.77 -27.68 -10.92
CA ALA A 158 -15.16 -27.15 -9.62
C ALA A 158 -14.08 -27.40 -8.57
N MET A 159 -13.43 -28.57 -8.63
CA MET A 159 -12.36 -28.88 -7.70
C MET A 159 -11.23 -27.86 -7.82
N PHE A 160 -10.73 -27.67 -9.04
CA PHE A 160 -9.67 -26.68 -9.23
C PHE A 160 -10.16 -25.28 -8.90
N ALA A 161 -11.45 -25.00 -9.09
CA ALA A 161 -11.99 -23.70 -8.74
C ALA A 161 -11.93 -23.47 -7.23
N LEU A 162 -12.24 -24.50 -6.45
CA LEU A 162 -12.17 -24.35 -4.99
C LEU A 162 -10.74 -24.25 -4.52
N GLU A 163 -9.82 -25.02 -5.11
CA GLU A 163 -8.44 -24.99 -4.65
C GLU A 163 -7.75 -23.68 -5.03
N SER A 164 -8.17 -23.03 -6.10
CA SER A 164 -7.57 -21.78 -6.55
C SER A 164 -8.38 -20.56 -6.12
N ALA A 165 -9.07 -20.65 -4.97
CA ALA A 165 -9.85 -19.57 -4.37
C ALA A 165 -8.96 -18.68 -3.51
N PRO A 166 -9.11 -17.36 -3.62
CA PRO A 166 -8.23 -16.45 -2.88
C PRO A 166 -8.43 -16.48 -1.37
N ASN A 167 -9.68 -16.43 -0.91
CA ASN A 167 -9.96 -16.37 0.53
C ASN A 167 -11.09 -17.32 0.87
N LEU A 168 -11.49 -17.30 2.15
CA LEU A 168 -12.54 -18.20 2.62
C LEU A 168 -13.89 -17.86 2.01
N ARG A 169 -14.19 -16.56 1.85
CA ARG A 169 -15.50 -16.17 1.34
C ARG A 169 -15.64 -16.50 -0.13
N ALA A 170 -14.56 -16.35 -0.91
CA ALA A 170 -14.60 -16.78 -2.31
C ALA A 170 -14.75 -18.30 -2.39
N LEU A 171 -14.07 -19.03 -1.51
CA LEU A 171 -14.19 -20.48 -1.48
C LEU A 171 -15.62 -20.90 -1.21
N ALA A 172 -16.26 -20.25 -0.24
CA ALA A 172 -17.64 -20.58 0.11
C ALA A 172 -18.59 -20.20 -1.01
N GLU A 173 -18.35 -19.05 -1.66
CA GLU A 173 -19.19 -18.62 -2.76
C GLU A 173 -19.15 -19.63 -3.90
N VAL A 174 -17.94 -20.04 -4.29
CA VAL A 174 -17.78 -21.02 -5.35
C VAL A 174 -18.39 -22.36 -4.93
N ALA A 175 -18.24 -22.72 -3.66
CA ALA A 175 -18.79 -23.99 -3.17
C ALA A 175 -20.32 -24.00 -3.30
N THR A 176 -20.98 -22.98 -2.77
CA THR A 176 -22.44 -22.93 -2.84
C THR A 176 -22.93 -22.92 -4.27
N GLN A 177 -22.31 -22.09 -5.12
CA GLN A 177 -22.74 -22.03 -6.52
C GLN A 177 -22.56 -23.38 -7.20
N THR A 178 -21.47 -24.07 -6.87
CA THR A 178 -21.21 -25.39 -7.44
C THR A 178 -22.27 -26.40 -7.03
N VAL A 179 -22.57 -26.46 -5.73
CA VAL A 179 -23.58 -27.39 -5.23
C VAL A 179 -24.91 -27.13 -5.91
N ARG A 180 -25.31 -25.85 -6.04
CA ARG A 180 -26.57 -25.56 -6.71
C ARG A 180 -26.53 -26.01 -8.17
N GLU A 181 -25.39 -25.83 -8.83
CA GLU A 181 -25.28 -26.26 -10.23
C GLU A 181 -25.43 -27.77 -10.37
N LEU A 182 -24.80 -28.54 -9.47
CA LEU A 182 -24.87 -30.00 -9.59
C LEU A 182 -26.23 -30.53 -9.22
N THR A 183 -26.85 -29.97 -8.18
CA THR A 183 -28.11 -30.52 -7.68
C THR A 183 -29.32 -29.92 -8.38
N GLY A 184 -29.37 -28.59 -8.48
CA GLY A 184 -30.54 -27.90 -8.97
C GLY A 184 -31.44 -27.36 -7.90
N PHE A 185 -30.97 -27.32 -6.65
CA PHE A 185 -31.78 -26.81 -5.55
C PHE A 185 -32.09 -25.33 -5.73
N ASP A 186 -33.24 -24.91 -5.19
CA ASP A 186 -33.61 -23.50 -5.24
C ASP A 186 -32.67 -22.66 -4.39
N ARG A 187 -32.21 -23.18 -3.25
CA ARG A 187 -31.30 -22.44 -2.39
C ARG A 187 -30.19 -23.36 -1.90
N VAL A 188 -28.96 -22.87 -1.93
CA VAL A 188 -27.80 -23.60 -1.41
C VAL A 188 -26.96 -22.61 -0.60
N MET A 189 -26.77 -22.92 0.68
CA MET A 189 -26.06 -22.04 1.59
C MET A 189 -24.96 -22.78 2.32
N LEU A 190 -24.07 -22.00 2.95
CA LEU A 190 -22.98 -22.53 3.75
C LEU A 190 -22.94 -21.80 5.08
N TYR A 191 -23.10 -22.55 6.17
CA TYR A 191 -23.00 -22.01 7.51
C TYR A 191 -21.59 -22.22 8.02
N LYS A 192 -21.07 -21.20 8.72
CA LYS A 192 -19.85 -21.31 9.49
C LYS A 192 -20.24 -21.20 10.96
N PHE A 193 -19.68 -22.07 11.79
CA PHE A 193 -20.01 -22.09 13.21
C PHE A 193 -18.98 -21.25 13.96
N ALA A 194 -19.43 -20.12 14.51
CA ALA A 194 -18.57 -19.25 15.28
C ALA A 194 -18.16 -19.93 16.59
N PRO A 195 -17.08 -19.46 17.22
CA PRO A 195 -16.65 -20.07 18.50
C PRO A 195 -17.75 -20.16 19.54
N ASP A 196 -18.72 -19.25 19.51
CA ASP A 196 -19.83 -19.29 20.46
C ASP A 196 -20.94 -20.23 19.99
N ALA A 197 -20.58 -21.22 19.18
CA ALA A 197 -21.47 -22.29 18.74
C ALA A 197 -22.64 -21.81 17.89
N THR A 198 -22.70 -20.52 17.59
CA THR A 198 -23.74 -20.01 16.71
C THR A 198 -23.34 -20.25 15.26
N GLY A 199 -24.24 -19.90 14.34
CA GLY A 199 -24.00 -20.12 12.93
C GLY A 199 -24.17 -18.84 12.14
N GLU A 200 -23.61 -18.84 10.94
CA GLU A 200 -23.74 -17.69 10.06
C GLU A 200 -23.65 -18.13 8.61
N VAL A 201 -24.59 -17.67 7.79
CA VAL A 201 -24.58 -17.95 6.36
C VAL A 201 -23.53 -17.05 5.73
N ILE A 202 -22.41 -17.65 5.30
CA ILE A 202 -21.32 -16.88 4.70
C ILE A 202 -21.38 -16.86 3.18
N ALA A 203 -22.17 -17.72 2.57
CA ALA A 203 -22.31 -17.76 1.12
C ALA A 203 -23.68 -18.35 0.78
N GLU A 204 -24.19 -17.98 -0.39
CA GLU A 204 -25.52 -18.40 -0.79
C GLU A 204 -25.63 -18.41 -2.30
N ALA A 205 -26.32 -19.42 -2.83
CA ALA A 205 -26.64 -19.53 -4.25
C ALA A 205 -28.13 -19.82 -4.35
N ARG A 206 -28.90 -18.87 -4.86
CA ARG A 206 -30.35 -18.97 -4.86
C ARG A 206 -30.90 -18.75 -6.26
N ARG A 207 -32.16 -19.13 -6.44
CA ARG A 207 -32.86 -18.87 -7.68
C ARG A 207 -33.38 -17.42 -7.69
N GLU A 208 -33.42 -16.83 -8.87
CA GLU A 208 -33.86 -15.44 -9.00
C GLU A 208 -35.30 -15.31 -8.53
N GLY A 209 -35.53 -14.37 -7.61
CA GLY A 209 -36.82 -14.15 -7.03
C GLY A 209 -37.00 -14.71 -5.64
N LEU A 210 -35.93 -14.78 -4.84
CA LEU A 210 -35.99 -15.32 -3.49
C LEU A 210 -35.18 -14.42 -2.57
N HIS A 211 -35.65 -14.28 -1.33
CA HIS A 211 -34.95 -13.43 -0.37
C HIS A 211 -33.63 -14.06 0.04
N ALA A 212 -32.63 -13.21 0.27
CA ALA A 212 -31.27 -13.66 0.54
C ALA A 212 -31.06 -13.88 2.03
N PHE A 213 -30.37 -14.97 2.36
CA PHE A 213 -29.98 -15.28 3.73
C PHE A 213 -28.52 -14.96 4.02
N LEU A 214 -27.83 -14.32 3.08
CA LEU A 214 -26.43 -13.95 3.28
C LEU A 214 -26.30 -12.96 4.43
N GLY A 215 -25.45 -13.30 5.41
CA GLY A 215 -25.27 -12.47 6.58
C GLY A 215 -26.19 -12.83 7.73
N HIS A 216 -27.22 -13.64 7.49
CA HIS A 216 -28.13 -14.07 8.53
C HIS A 216 -27.42 -14.98 9.52
N ARG A 217 -27.74 -14.81 10.80
CA ARG A 217 -27.16 -15.61 11.86
C ARG A 217 -28.27 -16.24 12.69
N PHE A 218 -28.03 -17.45 13.18
CA PHE A 218 -29.01 -18.19 13.97
C PHE A 218 -28.36 -18.72 15.24
N PRO A 219 -29.14 -18.85 16.31
CA PRO A 219 -28.56 -19.27 17.59
C PRO A 219 -28.15 -20.73 17.59
N ALA A 220 -27.34 -21.08 18.60
CA ALA A 220 -26.89 -22.46 18.75
C ALA A 220 -28.02 -23.39 19.12
N SER A 221 -29.07 -22.87 19.77
CA SER A 221 -30.19 -23.69 20.18
C SER A 221 -30.96 -24.26 19.00
N ASP A 222 -30.82 -23.66 17.81
CA ASP A 222 -31.56 -24.15 16.65
C ASP A 222 -31.06 -25.52 16.19
N ILE A 223 -29.81 -25.86 16.48
CA ILE A 223 -29.28 -27.18 16.15
C ILE A 223 -28.82 -27.86 17.43
N PRO A 224 -29.55 -28.86 17.93
CA PRO A 224 -29.20 -29.49 19.20
C PRO A 224 -27.85 -30.19 19.15
N ALA A 225 -27.32 -30.49 20.33
CA ALA A 225 -26.01 -31.15 20.42
C ALA A 225 -26.01 -32.49 19.71
N GLN A 226 -27.05 -33.30 19.96
CA GLN A 226 -27.15 -34.60 19.30
C GLN A 226 -27.16 -34.45 17.79
N ALA A 227 -27.85 -33.42 17.28
CA ALA A 227 -27.86 -33.16 15.85
C ALA A 227 -26.47 -32.79 15.35
N ARG A 228 -25.72 -32.03 16.13
CA ARG A 228 -24.38 -31.62 15.72
C ARG A 228 -23.45 -32.82 15.62
N ALA A 229 -23.39 -33.64 16.68
CA ALA A 229 -22.53 -34.82 16.65
C ALA A 229 -22.95 -35.79 15.56
N LEU A 230 -24.26 -35.92 15.35
CA LEU A 230 -24.76 -36.80 14.30
C LEU A 230 -24.35 -36.28 12.93
N TYR A 231 -24.31 -34.96 12.76
CA TYR A 231 -23.77 -34.39 11.53
C TYR A 231 -22.27 -34.62 11.41
N THR A 232 -21.56 -34.69 12.54
CA THR A 232 -20.13 -34.92 12.48
C THR A 232 -19.81 -36.33 12.02
N ARG A 233 -20.57 -37.32 12.48
CA ARG A 233 -20.26 -38.70 12.12
C ARG A 233 -20.68 -39.04 10.69
N HIS A 234 -21.75 -38.44 10.19
CA HIS A 234 -22.29 -38.77 8.87
C HIS A 234 -22.43 -37.49 8.04
N LEU A 235 -21.68 -37.42 6.94
CA LEU A 235 -21.53 -36.17 6.21
C LEU A 235 -22.83 -35.75 5.52
N LEU A 236 -23.67 -36.71 5.14
CA LEU A 236 -24.87 -36.42 4.37
C LEU A 236 -26.12 -36.69 5.19
N ARG A 237 -27.12 -35.82 5.04
CA ARG A 237 -28.40 -35.97 5.71
C ARG A 237 -29.48 -35.40 4.82
N LEU A 238 -30.57 -36.14 4.65
CA LEU A 238 -31.60 -35.75 3.70
C LEU A 238 -32.98 -35.79 4.37
N THR A 239 -33.84 -34.88 3.93
CA THR A 239 -35.25 -34.83 4.29
C THR A 239 -36.00 -34.69 2.96
N ALA A 240 -36.52 -35.82 2.47
CA ALA A 240 -37.13 -35.83 1.15
C ALA A 240 -38.39 -34.98 1.12
N ASP A 241 -39.35 -35.29 1.98
CA ASP A 241 -40.63 -34.59 2.01
C ASP A 241 -40.90 -34.13 3.43
N THR A 242 -41.04 -32.83 3.60
CA THR A 242 -41.25 -32.24 4.92
C THR A 242 -42.69 -32.38 5.37
N ARG A 243 -43.60 -32.79 4.47
CA ARG A 243 -45.01 -32.95 4.78
C ARG A 243 -45.45 -34.41 4.73
N ALA A 244 -44.50 -35.35 4.66
CA ALA A 244 -44.79 -36.76 4.63
C ALA A 244 -44.68 -37.37 6.03
N ALA A 245 -45.55 -38.34 6.31
CA ALA A 245 -45.57 -39.02 7.60
C ALA A 245 -44.57 -40.17 7.63
N ALA A 246 -43.91 -40.35 8.77
CA ALA A 246 -42.90 -41.39 8.92
C ALA A 246 -43.55 -42.77 9.00
N VAL A 247 -42.78 -43.77 8.59
CA VAL A 247 -43.20 -45.17 8.57
C VAL A 247 -42.51 -45.90 9.73
N PRO A 248 -43.25 -46.41 10.71
CA PRO A 248 -42.61 -47.08 11.85
C PRO A 248 -41.92 -48.37 11.43
N LEU A 249 -41.15 -48.92 12.37
CA LEU A 249 -40.49 -50.20 12.20
C LEU A 249 -41.25 -51.30 12.93
N ASP A 250 -41.24 -52.50 12.34
CA ASP A 250 -41.94 -53.64 12.91
C ASP A 250 -41.00 -54.84 13.06
N PRO A 251 -40.61 -55.17 14.31
CA PRO A 251 -41.00 -54.47 15.54
C PRO A 251 -40.20 -53.18 15.77
N VAL A 252 -40.65 -52.35 16.70
CA VAL A 252 -39.99 -51.07 16.93
C VAL A 252 -38.67 -51.26 17.67
N LEU A 253 -38.55 -52.30 18.48
CA LEU A 253 -37.33 -52.55 19.24
C LEU A 253 -36.52 -53.68 18.60
N ASN A 254 -35.23 -53.70 18.93
CA ASN A 254 -34.30 -54.69 18.40
C ASN A 254 -34.42 -56.01 19.15
N PRO A 255 -34.88 -57.07 18.49
CA PRO A 255 -35.09 -58.35 19.19
C PRO A 255 -33.85 -58.90 19.88
N GLN A 256 -32.66 -58.52 19.42
CA GLN A 256 -31.43 -59.02 20.03
C GLN A 256 -31.27 -58.52 21.46
N THR A 257 -31.64 -57.26 21.71
CA THR A 257 -31.45 -56.64 23.01
C THR A 257 -32.72 -56.05 23.59
N ASN A 258 -33.83 -56.06 22.86
CA ASN A 258 -35.08 -55.41 23.29
C ASN A 258 -34.83 -53.93 23.61
N ALA A 259 -34.01 -53.29 22.78
CA ALA A 259 -33.59 -51.91 22.93
C ALA A 259 -33.83 -51.15 21.64
N PRO A 260 -34.05 -49.84 21.71
CA PRO A 260 -34.25 -49.04 20.50
C PRO A 260 -33.12 -49.24 19.49
N THR A 261 -33.49 -49.15 18.21
CA THR A 261 -32.53 -49.39 17.12
C THR A 261 -31.85 -48.09 16.73
N PRO A 262 -30.52 -48.01 16.80
CA PRO A 262 -29.81 -46.78 16.42
C PRO A 262 -29.92 -46.54 14.91
N LEU A 263 -30.50 -45.41 14.54
CA LEU A 263 -30.68 -45.02 13.15
C LEU A 263 -29.86 -43.79 12.77
N GLY A 264 -28.85 -43.45 13.58
CA GLY A 264 -27.99 -42.33 13.25
C GLY A 264 -27.25 -42.54 11.94
N GLY A 265 -26.85 -43.79 11.67
CA GLY A 265 -26.24 -44.11 10.41
C GLY A 265 -27.20 -44.27 9.27
N ALA A 266 -28.49 -44.40 9.58
CA ALA A 266 -29.51 -44.59 8.54
C ALA A 266 -29.78 -43.29 7.82
N VAL A 267 -29.67 -43.32 6.49
CA VAL A 267 -30.02 -42.15 5.69
C VAL A 267 -31.53 -41.95 5.62
N LEU A 268 -32.30 -43.01 5.83
CA LEU A 268 -33.76 -42.93 5.82
C LEU A 268 -34.34 -42.57 7.18
N ARG A 269 -33.50 -42.20 8.15
CA ARG A 269 -33.99 -41.87 9.48
C ARG A 269 -35.00 -40.73 9.41
N ALA A 270 -36.11 -40.88 10.13
CA ALA A 270 -37.14 -39.86 10.15
C ALA A 270 -36.60 -38.59 10.80
N THR A 271 -36.75 -37.46 10.09
CA THR A 271 -36.31 -36.19 10.64
C THR A 271 -37.22 -35.80 11.80
N SER A 272 -36.63 -35.12 12.79
CA SER A 272 -37.38 -34.69 13.95
C SER A 272 -38.59 -33.86 13.53
N PRO A 273 -39.75 -34.06 14.15
CA PRO A 273 -40.94 -33.28 13.76
C PRO A 273 -40.73 -31.79 13.93
N MET A 274 -39.87 -31.39 14.87
CA MET A 274 -39.61 -29.98 15.10
C MET A 274 -38.95 -29.34 13.87
N HIS A 275 -37.92 -30.00 13.35
CA HIS A 275 -37.21 -29.46 12.19
C HIS A 275 -38.08 -29.48 10.94
N MET A 276 -38.91 -30.51 10.76
CA MET A 276 -39.84 -30.51 9.63
C MET A 276 -40.85 -29.37 9.75
N GLN A 277 -41.28 -29.08 10.98
CA GLN A 277 -42.17 -27.94 11.19
C GLN A 277 -41.47 -26.63 10.84
N TYR A 278 -40.17 -26.55 11.14
CA TYR A 278 -39.39 -25.37 10.77
C TYR A 278 -39.34 -25.21 9.25
N LEU A 279 -38.93 -26.26 8.56
CA LEU A 279 -38.81 -26.20 7.11
C LEU A 279 -40.15 -25.92 6.45
N ARG A 280 -41.25 -26.43 7.01
CA ARG A 280 -42.56 -26.08 6.49
C ARG A 280 -42.87 -24.61 6.71
N ASN A 281 -42.43 -24.05 7.86
CA ASN A 281 -42.59 -22.62 8.06
C ASN A 281 -41.73 -21.80 7.12
N MET A 282 -40.74 -22.41 6.49
CA MET A 282 -39.98 -21.72 5.46
C MET A 282 -40.50 -22.00 4.04
N GLY A 283 -41.51 -22.85 3.90
CA GLY A 283 -41.97 -23.23 2.58
C GLY A 283 -41.03 -24.17 1.86
N VAL A 284 -40.16 -24.83 2.59
CA VAL A 284 -39.16 -25.73 2.02
C VAL A 284 -39.69 -27.16 2.05
N GLY A 285 -39.76 -27.79 0.87
CA GLY A 285 -40.27 -29.14 0.77
C GLY A 285 -39.23 -30.22 1.01
N SER A 286 -37.98 -29.96 0.62
CA SER A 286 -36.90 -30.92 0.74
C SER A 286 -35.65 -30.24 1.23
N SER A 287 -34.86 -30.95 2.02
CA SER A 287 -33.63 -30.40 2.57
C SER A 287 -32.50 -31.41 2.44
N LEU A 288 -31.30 -30.91 2.18
CA LEU A 288 -30.11 -31.75 2.07
C LEU A 288 -28.92 -31.05 2.71
N SER A 289 -28.17 -31.77 3.53
CA SER A 289 -27.06 -31.20 4.29
C SER A 289 -25.80 -32.03 4.08
N VAL A 290 -24.71 -31.35 3.73
CA VAL A 290 -23.39 -31.94 3.61
C VAL A 290 -22.51 -31.33 4.71
N SER A 291 -21.99 -32.19 5.58
CA SER A 291 -21.22 -31.72 6.73
C SER A 291 -19.80 -31.33 6.32
N VAL A 292 -19.23 -30.39 7.06
CA VAL A 292 -17.86 -29.94 6.86
C VAL A 292 -17.14 -30.16 8.19
N VAL A 293 -16.33 -31.22 8.26
CA VAL A 293 -15.64 -31.61 9.49
C VAL A 293 -14.16 -31.28 9.33
N VAL A 294 -13.64 -30.51 10.28
CA VAL A 294 -12.22 -30.15 10.32
C VAL A 294 -11.69 -30.49 11.70
N GLY A 295 -10.65 -31.33 11.74
CA GLY A 295 -10.04 -31.69 13.02
C GLY A 295 -10.98 -32.44 13.94
N GLY A 296 -11.97 -33.14 13.38
CA GLY A 296 -12.97 -33.82 14.19
C GLY A 296 -14.03 -32.90 14.74
N GLN A 297 -14.08 -31.64 14.29
CA GLN A 297 -15.05 -30.67 14.76
C GLN A 297 -15.91 -30.20 13.57
N LEU A 298 -17.19 -30.00 13.82
CA LEU A 298 -18.11 -29.55 12.77
C LEU A 298 -17.88 -28.06 12.53
N TRP A 299 -17.01 -27.75 11.56
CA TRP A 299 -16.68 -26.36 11.29
C TRP A 299 -17.84 -25.61 10.66
N GLY A 300 -18.58 -26.26 9.76
CA GLY A 300 -19.68 -25.61 9.07
C GLY A 300 -20.53 -26.65 8.40
N LEU A 301 -21.53 -26.18 7.64
CA LEU A 301 -22.46 -27.12 7.02
C LEU A 301 -23.03 -26.52 5.75
N ILE A 302 -23.16 -27.35 4.72
CA ILE A 302 -23.77 -26.96 3.45
C ILE A 302 -25.22 -27.40 3.46
N ALA A 303 -26.14 -26.43 3.37
CA ALA A 303 -27.57 -26.73 3.38
C ALA A 303 -28.17 -26.47 2.01
N CYS A 304 -29.18 -27.27 1.66
CA CYS A 304 -29.91 -27.13 0.40
C CYS A 304 -31.40 -27.14 0.69
N HIS A 305 -32.13 -26.18 0.12
CA HIS A 305 -33.57 -26.07 0.31
C HIS A 305 -34.26 -26.02 -1.05
N HIS A 306 -35.33 -26.80 -1.18
CA HIS A 306 -36.13 -26.88 -2.39
C HIS A 306 -37.59 -26.93 -2.00
N GLN A 307 -38.45 -26.33 -2.85
CA GLN A 307 -39.87 -26.38 -2.59
C GLN A 307 -40.46 -27.76 -2.88
N THR A 308 -39.76 -28.59 -3.65
CA THR A 308 -40.26 -29.91 -4.01
C THR A 308 -39.36 -31.00 -3.46
N PRO A 309 -39.94 -32.16 -3.11
CA PRO A 309 -39.14 -33.28 -2.59
C PRO A 309 -38.09 -33.75 -3.57
N TYR A 310 -36.87 -33.92 -3.07
CA TYR A 310 -35.73 -34.31 -3.89
C TYR A 310 -35.15 -35.61 -3.36
N VAL A 311 -34.89 -36.54 -4.25
CA VAL A 311 -34.24 -37.81 -3.93
C VAL A 311 -32.96 -37.88 -4.75
N LEU A 312 -31.83 -37.91 -4.08
CA LEU A 312 -30.58 -37.81 -4.81
C LEU A 312 -30.19 -39.16 -5.40
N PRO A 313 -29.72 -39.18 -6.65
CA PRO A 313 -29.20 -40.42 -7.22
C PRO A 313 -27.90 -40.82 -6.55
N PRO A 314 -27.58 -42.11 -6.51
CA PRO A 314 -26.37 -42.55 -5.80
C PRO A 314 -25.09 -41.92 -6.35
N ASP A 315 -25.01 -41.73 -7.66
CA ASP A 315 -23.82 -41.10 -8.24
C ASP A 315 -23.67 -39.68 -7.71
N LEU A 316 -24.79 -38.97 -7.61
CA LEU A 316 -24.76 -37.61 -7.06
C LEU A 316 -24.42 -37.63 -5.58
N ARG A 317 -24.90 -38.64 -4.84
CA ARG A 317 -24.49 -38.79 -3.45
C ARG A 317 -22.97 -38.92 -3.35
N THR A 318 -22.37 -39.71 -4.24
CA THR A 318 -20.92 -39.83 -4.24
C THR A 318 -20.25 -38.48 -4.49
N THR A 319 -20.77 -37.71 -5.45
CA THR A 319 -20.19 -36.40 -5.72
C THR A 319 -20.28 -35.47 -4.51
N LEU A 320 -21.45 -35.41 -3.87
CA LEU A 320 -21.60 -34.54 -2.70
C LEU A 320 -20.71 -34.98 -1.54
N GLU A 321 -20.63 -36.28 -1.26
CA GLU A 321 -19.75 -36.72 -0.19
C GLU A 321 -18.31 -36.35 -0.49
N TYR A 322 -17.89 -36.53 -1.75
CA TYR A 322 -16.55 -36.11 -2.14
C TYR A 322 -16.34 -34.62 -1.90
N LEU A 323 -17.33 -33.79 -2.26
CA LEU A 323 -17.20 -32.36 -2.01
C LEU A 323 -17.17 -32.05 -0.51
N GLY A 324 -17.86 -32.86 0.29
CA GLY A 324 -17.79 -32.67 1.73
C GLY A 324 -16.39 -32.87 2.26
N ARG A 325 -15.74 -33.96 1.86
CA ARG A 325 -14.37 -34.20 2.33
C ARG A 325 -13.40 -33.18 1.74
N LEU A 326 -13.52 -32.90 0.45
CA LEU A 326 -12.63 -31.96 -0.21
C LEU A 326 -12.76 -30.57 0.39
N LEU A 327 -13.99 -30.11 0.63
CA LEU A 327 -14.19 -28.83 1.28
C LEU A 327 -13.70 -28.85 2.72
N SER A 328 -13.83 -29.99 3.39
CA SER A 328 -13.27 -30.14 4.72
C SER A 328 -11.76 -29.89 4.70
N LEU A 329 -11.09 -30.36 3.64
CA LEU A 329 -9.66 -30.16 3.50
C LEU A 329 -9.33 -28.71 3.09
N GLN A 330 -10.07 -28.17 2.12
CA GLN A 330 -9.75 -26.88 1.53
C GLN A 330 -10.08 -25.71 2.47
N VAL A 331 -11.17 -25.82 3.23
CA VAL A 331 -11.53 -24.74 4.15
C VAL A 331 -10.43 -24.50 5.18
N GLN A 332 -9.81 -25.58 5.65
CA GLN A 332 -8.70 -25.48 6.58
C GLN A 332 -7.56 -24.67 5.98
N VAL A 333 -7.24 -24.95 4.71
CA VAL A 333 -6.13 -24.27 4.05
C VAL A 333 -6.44 -22.80 3.83
N LYS A 334 -7.60 -22.51 3.24
CA LYS A 334 -7.93 -21.12 2.92
C LYS A 334 -8.11 -20.29 4.18
N GLU A 335 -8.68 -20.87 5.23
CA GLU A 335 -8.82 -20.13 6.49
C GLU A 335 -7.45 -19.85 7.10
N ALA A 336 -6.55 -20.84 7.07
CA ALA A 336 -5.20 -20.60 7.57
C ALA A 336 -4.50 -19.52 6.78
N ALA A 337 -4.77 -19.44 5.47
CA ALA A 337 -4.15 -18.41 4.64
C ALA A 337 -4.73 -17.04 4.94
N ASP A 338 -6.04 -16.98 5.21
CA ASP A 338 -6.63 -15.70 5.58
C ASP A 338 -6.06 -15.19 6.90
N VAL A 339 -5.86 -16.09 7.85
CA VAL A 339 -5.27 -15.66 9.12
C VAL A 339 -3.81 -15.26 8.93
N ALA A 340 -3.11 -15.91 8.00
CA ALA A 340 -1.72 -15.52 7.74
C ALA A 340 -1.63 -14.13 7.13
N ALA A 341 -2.47 -13.83 6.14
CA ALA A 341 -2.42 -12.53 5.50
C ALA A 341 -2.88 -11.43 6.46
N PHE A 342 -3.88 -11.73 7.29
CA PHE A 342 -4.33 -10.74 8.27
C PHE A 342 -3.24 -10.44 9.29
N ARG A 343 -2.59 -11.49 9.81
CA ARG A 343 -1.49 -11.28 10.75
C ARG A 343 -0.37 -10.48 10.11
N GLN A 344 -0.08 -10.72 8.82
CA GLN A 344 0.95 -9.93 8.15
C GLN A 344 0.56 -8.46 8.05
N SER A 345 -0.71 -8.19 7.74
CA SER A 345 -1.17 -6.81 7.68
C SER A 345 -1.02 -6.12 9.03
N LEU A 346 -1.29 -6.85 10.12
CA LEU A 346 -1.09 -6.28 11.45
C LEU A 346 0.38 -6.12 11.78
N ARG A 347 1.26 -6.92 11.18
CA ARG A 347 2.69 -6.73 11.43
C ARG A 347 3.19 -5.46 10.76
N GLU A 348 2.75 -5.20 9.53
CA GLU A 348 3.13 -3.95 8.86
C GLU A 348 2.56 -2.75 9.61
N HIS A 349 1.31 -2.86 10.06
CA HIS A 349 0.69 -1.77 10.83
C HIS A 349 1.44 -1.54 12.12
N HIS A 350 1.92 -2.63 12.75
CA HIS A 350 2.68 -2.52 14.00
C HIS A 350 4.03 -1.86 13.78
N ALA A 351 4.72 -2.20 12.68
CA ALA A 351 6.01 -1.60 12.40
C ALA A 351 5.89 -0.10 12.15
N ARG A 352 4.84 0.31 11.43
CA ARG A 352 4.67 1.74 11.17
C ARG A 352 4.52 2.54 12.47
N VAL A 353 3.90 1.96 13.49
CA VAL A 353 3.79 2.65 14.77
C VAL A 353 5.10 2.58 15.55
N ALA A 354 5.79 1.43 15.50
CA ALA A 354 7.03 1.29 16.24
C ALA A 354 8.07 2.32 15.78
N LEU A 355 8.08 2.62 14.48
CA LEU A 355 9.00 3.64 13.99
C LEU A 355 8.68 4.99 14.62
N ALA A 356 7.39 5.27 14.87
CA ALA A 356 7.00 6.50 15.54
C ALA A 356 7.31 6.43 17.03
N ALA A 357 7.41 5.24 17.60
CA ALA A 357 7.78 5.10 19.00
C ALA A 357 9.27 5.28 19.21
N ALA A 358 10.08 5.07 18.16
CA ALA A 358 11.52 5.33 18.29
C ALA A 358 11.78 6.82 18.48
N HIS A 359 11.18 7.66 17.64
CA HIS A 359 11.33 9.11 17.71
C HIS A 359 10.12 9.66 18.47
N SER A 360 10.25 9.78 19.79
CA SER A 360 9.15 10.16 20.66
C SER A 360 9.28 11.61 21.11
N LEU A 361 8.15 12.31 21.15
CA LEU A 361 8.08 13.68 21.64
C LEU A 361 7.05 13.78 22.76
N SER A 362 5.82 13.38 22.46
CA SER A 362 4.74 13.32 23.44
C SER A 362 3.98 12.01 23.25
N PRO A 363 4.03 11.08 24.19
CA PRO A 363 3.37 9.78 23.98
C PRO A 363 1.87 9.91 23.68
N HIS A 364 1.18 10.76 24.43
CA HIS A 364 -0.25 10.94 24.20
C HIS A 364 -0.50 11.49 22.80
N ASP A 365 0.22 12.55 22.43
CA ASP A 365 0.07 13.14 21.11
C ASP A 365 0.52 12.19 20.01
N THR A 366 1.48 11.31 20.33
CA THR A 366 1.98 10.38 19.31
C THR A 366 0.94 9.31 19.01
N LEU A 367 0.36 8.71 20.05
CA LEU A 367 -0.61 7.64 19.81
C LEU A 367 -1.97 8.17 19.36
N SER A 368 -2.27 9.44 19.64
CA SER A 368 -3.51 10.05 19.17
C SER A 368 -3.45 10.45 17.71
N ASP A 369 -2.33 10.23 17.04
CA ASP A 369 -2.18 10.61 15.64
C ASP A 369 -3.12 9.80 14.77
N PRO A 370 -4.02 10.42 14.02
CA PRO A 370 -4.91 9.65 13.13
C PRO A 370 -4.18 8.92 12.03
N ALA A 371 -2.97 9.37 11.65
CA ALA A 371 -2.20 8.67 10.64
C ALA A 371 -1.74 7.31 11.12
N LEU A 372 -1.46 7.16 12.41
CA LEU A 372 -1.11 5.86 12.96
C LEU A 372 -2.32 4.94 13.02
N ASP A 373 -3.49 5.49 13.37
CA ASP A 373 -4.76 4.77 13.40
C ASP A 373 -4.67 3.55 14.32
N LEU A 374 -4.64 3.85 15.63
CA LEU A 374 -4.68 2.79 16.62
C LEU A 374 -6.07 2.17 16.72
N LEU A 375 -7.10 2.87 16.24
CA LEU A 375 -8.44 2.29 16.21
C LEU A 375 -8.54 1.19 15.16
N GLY A 376 -8.03 1.46 13.96
CA GLY A 376 -8.06 0.45 12.91
C GLY A 376 -7.09 -0.69 13.12
N LEU A 377 -6.10 -0.51 14.00
CA LEU A 377 -5.16 -1.60 14.31
C LEU A 377 -5.89 -2.76 14.98
N MET A 378 -6.74 -2.46 15.96
CA MET A 378 -7.50 -3.46 16.68
C MET A 378 -8.95 -3.55 16.23
N ARG A 379 -9.31 -2.82 15.17
CA ARG A 379 -10.70 -2.78 14.68
C ARG A 379 -11.67 -2.39 15.79
N ALA A 380 -11.31 -1.32 16.51
CA ALA A 380 -12.08 -0.85 17.65
C ALA A 380 -12.75 0.47 17.34
N GLY A 381 -13.79 0.78 18.11
CA GLY A 381 -14.52 2.01 17.96
C GLY A 381 -14.07 3.08 18.92
N GLY A 382 -13.47 2.66 20.04
CA GLY A 382 -13.00 3.60 21.04
C GLY A 382 -11.62 3.22 21.53
N LEU A 383 -10.93 4.22 22.07
CA LEU A 383 -9.57 4.03 22.57
C LEU A 383 -9.34 4.91 23.79
N ILE A 384 -8.70 4.33 24.80
CA ILE A 384 -8.35 5.01 26.05
C ILE A 384 -6.84 4.93 26.21
N LEU A 385 -6.20 6.08 26.40
CA LEU A 385 -4.75 6.19 26.51
C LEU A 385 -4.44 6.74 27.91
N ARG A 386 -3.88 5.91 28.78
CA ARG A 386 -3.58 6.32 30.15
C ARG A 386 -2.07 6.37 30.34
N PHE A 387 -1.53 7.57 30.54
CA PHE A 387 -0.11 7.76 30.77
C PHE A 387 0.10 8.93 31.71
N GLU A 388 1.19 8.84 32.50
CA GLU A 388 1.67 9.94 33.36
C GLU A 388 0.57 10.53 34.24
N GLY A 389 -0.38 9.69 34.66
CA GLY A 389 -1.44 10.11 35.55
C GLY A 389 -2.65 10.76 34.90
N ARG A 390 -2.68 10.84 33.57
CA ARG A 390 -3.81 11.42 32.86
C ARG A 390 -4.25 10.45 31.76
N TRP A 391 -5.51 10.57 31.37
CA TRP A 391 -6.09 9.70 30.36
C TRP A 391 -6.77 10.52 29.26
N GLN A 392 -6.59 10.09 28.02
CA GLN A 392 -7.24 10.70 26.87
C GLN A 392 -8.03 9.63 26.12
N THR A 393 -8.97 10.06 25.31
CA THR A 393 -9.82 9.13 24.57
C THR A 393 -9.83 9.49 23.09
N LEU A 394 -10.16 8.50 22.27
CA LEU A 394 -10.25 8.68 20.83
C LEU A 394 -11.40 7.84 20.29
N GLY A 395 -12.31 8.48 19.56
CA GLY A 395 -13.45 7.78 18.99
C GLY A 395 -14.62 7.73 19.96
N GLU A 396 -15.53 6.80 19.67
CA GLU A 396 -16.73 6.63 20.50
C GLU A 396 -16.34 6.04 21.84
N VAL A 397 -16.42 6.85 22.89
CA VAL A 397 -15.99 6.42 24.23
C VAL A 397 -17.03 6.87 25.26
N PRO A 398 -17.40 6.01 26.20
CA PRO A 398 -18.38 6.37 27.25
C PRO A 398 -17.93 7.61 28.02
N PRO A 399 -18.86 8.28 28.72
CA PRO A 399 -18.51 9.51 29.45
C PRO A 399 -17.32 9.40 30.40
N ALA A 400 -16.74 10.54 30.74
CA ALA A 400 -15.53 10.61 31.58
C ALA A 400 -15.64 9.89 32.92
N PRO A 401 -16.68 10.10 33.73
CA PRO A 401 -16.72 9.38 35.03
C PRO A 401 -16.75 7.87 34.84
N ALA A 402 -17.44 7.40 33.80
CA ALA A 402 -17.41 5.97 33.49
C ALA A 402 -16.01 5.52 33.11
N VAL A 403 -15.24 6.39 32.46
CA VAL A 403 -13.86 6.06 32.14
C VAL A 403 -13.04 5.91 33.41
N ASP A 404 -13.22 6.83 34.37
CA ASP A 404 -12.48 6.72 35.63
C ASP A 404 -12.83 5.43 36.35
N ALA A 405 -14.12 5.08 36.39
CA ALA A 405 -14.52 3.83 37.03
C ALA A 405 -13.94 2.62 36.31
N LEU A 406 -13.88 2.68 34.98
CA LEU A 406 -13.36 1.57 34.19
C LEU A 406 -11.87 1.38 34.44
N LEU A 407 -11.11 2.48 34.51
CA LEU A 407 -9.68 2.35 34.78
C LEU A 407 -9.43 1.83 36.19
N ALA A 408 -10.23 2.28 37.17
CA ALA A 408 -10.09 1.72 38.52
C ALA A 408 -10.37 0.23 38.53
N TRP A 409 -11.39 -0.20 37.78
CA TRP A 409 -11.66 -1.63 37.68
C TRP A 409 -10.50 -2.36 37.01
N LEU A 410 -9.84 -1.70 36.05
CA LEU A 410 -8.66 -2.30 35.44
C LEU A 410 -7.53 -2.45 36.46
N GLU A 411 -7.45 -1.52 37.41
CA GLU A 411 -6.45 -1.66 38.45
C GLU A 411 -6.77 -2.83 39.35
N THR A 412 -8.07 -3.11 39.57
CA THR A 412 -8.44 -4.29 40.35
C THR A 412 -8.11 -5.57 39.59
N GLN A 413 -8.26 -5.55 38.27
CA GLN A 413 -8.05 -6.75 37.45
C GLN A 413 -6.57 -7.13 37.43
N PRO A 414 -6.23 -8.41 37.60
CA PRO A 414 -4.83 -8.84 37.55
C PRO A 414 -4.35 -9.01 36.11
N GLY A 415 -3.10 -9.43 36.00
CA GLY A 415 -2.50 -9.64 34.70
C GLY A 415 -2.17 -8.35 33.99
N ALA A 416 -1.51 -8.51 32.84
CA ALA A 416 -1.13 -7.38 32.00
C ALA A 416 -2.06 -7.17 30.82
N LEU A 417 -2.88 -8.16 30.48
CA LEU A 417 -3.80 -8.06 29.36
C LEU A 417 -5.19 -8.49 29.82
N VAL A 418 -6.20 -7.76 29.38
CA VAL A 418 -7.59 -8.02 29.70
C VAL A 418 -8.38 -8.08 28.40
N GLN A 419 -9.22 -9.09 28.25
CA GLN A 419 -9.99 -9.28 27.03
C GLN A 419 -11.38 -9.78 27.39
N THR A 420 -12.40 -9.23 26.72
CA THR A 420 -13.76 -9.73 26.92
C THR A 420 -14.66 -9.29 25.78
N ASP A 421 -15.57 -10.19 25.39
CA ASP A 421 -16.57 -9.87 24.38
C ASP A 421 -17.68 -9.02 24.96
N ALA A 422 -18.05 -9.26 26.21
CA ALA A 422 -19.04 -8.46 26.93
C ALA A 422 -18.49 -8.14 28.31
N LEU A 423 -18.13 -6.88 28.54
CA LEU A 423 -17.59 -6.50 29.83
C LEU A 423 -18.65 -6.53 30.92
N GLY A 424 -19.93 -6.50 30.56
CA GLY A 424 -20.98 -6.58 31.56
C GLY A 424 -20.97 -7.87 32.34
N GLN A 425 -20.55 -8.97 31.70
CA GLN A 425 -20.46 -10.25 32.39
C GLN A 425 -19.28 -10.26 33.35
N LEU A 426 -18.11 -9.82 32.88
CA LEU A 426 -16.92 -9.80 33.72
C LEU A 426 -16.96 -8.67 34.73
N TRP A 427 -17.58 -7.54 34.38
CA TRP A 427 -17.73 -6.41 35.28
C TRP A 427 -19.21 -6.05 35.32
N PRO A 428 -19.91 -6.32 36.43
CA PRO A 428 -21.36 -6.06 36.45
C PRO A 428 -21.71 -4.59 36.27
N ALA A 429 -21.03 -3.70 37.00
CA ALA A 429 -21.35 -2.29 36.96
C ALA A 429 -21.09 -1.64 35.61
N GLY A 430 -20.37 -2.32 34.71
CA GLY A 430 -20.19 -1.80 33.38
C GLY A 430 -21.23 -2.22 32.37
N ALA A 431 -22.32 -2.89 32.79
CA ALA A 431 -23.32 -3.31 31.81
C ALA A 431 -23.98 -2.11 31.15
N ASP A 432 -24.09 -1.01 31.89
CA ASP A 432 -24.74 0.17 31.34
C ASP A 432 -23.90 0.78 30.22
N LEU A 433 -22.58 0.54 30.24
CA LEU A 433 -21.69 1.05 29.21
C LEU A 433 -21.60 0.11 28.01
N ALA A 434 -22.54 -0.83 27.89
CA ALA A 434 -22.50 -1.75 26.75
C ALA A 434 -22.61 -1.07 25.39
N PRO A 435 -23.54 -0.12 25.16
CA PRO A 435 -23.66 0.43 23.79
C PRO A 435 -22.44 1.22 23.33
N SER A 436 -21.72 1.88 24.23
CA SER A 436 -20.53 2.62 23.83
C SER A 436 -19.27 1.74 23.83
N ALA A 437 -19.21 0.75 24.70
CA ALA A 437 -18.04 -0.12 24.81
C ALA A 437 -18.51 -1.47 25.35
N ALA A 438 -18.81 -2.39 24.43
CA ALA A 438 -19.21 -3.74 24.82
C ALA A 438 -18.01 -4.68 24.90
N GLY A 439 -17.12 -4.63 23.92
CA GLY A 439 -15.91 -5.45 23.92
C GLY A 439 -14.73 -4.64 24.43
N LEU A 440 -13.86 -5.30 25.19
CA LEU A 440 -12.74 -4.60 25.81
C LEU A 440 -11.44 -5.38 25.62
N LEU A 441 -10.37 -4.64 25.31
CA LEU A 441 -9.02 -5.21 25.14
C LEU A 441 -8.01 -4.22 25.72
N ALA A 442 -7.51 -4.49 26.91
CA ALA A 442 -6.63 -3.57 27.61
C ALA A 442 -5.26 -4.21 27.82
N ILE A 443 -4.22 -3.41 27.68
CA ILE A 443 -2.84 -3.83 27.92
C ILE A 443 -2.20 -2.81 28.85
N SER A 444 -1.20 -3.26 29.61
CA SER A 444 -0.49 -2.41 30.55
C SER A 444 0.91 -2.15 30.02
N VAL A 445 1.21 -0.88 29.73
CA VAL A 445 2.53 -0.52 29.24
C VAL A 445 3.59 -0.78 30.30
N GLY A 446 3.41 -0.21 31.49
CA GLY A 446 4.27 -0.46 32.61
C GLY A 446 3.67 -1.48 33.54
N GLU A 447 4.50 -2.04 34.42
CA GLU A 447 4.02 -3.01 35.38
C GLU A 447 2.99 -2.38 36.30
N GLY A 448 1.90 -3.11 36.55
CA GLY A 448 0.74 -2.52 37.20
C GLY A 448 -0.23 -1.99 36.17
N TRP A 449 -1.00 -0.96 36.53
CA TRP A 449 -1.92 -0.35 35.59
C TRP A 449 -1.84 1.18 35.61
N SER A 450 -0.70 1.73 36.03
CA SER A 450 -0.53 3.18 35.99
C SER A 450 -0.58 3.72 34.56
N GLU A 451 0.06 3.02 33.63
CA GLU A 451 0.06 3.38 32.22
C GLU A 451 -0.51 2.22 31.43
N CYS A 452 -1.60 2.46 30.70
CA CYS A 452 -2.28 1.38 30.01
C CYS A 452 -2.94 1.90 28.73
N LEU A 453 -3.36 0.95 27.89
CA LEU A 453 -4.00 1.21 26.61
C LEU A 453 -5.24 0.33 26.51
N VAL A 454 -6.40 0.93 26.29
CA VAL A 454 -7.66 0.20 26.30
C VAL A 454 -8.36 0.38 24.95
N TRP A 455 -8.72 -0.72 24.32
CA TRP A 455 -9.51 -0.71 23.11
C TRP A 455 -10.94 -1.12 23.42
N LEU A 456 -11.89 -0.42 22.80
CA LEU A 456 -13.30 -0.60 23.09
C LEU A 456 -14.07 -0.82 21.79
N ARG A 457 -15.02 -1.76 21.84
CA ARG A 457 -15.84 -2.10 20.68
C ARG A 457 -17.32 -1.97 21.03
N PRO A 458 -18.12 -1.36 20.16
CA PRO A 458 -19.55 -1.17 20.43
C PRO A 458 -20.30 -2.50 20.47
N GLU A 459 -21.54 -2.41 20.97
CA GLU A 459 -22.40 -3.57 21.02
C GLU A 459 -22.69 -4.08 19.62
N LEU A 460 -22.68 -5.40 19.46
CA LEU A 460 -22.90 -6.02 18.17
C LEU A 460 -24.27 -5.67 17.59
N ARG A 461 -24.28 -4.90 16.52
CA ARG A 461 -25.50 -4.48 15.85
C ARG A 461 -25.45 -4.90 14.39
N LEU A 462 -26.52 -5.54 13.92
CA LEU A 462 -26.59 -6.08 12.57
C LEU A 462 -27.96 -5.76 11.99
N GLU A 463 -28.11 -6.07 10.69
CA GLU A 463 -29.36 -5.83 9.98
C GLU A 463 -29.88 -7.13 9.40
N VAL A 464 -31.19 -7.15 9.12
CA VAL A 464 -31.83 -8.36 8.61
C VAL A 464 -31.27 -8.73 7.24
N ALA A 465 -31.27 -10.04 6.96
CA ALA A 465 -30.72 -10.53 5.70
C ALA A 465 -31.65 -10.24 4.53
N TRP A 466 -32.96 -10.19 4.77
CA TRP A 466 -33.94 -9.93 3.72
C TRP A 466 -34.41 -8.48 3.69
N GLY A 467 -34.70 -7.90 4.86
CA GLY A 467 -35.14 -6.52 4.90
C GLY A 467 -36.59 -6.29 4.55
N GLY A 468 -37.45 -7.27 4.83
CA GLY A 468 -38.86 -7.14 4.53
C GLY A 468 -39.30 -8.03 3.38
N LYS A 475 -43.26 -13.17 12.13
CA LYS A 475 -44.12 -14.03 12.94
C LYS A 475 -43.46 -14.43 14.25
N ASP A 476 -44.25 -14.48 15.31
CA ASP A 476 -43.75 -14.94 16.60
C ASP A 476 -43.54 -16.44 16.63
N ASP A 477 -44.12 -17.17 15.68
CA ASP A 477 -44.00 -18.62 15.65
C ASP A 477 -42.59 -19.03 15.23
N LEU A 478 -42.35 -20.34 15.28
CA LEU A 478 -41.04 -20.88 14.92
C LEU A 478 -40.74 -20.64 13.45
N GLY A 479 -39.55 -20.11 13.17
CA GLY A 479 -39.15 -19.81 11.82
C GLY A 479 -37.81 -19.10 11.76
N PRO A 480 -37.40 -18.67 10.56
CA PRO A 480 -36.12 -17.97 10.43
C PRO A 480 -36.08 -16.61 11.14
N ARG A 481 -37.14 -15.82 10.96
CA ARG A 481 -37.22 -14.51 11.63
C ARG A 481 -37.10 -14.65 13.13
N HIS A 482 -37.84 -15.60 13.72
CA HIS A 482 -37.75 -15.89 15.14
C HIS A 482 -36.31 -16.22 15.53
N SER A 483 -35.61 -16.99 14.69
CA SER A 483 -34.24 -17.36 15.01
C SER A 483 -33.33 -16.15 15.04
N TRP A 484 -33.48 -15.24 14.07
CA TRP A 484 -32.66 -14.03 14.07
C TRP A 484 -32.94 -13.18 15.29
N ASP A 485 -34.21 -13.04 15.66
CA ASP A 485 -34.55 -12.22 16.83
C ASP A 485 -33.94 -12.79 18.10
N THR A 486 -34.07 -14.11 18.31
CA THR A 486 -33.51 -14.67 19.54
C THR A 486 -31.99 -14.69 19.51
N TYR A 487 -31.40 -14.71 18.32
CA TYR A 487 -29.95 -14.58 18.22
C TYR A 487 -29.50 -13.21 18.69
N LEU A 488 -30.18 -12.15 18.24
CA LEU A 488 -29.81 -10.81 18.69
C LEU A 488 -30.07 -10.62 20.18
N GLU A 489 -31.13 -11.24 20.73
CA GLU A 489 -31.33 -11.11 22.17
C GLU A 489 -30.27 -11.85 22.96
N GLU A 490 -29.78 -12.98 22.45
CA GLU A 490 -28.74 -13.71 23.17
C GLU A 490 -27.38 -13.05 23.07
N LYS A 491 -27.14 -12.23 22.04
CA LYS A 491 -25.88 -11.52 21.88
C LYS A 491 -25.96 -10.09 22.39
N ARG A 492 -26.94 -9.79 23.24
CA ARG A 492 -27.08 -8.47 23.80
C ARG A 492 -25.95 -8.20 24.79
N GLY A 493 -25.33 -7.02 24.69
CA GLY A 493 -24.15 -6.71 25.46
C GLY A 493 -22.86 -7.26 24.90
N TYR A 494 -22.94 -8.21 23.97
CA TYR A 494 -21.76 -8.78 23.33
C TYR A 494 -21.29 -7.87 22.19
N ALA A 495 -20.07 -8.13 21.72
CA ALA A 495 -19.49 -7.40 20.62
C ALA A 495 -18.78 -8.38 19.70
N GLU A 496 -18.21 -7.86 18.62
CA GLU A 496 -17.44 -8.69 17.71
C GLU A 496 -16.25 -9.30 18.44
N PRO A 497 -16.09 -10.62 18.42
CA PRO A 497 -15.00 -11.23 19.19
C PRO A 497 -13.64 -10.78 18.68
N TRP A 498 -12.67 -10.75 19.58
CA TRP A 498 -11.33 -10.30 19.23
C TRP A 498 -10.61 -11.38 18.43
N HIS A 499 -10.17 -11.03 17.23
CA HIS A 499 -9.43 -11.96 16.39
C HIS A 499 -8.12 -12.33 17.08
N PRO A 500 -7.71 -13.60 17.04
CA PRO A 500 -6.47 -13.99 17.74
C PRO A 500 -5.24 -13.19 17.33
N GLY A 501 -5.18 -12.75 16.07
CA GLY A 501 -4.07 -11.91 15.66
C GLY A 501 -4.07 -10.55 16.32
N GLU A 502 -5.25 -10.02 16.63
CA GLU A 502 -5.34 -8.75 17.34
C GLU A 502 -4.88 -8.88 18.79
N ILE A 503 -5.13 -10.04 19.41
CA ILE A 503 -4.68 -10.28 20.78
C ILE A 503 -3.17 -10.47 20.81
N GLU A 504 -2.67 -11.35 19.93
CA GLU A 504 -1.23 -11.57 19.82
C GLU A 504 -0.50 -10.26 19.56
N GLU A 505 -1.01 -9.45 18.61
CA GLU A 505 -0.40 -8.16 18.33
C GLU A 505 -0.51 -7.23 19.52
N ALA A 506 -1.55 -7.41 20.36
CA ALA A 506 -1.65 -6.61 21.57
C ALA A 506 -0.53 -6.92 22.54
N GLN A 507 -0.22 -8.21 22.74
CA GLN A 507 0.87 -8.54 23.65
C GLN A 507 2.22 -8.13 23.06
N ASP A 508 2.39 -8.27 21.75
CA ASP A 508 3.61 -7.80 21.11
C ASP A 508 3.76 -6.29 21.26
N LEU A 509 2.64 -5.58 21.27
CA LEU A 509 2.68 -4.13 21.44
C LEU A 509 3.01 -3.78 22.88
N ARG A 510 2.54 -4.58 23.84
CA ARG A 510 2.94 -4.35 25.22
C ARG A 510 4.45 -4.52 25.39
N ASP A 511 5.02 -5.55 24.76
CA ASP A 511 6.46 -5.75 24.85
C ASP A 511 7.23 -4.65 24.13
N THR A 512 6.66 -4.08 23.06
CA THR A 512 7.32 -2.98 22.38
C THR A 512 7.29 -1.70 23.22
N LEU A 513 6.12 -1.37 23.76
CA LEU A 513 5.97 -0.14 24.52
C LEU A 513 6.66 -0.21 25.87
N THR A 514 6.93 -1.40 26.40
CA THR A 514 7.65 -1.50 27.67
C THR A 514 9.04 -0.90 27.56
N GLY A 515 9.72 -1.15 26.44
CA GLY A 515 11.06 -0.61 26.23
C GLY A 515 11.09 0.83 25.79
N ALA A 516 9.95 1.39 25.41
CA ALA A 516 9.86 2.79 25.01
C ALA A 516 9.91 3.73 26.21
N LEU A 517 9.71 3.21 27.41
CA LEU A 517 9.74 4.02 28.62
C LEU A 517 11.17 4.29 29.07
N PRO B 22 20.49 -20.92 -7.77
CA PRO B 22 20.22 -20.41 -9.12
C PRO B 22 19.96 -21.54 -10.12
N PHE B 23 19.24 -21.25 -11.20
CA PHE B 23 18.92 -22.23 -12.22
C PHE B 23 19.78 -22.02 -13.47
N PHE B 24 20.14 -23.13 -14.10
CA PHE B 24 20.85 -23.08 -15.37
C PHE B 24 19.89 -22.69 -16.49
N PRO B 25 20.38 -22.04 -17.54
CA PRO B 25 19.54 -21.76 -18.70
C PRO B 25 19.14 -23.06 -19.37
N PRO B 26 17.97 -23.10 -20.02
CA PRO B 26 17.56 -24.32 -20.72
C PRO B 26 18.50 -24.64 -21.87
N LEU B 27 18.43 -25.90 -22.32
CA LEU B 27 19.36 -26.39 -23.34
C LEU B 27 19.24 -25.60 -24.65
N TYR B 28 18.07 -25.07 -24.95
CA TYR B 28 17.85 -24.36 -26.20
C TYR B 28 18.24 -22.89 -26.12
N LEU B 29 18.84 -22.47 -25.01
CA LEU B 29 19.33 -21.11 -24.84
C LEU B 29 20.77 -21.11 -24.32
N GLY B 30 21.60 -21.97 -24.90
CA GLY B 30 22.98 -22.06 -24.47
C GLY B 30 23.18 -22.61 -23.08
N GLY B 31 22.25 -23.44 -22.61
CA GLY B 31 22.33 -24.01 -21.29
C GLY B 31 23.28 -25.19 -21.21
N PRO B 32 23.93 -25.36 -20.06
CA PRO B 32 24.87 -26.48 -19.90
C PRO B 32 24.15 -27.82 -19.90
N GLU B 33 24.87 -28.85 -20.34
CA GLU B 33 24.34 -30.20 -20.36
C GLU B 33 24.06 -30.71 -18.95
N ILE B 34 22.91 -31.34 -18.78
CA ILE B 34 22.48 -31.82 -17.47
C ILE B 34 23.26 -33.09 -17.15
N THR B 35 24.05 -33.05 -16.08
CA THR B 35 24.84 -34.19 -15.63
C THR B 35 24.44 -34.57 -14.21
N THR B 36 25.07 -35.65 -13.71
CA THR B 36 24.77 -36.11 -12.36
C THR B 36 25.26 -35.15 -11.29
N GLU B 37 26.20 -34.27 -11.62
CA GLU B 37 26.73 -33.31 -10.65
C GLU B 37 25.94 -32.02 -10.60
N ASN B 38 25.37 -31.59 -11.73
CA ASN B 38 24.62 -30.34 -11.81
C ASN B 38 23.16 -30.59 -12.16
N CYS B 39 22.60 -31.69 -11.65
CA CYS B 39 21.20 -32.00 -11.89
C CYS B 39 20.26 -31.17 -11.02
N GLU B 40 20.78 -30.56 -9.96
CA GLU B 40 19.93 -29.77 -9.07
C GLU B 40 19.44 -28.49 -9.72
N ARG B 41 20.26 -27.89 -10.59
CA ARG B 41 19.95 -26.61 -11.21
C ARG B 41 19.30 -26.76 -12.58
N GLU B 42 18.68 -27.90 -12.85
CA GLU B 42 18.05 -28.13 -14.15
C GLU B 42 16.68 -27.46 -14.20
N PRO B 43 16.44 -26.54 -15.15
CA PRO B 43 15.10 -25.93 -15.25
C PRO B 43 14.08 -26.88 -15.85
N ILE B 44 13.59 -27.83 -15.04
CA ILE B 44 12.62 -28.81 -15.53
C ILE B 44 11.26 -28.20 -15.84
N HIS B 45 11.01 -26.97 -15.40
CA HIS B 45 9.71 -26.33 -15.64
C HIS B 45 9.61 -25.71 -17.03
N ILE B 46 10.72 -25.49 -17.72
CA ILE B 46 10.69 -24.90 -19.06
C ILE B 46 11.48 -25.76 -20.04
N PRO B 47 11.05 -26.99 -20.32
CA PRO B 47 11.77 -27.80 -21.32
C PRO B 47 11.54 -27.36 -22.75
N GLY B 48 10.55 -26.51 -23.00
CA GLY B 48 10.24 -26.08 -24.34
C GLY B 48 9.71 -27.17 -25.25
N SER B 49 9.25 -28.28 -24.67
CA SER B 49 8.78 -29.41 -25.45
C SER B 49 7.75 -30.18 -24.64
N ILE B 50 6.96 -30.99 -25.34
CA ILE B 50 5.91 -31.79 -24.72
C ILE B 50 6.11 -33.26 -25.06
N GLN B 51 5.31 -34.10 -24.40
CA GLN B 51 5.32 -35.53 -24.68
C GLN B 51 4.49 -35.84 -25.93
N PRO B 52 4.90 -36.82 -26.72
CA PRO B 52 4.28 -37.03 -28.04
C PRO B 52 2.88 -37.63 -28.00
N HIS B 53 2.31 -37.92 -26.83
CA HIS B 53 0.97 -38.50 -26.77
C HIS B 53 -0.12 -37.44 -26.71
N GLY B 54 0.22 -36.17 -26.98
CA GLY B 54 -0.76 -35.10 -26.98
C GLY B 54 -0.23 -33.93 -27.76
N ALA B 55 -1.01 -32.84 -27.77
CA ALA B 55 -0.63 -31.64 -28.48
C ALA B 55 -0.82 -30.42 -27.58
N LEU B 56 0.03 -29.42 -27.75
CA LEU B 56 0.00 -28.24 -26.90
C LEU B 56 -0.01 -26.97 -27.75
N LEU B 57 -0.84 -26.01 -27.36
CA LEU B 57 -0.90 -24.70 -28.00
C LEU B 57 -0.90 -23.62 -26.94
N THR B 58 -0.36 -22.45 -27.29
CA THR B 58 -0.38 -21.29 -26.42
C THR B 58 -0.99 -20.11 -27.16
N ALA B 59 -1.86 -19.37 -26.48
CA ALA B 59 -2.53 -18.23 -27.09
C ALA B 59 -2.51 -17.05 -26.13
N ASP B 60 -2.73 -15.86 -26.68
CA ASP B 60 -2.77 -14.66 -25.86
C ASP B 60 -3.99 -14.68 -24.95
N GLY B 61 -3.80 -14.22 -23.70
CA GLY B 61 -4.87 -14.24 -22.72
C GLY B 61 -6.01 -13.29 -23.05
N HIS B 62 -5.73 -12.24 -23.82
CA HIS B 62 -6.74 -11.24 -24.17
C HIS B 62 -7.31 -11.47 -25.56
N SER B 63 -6.46 -11.55 -26.58
CA SER B 63 -6.95 -11.68 -27.95
C SER B 63 -7.35 -13.12 -28.27
N GLY B 64 -6.50 -14.08 -27.94
CA GLY B 64 -6.72 -15.46 -28.29
C GLY B 64 -5.94 -15.93 -29.51
N GLU B 65 -4.99 -15.12 -29.98
CA GLU B 65 -4.19 -15.49 -31.15
C GLU B 65 -3.25 -16.63 -30.78
N VAL B 66 -3.33 -17.73 -31.53
CA VAL B 66 -2.46 -18.88 -31.29
C VAL B 66 -1.02 -18.47 -31.59
N LEU B 67 -0.14 -18.63 -30.60
CA LEU B 67 1.25 -18.25 -30.76
C LEU B 67 2.15 -19.47 -30.94
N GLN B 68 2.50 -20.14 -29.84
CA GLN B 68 3.34 -21.32 -29.93
C GLN B 68 2.51 -22.55 -30.26
N MET B 69 3.18 -23.54 -30.85
CA MET B 69 2.53 -24.78 -31.25
C MET B 69 3.54 -25.91 -31.20
N SER B 70 3.06 -27.09 -30.82
CA SER B 70 3.89 -28.28 -30.88
C SER B 70 3.93 -28.82 -32.31
N LEU B 71 5.07 -29.41 -32.67
CA LEU B 71 5.28 -29.85 -34.04
C LEU B 71 4.31 -30.95 -34.46
N ASN B 72 3.73 -31.66 -33.49
CA ASN B 72 2.77 -32.72 -33.78
C ASN B 72 1.32 -32.24 -33.72
N ALA B 73 1.07 -30.98 -33.37
CA ALA B 73 -0.31 -30.50 -33.28
C ALA B 73 -1.03 -30.57 -34.61
N ALA B 74 -0.29 -30.42 -35.72
CA ALA B 74 -0.90 -30.55 -37.04
C ALA B 74 -1.48 -31.95 -37.23
N THR B 75 -0.72 -32.97 -36.83
CA THR B 75 -1.20 -34.35 -36.96
C THR B 75 -2.32 -34.64 -35.97
N PHE B 76 -2.22 -34.11 -34.75
CA PHE B 76 -3.21 -34.42 -33.72
C PHE B 76 -4.55 -33.80 -34.04
N LEU B 77 -4.57 -32.49 -34.27
CA LEU B 77 -5.82 -31.78 -34.50
C LEU B 77 -6.42 -32.06 -35.87
N GLY B 78 -5.62 -32.49 -36.84
CA GLY B 78 -6.12 -32.73 -38.17
C GLY B 78 -6.17 -31.49 -39.05
N GLN B 79 -5.55 -30.40 -38.62
CA GLN B 79 -5.55 -29.14 -39.35
C GLN B 79 -4.11 -28.74 -39.66
N GLU B 80 -3.95 -28.05 -40.78
CA GLU B 80 -2.61 -27.68 -41.24
C GLU B 80 -1.92 -26.77 -40.21
N PRO B 81 -0.61 -26.90 -40.06
CA PRO B 81 0.09 -26.10 -39.03
C PRO B 81 0.13 -24.62 -39.36
N THR B 82 0.23 -24.26 -40.64
CA THR B 82 0.26 -22.85 -41.01
C THR B 82 -1.07 -22.16 -40.72
N VAL B 83 -2.18 -22.85 -40.97
CA VAL B 83 -3.50 -22.26 -40.76
C VAL B 83 -3.76 -22.03 -39.27
N LEU B 84 -3.33 -22.96 -38.43
CA LEU B 84 -3.62 -22.85 -37.00
C LEU B 84 -2.94 -21.64 -36.37
N ARG B 85 -1.68 -21.40 -36.73
CA ARG B 85 -0.96 -20.25 -36.18
C ARG B 85 -1.51 -18.95 -36.76
N GLY B 86 -1.47 -17.89 -35.95
CA GLY B 86 -2.03 -16.63 -36.36
C GLY B 86 -3.54 -16.66 -36.50
N GLN B 87 -4.21 -17.61 -35.85
CA GLN B 87 -5.66 -17.76 -35.89
C GLN B 87 -6.20 -17.68 -34.48
N THR B 88 -7.22 -16.86 -34.28
CA THR B 88 -7.79 -16.70 -32.95
C THR B 88 -8.48 -17.98 -32.48
N LEU B 89 -8.45 -18.20 -31.16
CA LEU B 89 -9.15 -19.33 -30.58
C LEU B 89 -10.66 -19.22 -30.73
N ALA B 90 -11.18 -17.99 -30.88
CA ALA B 90 -12.61 -17.84 -31.09
C ALA B 90 -13.05 -18.45 -32.42
N ALA B 91 -12.17 -18.46 -33.41
CA ALA B 91 -12.48 -19.12 -34.67
C ALA B 91 -12.30 -20.63 -34.56
N LEU B 92 -11.29 -21.06 -33.81
CA LEU B 92 -11.02 -22.49 -33.66
C LEU B 92 -12.05 -23.15 -32.75
N LEU B 93 -12.26 -22.58 -31.57
CA LEU B 93 -13.16 -23.15 -30.55
C LEU B 93 -14.20 -22.09 -30.19
N PRO B 94 -15.20 -21.88 -31.04
CA PRO B 94 -16.23 -20.86 -30.74
C PRO B 94 -17.14 -21.23 -29.58
N GLU B 95 -17.27 -22.51 -29.24
CA GLU B 95 -18.19 -22.90 -28.18
C GLU B 95 -17.56 -22.79 -26.80
N GLN B 96 -16.25 -22.98 -26.68
CA GLN B 96 -15.59 -23.00 -25.39
C GLN B 96 -14.80 -21.73 -25.08
N TRP B 97 -14.48 -20.92 -26.10
CA TRP B 97 -13.69 -19.72 -25.87
C TRP B 97 -14.31 -18.79 -24.84
N PRO B 98 -15.60 -18.46 -24.89
CA PRO B 98 -16.15 -17.60 -23.82
C PRO B 98 -16.14 -18.28 -22.47
N ALA B 99 -16.51 -19.56 -22.41
CA ALA B 99 -16.46 -20.29 -21.15
C ALA B 99 -15.03 -20.49 -20.69
N LEU B 100 -14.09 -20.55 -21.64
CA LEU B 100 -12.68 -20.68 -21.27
C LEU B 100 -12.20 -19.41 -20.58
N GLN B 101 -12.53 -18.24 -21.15
CA GLN B 101 -12.15 -16.99 -20.51
C GLN B 101 -12.89 -16.79 -19.19
N ALA B 102 -14.11 -17.30 -19.08
CA ALA B 102 -14.84 -17.19 -17.82
C ALA B 102 -14.21 -18.05 -16.74
N ALA B 103 -13.77 -19.26 -17.10
CA ALA B 103 -13.20 -20.16 -16.11
C ALA B 103 -11.80 -19.73 -15.67
N LEU B 104 -11.06 -19.05 -16.54
CA LEU B 104 -9.67 -18.65 -16.27
C LEU B 104 -9.57 -17.12 -16.35
N PRO B 105 -9.92 -16.42 -15.27
CA PRO B 105 -9.79 -14.96 -15.27
C PRO B 105 -8.33 -14.55 -15.17
N PRO B 106 -7.98 -13.35 -15.63
CA PRO B 106 -6.59 -12.90 -15.52
C PRO B 106 -6.17 -12.75 -14.08
N GLY B 107 -4.98 -13.26 -13.77
CA GLY B 107 -4.45 -13.24 -12.42
C GLY B 107 -4.66 -14.54 -11.66
N CYS B 108 -5.41 -15.48 -12.23
CA CYS B 108 -5.64 -16.74 -11.56
C CYS B 108 -4.35 -17.56 -11.50
N PRO B 109 -4.21 -18.42 -10.49
CA PRO B 109 -3.00 -19.25 -10.40
C PRO B 109 -2.91 -20.22 -11.57
N ASP B 110 -1.67 -20.56 -11.94
CA ASP B 110 -1.47 -21.50 -13.03
C ASP B 110 -1.97 -22.90 -12.68
N ALA B 111 -2.12 -23.22 -11.39
CA ALA B 111 -2.66 -24.51 -11.01
C ALA B 111 -4.11 -24.66 -11.41
N LEU B 112 -4.85 -23.55 -11.51
CA LEU B 112 -6.25 -23.61 -11.90
C LEU B 112 -6.38 -24.11 -13.33
N GLN B 113 -7.04 -25.27 -13.48
CA GLN B 113 -7.22 -25.89 -14.78
C GLN B 113 -8.70 -25.93 -15.12
N TYR B 114 -9.01 -25.68 -16.38
CA TYR B 114 -10.36 -25.81 -16.92
C TYR B 114 -10.33 -26.87 -18.02
N ARG B 115 -11.12 -27.91 -17.86
CA ARG B 115 -11.14 -29.02 -18.81
C ARG B 115 -12.51 -29.09 -19.47
N ALA B 116 -12.51 -29.30 -20.78
CA ALA B 116 -13.74 -29.48 -21.53
C ALA B 116 -13.51 -30.53 -22.61
N THR B 117 -14.61 -31.09 -23.10
CA THR B 117 -14.55 -32.12 -24.13
C THR B 117 -14.96 -31.54 -25.48
N LEU B 118 -14.19 -31.85 -26.50
CA LEU B 118 -14.43 -31.40 -27.87
C LEU B 118 -14.75 -32.62 -28.72
N ASP B 119 -15.52 -32.40 -29.79
CA ASP B 119 -15.83 -33.46 -30.74
C ASP B 119 -15.40 -33.00 -32.12
N TRP B 120 -14.34 -33.62 -32.65
CA TRP B 120 -13.86 -33.26 -33.97
C TRP B 120 -13.99 -34.45 -34.92
N PRO B 121 -14.36 -34.20 -36.18
CA PRO B 121 -14.48 -35.33 -37.12
C PRO B 121 -13.15 -35.99 -37.43
N ALA B 122 -12.04 -35.25 -37.34
CA ALA B 122 -10.73 -35.81 -37.70
C ALA B 122 -10.19 -36.71 -36.59
N ALA B 123 -10.06 -36.17 -35.38
CA ALA B 123 -9.42 -36.87 -34.28
C ALA B 123 -10.41 -37.48 -33.29
N GLY B 124 -11.71 -37.39 -33.56
CA GLY B 124 -12.69 -37.90 -32.63
C GLY B 124 -12.89 -36.98 -31.44
N HIS B 125 -13.26 -37.58 -30.30
CA HIS B 125 -13.44 -36.81 -29.08
C HIS B 125 -12.08 -36.50 -28.45
N LEU B 126 -11.89 -35.24 -28.09
CA LEU B 126 -10.64 -34.77 -27.51
C LEU B 126 -10.90 -34.13 -26.14
N SER B 127 -9.91 -34.22 -25.28
CA SER B 127 -9.93 -33.63 -23.95
C SER B 127 -9.01 -32.41 -23.96
N LEU B 128 -9.61 -31.25 -23.71
CA LEU B 128 -8.94 -29.97 -23.66
C LEU B 128 -8.71 -29.57 -22.22
N THR B 129 -7.47 -29.20 -21.88
CA THR B 129 -7.10 -28.80 -20.53
C THR B 129 -6.33 -27.49 -20.63
N VAL B 130 -6.95 -26.41 -20.16
CA VAL B 130 -6.39 -25.07 -20.32
C VAL B 130 -6.07 -24.49 -18.95
N HIS B 131 -4.89 -23.88 -18.84
CA HIS B 131 -4.52 -23.14 -17.64
C HIS B 131 -3.82 -21.85 -18.07
N ARG B 132 -3.92 -20.84 -17.22
CA ARG B 132 -3.40 -19.51 -17.53
C ARG B 132 -2.13 -19.26 -16.71
N VAL B 133 -1.04 -18.98 -17.41
CA VAL B 133 0.22 -18.57 -16.78
C VAL B 133 0.51 -17.16 -17.26
N GLY B 134 0.37 -16.19 -16.35
CA GLY B 134 0.65 -14.81 -16.71
C GLY B 134 -0.30 -14.34 -17.79
N GLU B 135 0.27 -13.84 -18.88
CA GLU B 135 -0.50 -13.37 -20.03
C GLU B 135 -0.63 -14.44 -21.12
N LEU B 136 -0.40 -15.70 -20.78
CA LEU B 136 -0.41 -16.78 -21.76
C LEU B 136 -1.37 -17.87 -21.34
N LEU B 137 -2.23 -18.28 -22.26
CA LEU B 137 -3.16 -19.39 -22.05
C LEU B 137 -2.54 -20.63 -22.69
N ILE B 138 -2.40 -21.70 -21.90
CA ILE B 138 -1.81 -22.95 -22.35
C ILE B 138 -2.91 -23.99 -22.45
N LEU B 139 -3.15 -24.44 -23.67
CA LEU B 139 -4.14 -25.46 -23.99
C LEU B 139 -3.45 -26.79 -24.27
N GLU B 140 -4.00 -27.86 -23.71
CA GLU B 140 -3.48 -29.21 -23.85
C GLU B 140 -4.55 -30.11 -24.45
N PHE B 141 -4.14 -30.97 -25.37
CA PHE B 141 -5.04 -31.81 -26.14
C PHE B 141 -4.62 -33.27 -26.01
N GLU B 142 -5.54 -34.10 -25.51
CA GLU B 142 -5.33 -35.54 -25.47
C GLU B 142 -6.58 -36.23 -26.00
N PRO B 143 -6.45 -37.43 -26.57
CA PRO B 143 -7.67 -38.15 -26.97
C PRO B 143 -8.43 -38.64 -25.75
N THR B 144 -9.75 -38.48 -25.78
CA THR B 144 -10.61 -38.82 -24.64
C THR B 144 -11.70 -39.79 -25.08
N GLU B 145 -12.58 -40.12 -24.14
CA GLU B 145 -13.75 -40.94 -24.36
C GLU B 145 -14.99 -40.07 -24.56
N ALA B 146 -16.00 -40.65 -25.19
CA ALA B 146 -17.27 -39.96 -25.37
C ALA B 146 -17.96 -39.78 -24.02
N TRP B 147 -18.35 -40.88 -23.40
CA TRP B 147 -18.95 -40.87 -22.06
C TRP B 147 -18.24 -41.90 -21.20
N ASP B 148 -17.74 -41.47 -20.05
CA ASP B 148 -16.97 -42.32 -19.15
C ASP B 148 -17.84 -42.71 -17.95
N SER B 149 -18.45 -43.89 -18.02
CA SER B 149 -19.20 -44.44 -16.90
C SER B 149 -18.33 -45.22 -15.94
N THR B 150 -17.04 -45.37 -16.24
CA THR B 150 -16.13 -46.09 -15.37
C THR B 150 -15.90 -45.35 -14.06
N GLY B 151 -15.98 -44.02 -14.09
CA GLY B 151 -15.60 -43.18 -12.98
C GLY B 151 -16.61 -42.97 -11.85
N PRO B 152 -17.90 -42.80 -12.19
CA PRO B 152 -18.90 -42.56 -11.12
C PRO B 152 -18.89 -43.59 -10.01
N HIS B 153 -18.74 -44.87 -10.33
CA HIS B 153 -18.64 -45.89 -9.30
C HIS B 153 -17.22 -46.11 -8.81
N ALA B 154 -16.22 -45.76 -9.63
CA ALA B 154 -14.83 -45.87 -9.19
C ALA B 154 -14.56 -44.97 -8.00
N LEU B 155 -15.02 -43.72 -8.08
CA LEU B 155 -14.84 -42.79 -6.97
C LEU B 155 -15.55 -43.29 -5.72
N ARG B 156 -16.74 -43.88 -5.89
CA ARG B 156 -17.47 -44.45 -4.75
C ARG B 156 -16.67 -45.56 -4.09
N ASN B 157 -16.18 -46.52 -4.89
CA ASN B 157 -15.46 -47.65 -4.32
C ASN B 157 -14.15 -47.24 -3.67
N ALA B 158 -13.39 -46.35 -4.32
CA ALA B 158 -12.13 -45.89 -3.72
C ALA B 158 -12.37 -45.10 -2.44
N MET B 159 -13.37 -44.22 -2.44
CA MET B 159 -13.67 -43.44 -1.25
C MET B 159 -14.06 -44.35 -0.10
N PHE B 160 -14.97 -45.30 -0.36
CA PHE B 160 -15.38 -46.25 0.67
C PHE B 160 -14.19 -47.07 1.15
N ALA B 161 -13.29 -47.44 0.24
CA ALA B 161 -12.12 -48.23 0.62
C ALA B 161 -11.20 -47.44 1.55
N LEU B 162 -10.99 -46.15 1.27
CA LEU B 162 -10.15 -45.34 2.14
C LEU B 162 -10.82 -45.10 3.49
N GLU B 163 -12.15 -44.93 3.50
CA GLU B 163 -12.84 -44.64 4.75
C GLU B 163 -12.84 -45.83 5.71
N SER B 164 -12.65 -47.04 5.19
CA SER B 164 -12.66 -48.25 6.01
C SER B 164 -11.27 -48.67 6.45
N ALA B 165 -10.34 -47.72 6.61
CA ALA B 165 -9.01 -48.15 7.03
C ALA B 165 -8.81 -47.85 8.52
N PRO B 166 -8.31 -48.81 9.29
CA PRO B 166 -8.15 -48.59 10.73
C PRO B 166 -7.02 -47.62 11.08
N ASN B 167 -5.83 -47.81 10.49
CA ASN B 167 -4.65 -47.02 10.84
C ASN B 167 -3.93 -46.62 9.55
N LEU B 168 -2.75 -46.00 9.73
CA LEU B 168 -1.98 -45.50 8.58
C LEU B 168 -1.50 -46.63 7.68
N ARG B 169 -0.95 -47.70 8.26
CA ARG B 169 -0.37 -48.77 7.45
C ARG B 169 -1.43 -49.43 6.57
N ALA B 170 -2.57 -49.79 7.17
CA ALA B 170 -3.67 -50.34 6.40
C ALA B 170 -4.17 -49.35 5.37
N LEU B 171 -4.21 -48.06 5.72
CA LEU B 171 -4.64 -47.03 4.78
C LEU B 171 -3.75 -46.99 3.55
N ALA B 172 -2.43 -47.05 3.75
CA ALA B 172 -1.52 -46.99 2.61
C ALA B 172 -1.61 -48.26 1.78
N GLU B 173 -1.75 -49.42 2.43
CA GLU B 173 -1.88 -50.67 1.69
C GLU B 173 -3.12 -50.65 0.80
N VAL B 174 -4.26 -50.24 1.38
CA VAL B 174 -5.50 -50.16 0.63
C VAL B 174 -5.38 -49.12 -0.48
N ALA B 175 -4.69 -48.01 -0.22
CA ALA B 175 -4.54 -46.98 -1.24
C ALA B 175 -3.79 -47.51 -2.47
N THR B 176 -2.62 -48.12 -2.25
CA THR B 176 -1.85 -48.63 -3.37
C THR B 176 -2.64 -49.70 -4.12
N GLN B 177 -3.26 -50.63 -3.38
CA GLN B 177 -4.01 -51.69 -4.05
C GLN B 177 -5.17 -51.12 -4.86
N THR B 178 -5.82 -50.08 -4.35
CA THR B 178 -6.92 -49.45 -5.09
C THR B 178 -6.43 -48.82 -6.39
N VAL B 179 -5.34 -48.03 -6.30
CA VAL B 179 -4.80 -47.41 -7.51
C VAL B 179 -4.44 -48.47 -8.54
N ARG B 180 -3.78 -49.55 -8.10
CA ARG B 180 -3.44 -50.61 -9.04
C ARG B 180 -4.68 -51.25 -9.65
N GLU B 181 -5.74 -51.42 -8.85
CA GLU B 181 -6.96 -52.02 -9.38
C GLU B 181 -7.61 -51.15 -10.45
N LEU B 182 -7.65 -49.83 -10.23
CA LEU B 182 -8.30 -48.96 -11.20
C LEU B 182 -7.45 -48.79 -12.46
N THR B 183 -6.13 -48.67 -12.31
CA THR B 183 -5.29 -48.35 -13.46
C THR B 183 -4.83 -49.59 -14.21
N GLY B 184 -4.31 -50.57 -13.48
CA GLY B 184 -3.67 -51.72 -14.10
C GLY B 184 -2.17 -51.64 -14.14
N PHE B 185 -1.57 -50.72 -13.39
CA PHE B 185 -0.12 -50.58 -13.38
C PHE B 185 0.55 -51.83 -12.81
N ASP B 186 1.76 -52.09 -13.27
CA ASP B 186 2.53 -53.21 -12.76
C ASP B 186 2.94 -52.99 -11.31
N ARG B 187 3.34 -51.77 -10.97
CA ARG B 187 3.74 -51.45 -9.61
C ARG B 187 3.14 -50.13 -9.17
N VAL B 188 2.57 -50.10 -7.98
CA VAL B 188 2.01 -48.88 -7.38
C VAL B 188 2.52 -48.81 -5.95
N MET B 189 3.23 -47.73 -5.62
CA MET B 189 3.84 -47.56 -4.32
C MET B 189 3.45 -46.22 -3.70
N LEU B 190 3.74 -46.09 -2.41
CA LEU B 190 3.51 -44.85 -1.68
C LEU B 190 4.77 -44.49 -0.92
N TYR B 191 5.34 -43.33 -1.24
CA TYR B 191 6.48 -42.81 -0.51
C TYR B 191 6.01 -41.86 0.57
N LYS B 192 6.67 -41.95 1.72
CA LYS B 192 6.53 -41.01 2.79
C LYS B 192 7.84 -40.24 2.91
N PHE B 193 7.75 -38.93 3.05
CA PHE B 193 8.92 -38.08 3.13
C PHE B 193 9.28 -37.85 4.60
N ALA B 194 10.40 -38.42 5.02
CA ALA B 194 10.89 -38.23 6.37
C ALA B 194 11.34 -36.78 6.55
N PRO B 195 11.42 -36.30 7.81
CA PRO B 195 11.84 -34.91 8.03
C PRO B 195 13.14 -34.53 7.36
N ASP B 196 14.06 -35.47 7.14
CA ASP B 196 15.32 -35.16 6.46
C ASP B 196 15.18 -35.23 4.94
N ALA B 197 13.96 -34.99 4.44
CA ALA B 197 13.68 -34.88 3.01
C ALA B 197 13.93 -36.19 2.24
N THR B 198 14.28 -37.25 2.95
CA THR B 198 14.45 -38.54 2.29
C THR B 198 13.08 -39.18 2.09
N GLY B 199 13.04 -40.34 1.42
CA GLY B 199 11.80 -41.01 1.14
C GLY B 199 11.83 -42.45 1.60
N GLU B 200 10.64 -43.01 1.74
CA GLU B 200 10.53 -44.42 2.11
C GLU B 200 9.24 -45.02 1.58
N VAL B 201 9.35 -46.18 0.94
CA VAL B 201 8.18 -46.90 0.45
C VAL B 201 7.50 -47.54 1.66
N ILE B 202 6.35 -47.01 2.05
CA ILE B 202 5.65 -47.54 3.22
C ILE B 202 4.58 -48.57 2.84
N ALA B 203 4.18 -48.62 1.57
CA ALA B 203 3.21 -49.60 1.09
C ALA B 203 3.43 -49.81 -0.39
N GLU B 204 3.06 -50.99 -0.87
CA GLU B 204 3.32 -51.33 -2.26
C GLU B 204 2.31 -52.38 -2.71
N ALA B 205 1.83 -52.24 -3.94
CA ALA B 205 0.96 -53.22 -4.57
C ALA B 205 1.54 -53.52 -5.96
N ARG B 206 2.03 -54.73 -6.13
CA ARG B 206 2.79 -55.10 -7.32
C ARG B 206 2.19 -56.34 -7.98
N ARG B 207 2.59 -56.57 -9.22
CA ARG B 207 2.22 -57.76 -9.96
C ARG B 207 3.13 -58.93 -9.55
N GLU B 208 2.57 -60.13 -9.59
CA GLU B 208 3.33 -61.31 -9.18
C GLU B 208 4.56 -61.51 -10.06
N GLY B 209 5.71 -61.63 -9.43
CA GLY B 209 6.97 -61.79 -10.13
C GLY B 209 7.84 -60.56 -10.23
N LEU B 210 7.79 -59.66 -9.25
CA LEU B 210 8.59 -58.45 -9.27
C LEU B 210 9.19 -58.23 -7.90
N HIS B 211 10.42 -57.72 -7.86
CA HIS B 211 11.10 -57.46 -6.60
C HIS B 211 10.37 -56.37 -5.82
N ALA B 212 10.35 -56.52 -4.50
CA ALA B 212 9.61 -55.62 -3.63
C ALA B 212 10.47 -54.43 -3.23
N PHE B 213 9.86 -53.25 -3.25
CA PHE B 213 10.49 -52.02 -2.78
C PHE B 213 9.98 -51.63 -1.40
N LEU B 214 9.16 -52.47 -0.77
CA LEU B 214 8.62 -52.17 0.55
C LEU B 214 9.74 -52.12 1.57
N GLY B 215 9.84 -51.01 2.29
CA GLY B 215 10.89 -50.79 3.25
C GLY B 215 12.12 -50.13 2.68
N HIS B 216 12.26 -50.09 1.36
CA HIS B 216 13.39 -49.42 0.73
C HIS B 216 13.32 -47.92 0.93
N ARG B 217 14.47 -47.30 1.16
CA ARG B 217 14.56 -45.87 1.38
C ARG B 217 15.55 -45.26 0.39
N PHE B 218 15.27 -44.03 -0.02
CA PHE B 218 16.11 -43.35 -1.00
C PHE B 218 16.49 -41.96 -0.52
N PRO B 219 17.65 -41.46 -0.94
CA PRO B 219 18.11 -40.15 -0.44
C PRO B 219 17.31 -39.00 -1.04
N ALA B 220 17.46 -37.83 -0.40
CA ALA B 220 16.75 -36.64 -0.85
C ALA B 220 17.25 -36.14 -2.19
N SER B 221 18.52 -36.43 -2.54
CA SER B 221 19.07 -35.97 -3.80
C SER B 221 18.38 -36.62 -5.00
N ASP B 222 17.69 -37.75 -4.79
CA ASP B 222 17.02 -38.42 -5.90
C ASP B 222 15.85 -37.61 -6.45
N ILE B 223 15.26 -36.75 -5.62
CA ILE B 223 14.20 -35.86 -6.07
C ILE B 223 14.62 -34.42 -5.82
N PRO B 224 14.97 -33.65 -6.85
CA PRO B 224 15.45 -32.28 -6.64
C PRO B 224 14.40 -31.38 -6.01
N ALA B 225 14.86 -30.24 -5.49
CA ALA B 225 13.98 -29.30 -4.81
C ALA B 225 12.88 -28.78 -5.75
N GLN B 226 13.29 -28.33 -6.94
CA GLN B 226 12.30 -27.78 -7.89
C GLN B 226 11.24 -28.81 -8.23
N ALA B 227 11.63 -30.08 -8.30
CA ALA B 227 10.65 -31.13 -8.55
C ALA B 227 9.66 -31.27 -7.40
N ARG B 228 10.13 -31.14 -6.16
CA ARG B 228 9.23 -31.22 -5.02
C ARG B 228 8.25 -30.05 -5.00
N ALA B 229 8.74 -28.82 -5.15
CA ALA B 229 7.84 -27.68 -5.14
C ALA B 229 6.84 -27.76 -6.28
N LEU B 230 7.29 -28.24 -7.44
CA LEU B 230 6.39 -28.40 -8.58
C LEU B 230 5.35 -29.47 -8.30
N TYR B 231 5.73 -30.53 -7.57
CA TYR B 231 4.76 -31.55 -7.18
C TYR B 231 3.77 -31.00 -6.15
N THR B 232 4.21 -30.06 -5.31
CA THR B 232 3.31 -29.47 -4.33
C THR B 232 2.29 -28.57 -5.01
N ARG B 233 2.70 -27.84 -6.05
CA ARG B 233 1.75 -26.95 -6.72
C ARG B 233 0.86 -27.70 -7.70
N HIS B 234 1.35 -28.77 -8.34
CA HIS B 234 0.58 -29.55 -9.30
C HIS B 234 0.64 -31.01 -8.86
N LEU B 235 -0.50 -31.55 -8.45
CA LEU B 235 -0.50 -32.83 -7.74
C LEU B 235 -0.17 -34.02 -8.64
N LEU B 236 -0.54 -33.96 -9.92
CA LEU B 236 -0.37 -35.10 -10.82
C LEU B 236 0.65 -34.77 -11.90
N ARG B 237 1.53 -35.73 -12.21
CA ARG B 237 2.52 -35.53 -13.26
C ARG B 237 2.87 -36.90 -13.81
N LEU B 238 2.91 -37.03 -15.14
CA LEU B 238 3.11 -38.34 -15.78
C LEU B 238 4.23 -38.28 -16.81
N THR B 239 4.85 -39.43 -17.03
CA THR B 239 5.86 -39.68 -18.06
C THR B 239 5.37 -40.89 -18.85
N ALA B 240 4.77 -40.63 -20.01
CA ALA B 240 4.10 -41.69 -20.77
C ALA B 240 5.09 -42.73 -21.30
N ASP B 241 6.11 -42.30 -22.04
CA ASP B 241 7.06 -43.21 -22.65
C ASP B 241 8.46 -42.74 -22.28
N THR B 242 9.23 -43.63 -21.63
CA THR B 242 10.54 -43.26 -21.14
C THR B 242 11.60 -43.25 -22.24
N ARG B 243 11.30 -43.84 -23.40
CA ARG B 243 12.24 -43.89 -24.52
C ARG B 243 11.76 -43.08 -25.70
N ALA B 244 10.73 -42.24 -25.53
CA ALA B 244 10.21 -41.41 -26.60
C ALA B 244 10.84 -40.02 -26.52
N ALA B 245 11.08 -39.43 -27.69
CA ALA B 245 11.66 -38.10 -27.78
C ALA B 245 10.56 -37.06 -27.67
N ALA B 246 10.86 -35.96 -26.99
CA ALA B 246 9.89 -34.90 -26.80
C ALA B 246 9.66 -34.14 -28.11
N VAL B 247 8.48 -33.52 -28.20
CA VAL B 247 8.08 -32.76 -29.37
C VAL B 247 8.26 -31.28 -29.04
N PRO B 248 9.16 -30.56 -29.72
CA PRO B 248 9.40 -29.16 -29.39
C PRO B 248 8.19 -28.29 -29.71
N LEU B 249 8.27 -27.05 -29.24
CA LEU B 249 7.26 -26.03 -29.50
C LEU B 249 7.76 -25.10 -30.59
N ASP B 250 6.83 -24.64 -31.43
CA ASP B 250 7.17 -23.75 -32.53
C ASP B 250 6.34 -22.47 -32.47
N PRO B 251 6.98 -21.34 -32.09
CA PRO B 251 8.40 -21.27 -31.73
C PRO B 251 8.68 -21.77 -30.31
N VAL B 252 9.97 -21.98 -30.01
CA VAL B 252 10.34 -22.50 -28.69
C VAL B 252 10.17 -21.44 -27.62
N LEU B 253 10.30 -20.17 -27.98
CA LEU B 253 10.14 -19.07 -27.04
C LEU B 253 8.77 -18.41 -27.22
N ASN B 254 8.33 -17.72 -26.16
CA ASN B 254 7.04 -17.04 -26.17
C ASN B 254 7.15 -15.72 -26.90
N PRO B 255 6.48 -15.58 -28.05
CA PRO B 255 6.62 -14.34 -28.85
C PRO B 255 6.27 -13.08 -28.09
N GLN B 256 5.44 -13.17 -27.04
CA GLN B 256 5.07 -11.97 -26.29
C GLN B 256 6.28 -11.40 -25.56
N THR B 257 7.14 -12.26 -25.02
CA THR B 257 8.26 -11.82 -24.20
C THR B 257 9.60 -12.33 -24.68
N ASN B 258 9.65 -13.20 -25.70
CA ASN B 258 10.89 -13.82 -26.15
C ASN B 258 11.58 -14.55 -24.99
N ALA B 259 10.76 -15.20 -24.16
CA ALA B 259 11.21 -15.89 -22.96
C ALA B 259 10.67 -17.32 -22.94
N PRO B 260 11.39 -18.23 -22.30
CA PRO B 260 10.91 -19.62 -22.21
C PRO B 260 9.48 -19.71 -21.71
N THR B 261 8.75 -20.71 -22.21
CA THR B 261 7.36 -20.91 -21.85
C THR B 261 7.25 -21.81 -20.62
N PRO B 262 6.65 -21.35 -19.52
CA PRO B 262 6.51 -22.19 -18.33
C PRO B 262 5.53 -23.32 -18.57
N LEU B 263 6.01 -24.56 -18.44
CA LEU B 263 5.20 -25.75 -18.66
C LEU B 263 4.99 -26.56 -17.39
N GLY B 264 5.21 -25.94 -16.22
CA GLY B 264 4.97 -26.65 -14.97
C GLY B 264 3.52 -27.04 -14.79
N GLY B 265 2.60 -26.17 -15.24
CA GLY B 265 1.18 -26.49 -15.17
C GLY B 265 0.70 -27.43 -16.25
N ALA B 266 1.48 -27.59 -17.32
CA ALA B 266 1.10 -28.48 -18.40
C ALA B 266 1.33 -29.93 -17.99
N VAL B 267 0.28 -30.74 -18.11
CA VAL B 267 0.41 -32.17 -17.84
C VAL B 267 1.24 -32.86 -18.92
N LEU B 268 1.32 -32.26 -20.11
CA LEU B 268 2.10 -32.79 -21.21
C LEU B 268 3.56 -32.36 -21.16
N ARG B 269 4.01 -31.76 -20.06
CA ARG B 269 5.38 -31.29 -19.95
C ARG B 269 6.37 -32.41 -20.19
N ALA B 270 7.40 -32.13 -20.99
CA ALA B 270 8.43 -33.12 -21.26
C ALA B 270 9.18 -33.46 -19.98
N THR B 271 9.26 -34.75 -19.67
CA THR B 271 9.97 -35.20 -18.49
C THR B 271 11.46 -34.97 -18.65
N SER B 272 12.12 -34.63 -17.54
CA SER B 272 13.55 -34.40 -17.56
C SER B 272 14.28 -35.64 -18.10
N PRO B 273 15.28 -35.46 -18.98
CA PRO B 273 16.01 -36.63 -19.50
C PRO B 273 16.71 -37.43 -18.42
N MET B 274 17.12 -36.79 -17.33
CA MET B 274 17.80 -37.50 -16.25
C MET B 274 16.87 -38.53 -15.60
N HIS B 275 15.65 -38.09 -15.26
CA HIS B 275 14.70 -38.99 -14.63
C HIS B 275 14.26 -40.09 -15.58
N MET B 276 14.15 -39.78 -16.88
CA MET B 276 13.84 -40.81 -17.86
C MET B 276 14.96 -41.84 -17.94
N GLN B 277 16.21 -41.38 -17.80
CA GLN B 277 17.33 -42.32 -17.74
C GLN B 277 17.22 -43.20 -16.51
N TYR B 278 16.75 -42.64 -15.40
CA TYR B 278 16.55 -43.43 -14.18
C TYR B 278 15.50 -44.53 -14.42
N LEU B 279 14.32 -44.13 -14.91
CA LEU B 279 13.25 -45.10 -15.12
C LEU B 279 13.65 -46.16 -16.14
N ARG B 280 14.43 -45.77 -17.16
CA ARG B 280 14.93 -46.77 -18.10
C ARG B 280 15.91 -47.73 -17.41
N ASN B 281 16.71 -47.22 -16.47
CA ASN B 281 17.57 -48.11 -15.70
C ASN B 281 16.78 -49.00 -14.76
N MET B 282 15.51 -48.68 -14.51
CA MET B 282 14.65 -49.55 -13.73
C MET B 282 13.79 -50.48 -14.59
N GLY B 283 13.86 -50.35 -15.91
CA GLY B 283 12.98 -51.12 -16.77
C GLY B 283 11.57 -50.60 -16.80
N VAL B 284 11.35 -49.36 -16.40
CA VAL B 284 10.01 -48.77 -16.31
C VAL B 284 9.74 -48.01 -17.60
N GLY B 285 8.65 -48.39 -18.29
CA GLY B 285 8.28 -47.74 -19.53
C GLY B 285 7.43 -46.50 -19.34
N SER B 286 6.57 -46.51 -18.31
CA SER B 286 5.68 -45.41 -18.03
C SER B 286 5.62 -45.17 -16.53
N SER B 287 5.48 -43.90 -16.14
CA SER B 287 5.41 -43.53 -14.74
C SER B 287 4.34 -42.47 -14.55
N LEU B 288 3.66 -42.53 -13.40
CA LEU B 288 2.68 -41.51 -13.04
C LEU B 288 2.74 -41.28 -11.54
N SER B 289 2.75 -40.02 -11.13
CA SER B 289 2.88 -39.65 -9.73
C SER B 289 1.74 -38.72 -9.34
N VAL B 290 1.07 -39.08 -8.23
CA VAL B 290 0.01 -38.27 -7.62
C VAL B 290 0.52 -37.80 -6.27
N SER B 291 0.56 -36.48 -6.09
CA SER B 291 1.12 -35.91 -4.87
C SER B 291 0.16 -36.03 -3.70
N VAL B 292 0.72 -36.11 -2.50
CA VAL B 292 -0.04 -36.15 -1.26
C VAL B 292 0.39 -34.94 -0.45
N VAL B 293 -0.44 -33.91 -0.41
CA VAL B 293 -0.14 -32.66 0.27
C VAL B 293 -0.99 -32.56 1.53
N VAL B 294 -0.33 -32.33 2.66
CA VAL B 294 -0.98 -32.14 3.95
C VAL B 294 -0.47 -30.84 4.54
N GLY B 295 -1.38 -29.93 4.86
CA GLY B 295 -1.00 -28.67 5.47
C GLY B 295 -0.12 -27.81 4.59
N GLY B 296 -0.21 -27.97 3.28
CA GLY B 296 0.66 -27.26 2.36
C GLY B 296 2.05 -27.85 2.23
N GLN B 297 2.27 -29.06 2.77
CA GLN B 297 3.57 -29.72 2.71
C GLN B 297 3.44 -31.02 1.94
N LEU B 298 4.46 -31.35 1.16
CA LEU B 298 4.46 -32.59 0.39
C LEU B 298 4.78 -33.74 1.34
N TRP B 299 3.72 -34.33 1.89
CA TRP B 299 3.87 -35.40 2.87
C TRP B 299 4.39 -36.68 2.22
N GLY B 300 3.90 -36.98 1.03
CA GLY B 300 4.26 -38.21 0.36
C GLY B 300 3.87 -38.17 -1.10
N LEU B 301 4.04 -39.31 -1.77
CA LEU B 301 3.77 -39.37 -3.20
C LEU B 301 3.33 -40.76 -3.59
N ILE B 302 2.34 -40.84 -4.48
CA ILE B 302 1.87 -42.11 -5.02
C ILE B 302 2.59 -42.31 -6.35
N ALA B 303 3.38 -43.38 -6.44
CA ALA B 303 4.14 -43.66 -7.65
C ALA B 303 3.55 -44.85 -8.38
N CYS B 304 3.62 -44.79 -9.72
CA CYS B 304 3.16 -45.87 -10.58
C CYS B 304 4.25 -46.18 -11.59
N HIS B 305 4.58 -47.46 -11.75
CA HIS B 305 5.59 -47.92 -12.68
C HIS B 305 5.00 -49.02 -13.55
N HIS B 306 5.29 -48.95 -14.85
CA HIS B 306 4.82 -49.92 -15.82
C HIS B 306 5.98 -50.27 -16.76
N GLN B 307 6.13 -51.56 -17.05
CA GLN B 307 7.22 -52.01 -17.89
C GLN B 307 7.06 -51.58 -19.35
N THR B 308 5.83 -51.35 -19.79
CA THR B 308 5.49 -50.95 -21.15
C THR B 308 5.01 -49.50 -21.16
N PRO B 309 5.25 -48.77 -22.24
CA PRO B 309 4.75 -47.38 -22.31
C PRO B 309 3.24 -47.35 -22.18
N TYR B 310 2.76 -46.62 -21.18
CA TYR B 310 1.35 -46.53 -20.85
C TYR B 310 0.90 -45.08 -20.82
N VAL B 311 -0.25 -44.82 -21.43
CA VAL B 311 -0.85 -43.49 -21.46
C VAL B 311 -2.23 -43.63 -20.80
N LEU B 312 -2.37 -43.04 -19.63
CA LEU B 312 -3.64 -43.11 -18.90
C LEU B 312 -4.65 -42.15 -19.51
N PRO B 313 -5.87 -42.58 -19.79
CA PRO B 313 -6.87 -41.67 -20.34
C PRO B 313 -7.20 -40.59 -19.32
N PRO B 314 -7.55 -39.39 -19.80
CA PRO B 314 -7.79 -38.28 -18.85
C PRO B 314 -8.93 -38.50 -17.89
N ASP B 315 -10.03 -39.14 -18.31
CA ASP B 315 -11.17 -39.32 -17.42
C ASP B 315 -10.83 -40.20 -16.22
N LEU B 316 -10.12 -41.30 -16.46
CA LEU B 316 -9.71 -42.19 -15.36
C LEU B 316 -8.62 -41.53 -14.51
N ARG B 317 -7.66 -40.90 -15.17
CA ARG B 317 -6.61 -40.15 -14.47
C ARG B 317 -7.21 -39.13 -13.52
N THR B 318 -8.30 -38.48 -13.93
CA THR B 318 -9.02 -37.57 -13.05
C THR B 318 -9.46 -38.27 -11.78
N THR B 319 -9.95 -39.52 -11.90
CA THR B 319 -10.30 -40.30 -10.72
C THR B 319 -9.09 -40.46 -9.82
N LEU B 320 -7.92 -40.70 -10.41
CA LEU B 320 -6.71 -40.78 -9.60
C LEU B 320 -6.45 -39.48 -8.86
N GLU B 321 -6.69 -38.33 -9.50
CA GLU B 321 -6.52 -37.05 -8.82
C GLU B 321 -7.44 -36.95 -7.61
N TYR B 322 -8.73 -37.26 -7.80
CA TYR B 322 -9.67 -37.34 -6.69
C TYR B 322 -9.08 -38.17 -5.54
N LEU B 323 -8.57 -39.36 -5.87
CA LEU B 323 -7.97 -40.21 -4.85
C LEU B 323 -6.79 -39.52 -4.17
N GLY B 324 -6.06 -38.68 -4.91
CA GLY B 324 -5.00 -37.92 -4.29
C GLY B 324 -5.51 -37.02 -3.18
N ARG B 325 -6.59 -36.30 -3.43
CA ARG B 325 -7.13 -35.41 -2.40
C ARG B 325 -7.64 -36.22 -1.21
N LEU B 326 -8.39 -37.29 -1.49
CA LEU B 326 -8.96 -38.08 -0.40
C LEU B 326 -7.86 -38.69 0.47
N LEU B 327 -6.80 -39.20 -0.15
CA LEU B 327 -5.69 -39.74 0.64
C LEU B 327 -4.99 -38.67 1.44
N SER B 328 -4.89 -37.44 0.92
CA SER B 328 -4.33 -36.37 1.74
C SER B 328 -5.15 -36.16 3.00
N LEU B 329 -6.48 -36.23 2.87
CA LEU B 329 -7.32 -36.03 4.05
C LEU B 329 -7.19 -37.19 5.03
N GLN B 330 -7.19 -38.43 4.51
CA GLN B 330 -7.15 -39.58 5.40
C GLN B 330 -5.81 -39.69 6.10
N VAL B 331 -4.72 -39.32 5.40
CA VAL B 331 -3.41 -39.30 6.03
C VAL B 331 -3.40 -38.28 7.16
N GLN B 332 -4.05 -37.12 6.95
CA GLN B 332 -4.12 -36.12 8.00
C GLN B 332 -4.84 -36.67 9.24
N VAL B 333 -5.97 -37.34 9.02
CA VAL B 333 -6.76 -37.83 10.15
C VAL B 333 -6.02 -38.94 10.88
N LYS B 334 -5.53 -39.94 10.13
CA LYS B 334 -4.87 -41.09 10.75
C LYS B 334 -3.60 -40.67 11.48
N GLU B 335 -2.87 -39.69 10.95
CA GLU B 335 -1.69 -39.22 11.67
C GLU B 335 -2.07 -38.52 12.96
N ALA B 336 -3.12 -37.69 12.94
CA ALA B 336 -3.55 -37.06 14.18
C ALA B 336 -4.00 -38.08 15.21
N ALA B 337 -4.64 -39.15 14.77
CA ALA B 337 -5.11 -40.17 15.70
C ALA B 337 -3.94 -41.01 16.24
N ASP B 338 -2.96 -41.31 15.38
CA ASP B 338 -1.80 -42.07 15.83
C ASP B 338 -0.97 -41.27 16.82
N VAL B 339 -0.79 -39.97 16.58
CA VAL B 339 -0.03 -39.18 17.55
C VAL B 339 -0.82 -39.01 18.84
N ALA B 340 -2.16 -38.96 18.76
CA ALA B 340 -2.95 -38.87 19.98
C ALA B 340 -2.83 -40.14 20.82
N ALA B 341 -2.97 -41.30 20.18
CA ALA B 341 -2.90 -42.56 20.91
C ALA B 341 -1.49 -42.83 21.42
N PHE B 342 -0.47 -42.44 20.64
CA PHE B 342 0.91 -42.59 21.09
C PHE B 342 1.19 -41.71 22.30
N ARG B 343 0.75 -40.45 22.24
CA ARG B 343 0.92 -39.55 23.39
C ARG B 343 0.23 -40.11 24.62
N GLN B 344 -0.99 -40.64 24.45
CA GLN B 344 -1.71 -41.19 25.60
C GLN B 344 -1.00 -42.42 26.16
N SER B 345 -0.48 -43.28 25.29
CA SER B 345 0.27 -44.45 25.75
C SER B 345 1.50 -44.01 26.55
N LEU B 346 2.15 -42.93 26.12
CA LEU B 346 3.29 -42.40 26.85
C LEU B 346 2.87 -41.79 28.18
N ARG B 347 1.65 -41.25 28.26
CA ARG B 347 1.17 -40.71 29.52
C ARG B 347 0.80 -41.82 30.50
N GLU B 348 0.25 -42.93 30.02
CA GLU B 348 -0.05 -44.06 30.91
C GLU B 348 1.24 -44.71 31.41
N HIS B 349 2.21 -44.88 30.52
CA HIS B 349 3.51 -45.39 30.94
C HIS B 349 4.17 -44.44 31.93
N HIS B 350 3.99 -43.14 31.69
CA HIS B 350 4.55 -42.12 32.58
C HIS B 350 3.90 -42.18 33.95
N ALA B 351 2.58 -42.42 34.00
CA ALA B 351 1.92 -42.61 35.28
C ALA B 351 2.47 -43.84 36.00
N ARG B 352 2.74 -44.90 35.23
CA ARG B 352 3.33 -46.10 35.80
C ARG B 352 4.67 -45.79 36.44
N VAL B 353 5.43 -44.86 35.88
CA VAL B 353 6.70 -44.49 36.51
C VAL B 353 6.49 -43.55 37.70
N ALA B 354 5.58 -42.58 37.56
CA ALA B 354 5.39 -41.58 38.62
C ALA B 354 4.90 -42.22 39.91
N LEU B 355 4.05 -43.23 39.81
CA LEU B 355 3.58 -43.89 41.03
C LEU B 355 4.75 -44.54 41.77
N ALA B 356 5.72 -45.07 41.02
CA ALA B 356 6.92 -45.63 41.64
C ALA B 356 7.85 -44.55 42.13
N ALA B 357 7.78 -43.33 41.57
CA ALA B 357 8.61 -42.24 42.05
C ALA B 357 8.07 -41.63 43.34
N ALA B 358 6.78 -41.79 43.62
CA ALA B 358 6.24 -41.29 44.88
C ALA B 358 6.81 -42.07 46.06
N HIS B 359 6.75 -43.39 46.00
CA HIS B 359 7.25 -44.25 47.08
C HIS B 359 8.65 -44.76 46.76
N SER B 360 9.58 -43.83 46.58
CA SER B 360 10.95 -44.19 46.26
C SER B 360 11.87 -44.05 47.47
N PRO B 363 16.81 -44.21 44.19
CA PRO B 363 16.53 -43.81 42.81
C PRO B 363 17.10 -44.79 41.78
N HIS B 364 18.33 -45.24 42.01
CA HIS B 364 18.96 -46.18 41.09
C HIS B 364 18.19 -47.50 41.04
N ASP B 365 17.91 -48.08 42.22
CA ASP B 365 17.22 -49.36 42.29
C ASP B 365 15.78 -49.26 41.80
N THR B 366 15.15 -48.09 41.96
CA THR B 366 13.75 -47.94 41.57
C THR B 366 13.60 -47.91 40.05
N LEU B 367 14.40 -47.09 39.38
CA LEU B 367 14.28 -46.92 37.93
C LEU B 367 14.86 -48.09 37.15
N SER B 368 15.75 -48.88 37.75
CA SER B 368 16.33 -50.03 37.08
C SER B 368 15.37 -51.22 37.02
N ASP B 369 14.16 -51.09 37.55
CA ASP B 369 13.19 -52.17 37.54
C ASP B 369 12.77 -52.50 36.12
N PRO B 370 12.97 -53.74 35.64
CA PRO B 370 12.53 -54.08 34.28
C PRO B 370 11.03 -54.01 34.10
N ALA B 371 10.24 -54.14 35.17
CA ALA B 371 8.80 -54.00 35.05
C ALA B 371 8.39 -52.58 34.70
N LEU B 372 9.18 -51.60 35.15
CA LEU B 372 8.91 -50.21 34.78
C LEU B 372 9.24 -49.96 33.32
N ASP B 373 10.31 -50.57 32.81
CA ASP B 373 10.70 -50.52 31.40
C ASP B 373 10.89 -49.08 30.93
N LEU B 374 11.98 -48.47 31.40
CA LEU B 374 12.35 -47.15 30.92
C LEU B 374 12.91 -47.19 29.50
N LEU B 375 13.37 -48.35 29.06
CA LEU B 375 13.84 -48.48 27.67
C LEU B 375 12.67 -48.41 26.70
N GLY B 376 11.59 -49.13 26.98
CA GLY B 376 10.42 -49.08 26.13
C GLY B 376 9.67 -47.77 26.19
N LEU B 377 9.92 -46.96 27.23
CA LEU B 377 9.28 -45.66 27.33
C LEU B 377 9.72 -44.76 26.19
N MET B 378 11.02 -44.72 25.91
CA MET B 378 11.57 -43.92 24.83
C MET B 378 11.95 -44.77 23.62
N ARG B 379 11.62 -46.06 23.64
CA ARG B 379 11.98 -46.99 22.57
C ARG B 379 13.48 -46.94 22.29
N ALA B 380 14.26 -47.04 23.35
CA ALA B 380 15.71 -46.95 23.29
C ALA B 380 16.35 -48.30 23.59
N GLY B 381 17.60 -48.45 23.16
CA GLY B 381 18.33 -49.67 23.39
C GLY B 381 19.23 -49.63 24.62
N GLY B 382 19.61 -48.42 25.04
CA GLY B 382 20.47 -48.28 26.21
C GLY B 382 19.99 -47.17 27.11
N LEU B 383 20.39 -47.27 28.37
CA LEU B 383 19.98 -46.30 29.37
C LEU B 383 21.10 -46.08 30.39
N ILE B 384 21.35 -44.82 30.71
CA ILE B 384 22.36 -44.40 31.68
C ILE B 384 21.67 -43.58 32.76
N LEU B 385 21.84 -43.98 34.01
CA LEU B 385 21.21 -43.33 35.16
C LEU B 385 22.29 -42.82 36.09
N ARG B 386 22.41 -41.49 36.21
CA ARG B 386 23.44 -40.87 37.04
C ARG B 386 22.77 -40.23 38.25
N PHE B 387 23.02 -40.79 39.44
CA PHE B 387 22.48 -40.29 40.69
C PHE B 387 23.47 -40.56 41.81
N GLU B 388 23.46 -39.67 42.81
CA GLU B 388 24.24 -39.85 44.05
C GLU B 388 25.72 -40.13 43.77
N GLY B 389 26.25 -39.56 42.69
CA GLY B 389 27.66 -39.72 42.39
C GLY B 389 28.03 -41.00 41.68
N ARG B 390 27.05 -41.83 41.33
CA ARG B 390 27.28 -43.09 40.65
C ARG B 390 26.37 -43.18 39.42
N TRP B 391 26.79 -44.01 38.47
CA TRP B 391 26.05 -44.20 37.23
C TRP B 391 25.83 -45.68 36.99
N GLN B 392 24.62 -46.02 36.55
CA GLN B 392 24.26 -47.39 36.21
C GLN B 392 23.78 -47.43 34.76
N THR B 393 23.84 -48.61 34.16
CA THR B 393 23.44 -48.78 32.77
C THR B 393 22.47 -49.95 32.63
N LEU B 394 21.67 -49.89 31.56
CA LEU B 394 20.72 -50.94 31.22
C LEU B 394 20.67 -51.09 29.71
N GLY B 395 20.87 -52.31 29.22
CA GLY B 395 20.82 -52.59 27.80
C GLY B 395 22.15 -52.35 27.10
N GLU B 396 22.07 -52.20 25.79
CA GLU B 396 23.26 -51.98 24.96
C GLU B 396 23.83 -50.59 25.24
N VAL B 397 24.95 -50.54 25.95
CA VAL B 397 25.59 -49.29 26.34
C VAL B 397 27.09 -49.41 26.11
N PRO B 398 27.74 -48.40 25.53
CA PRO B 398 29.20 -48.44 25.30
C PRO B 398 29.97 -48.71 26.58
N PRO B 399 31.23 -49.16 26.47
CA PRO B 399 32.04 -49.48 27.66
C PRO B 399 32.09 -48.38 28.70
N ALA B 400 32.44 -48.76 29.93
CA ALA B 400 32.46 -47.83 31.06
C ALA B 400 33.28 -46.56 30.82
N PRO B 401 34.53 -46.62 30.34
CA PRO B 401 35.25 -45.35 30.11
C PRO B 401 34.57 -44.47 29.09
N ALA B 402 33.97 -45.07 28.06
CA ALA B 402 33.21 -44.29 27.09
C ALA B 402 31.99 -43.65 27.74
N VAL B 403 31.39 -44.35 28.71
CA VAL B 403 30.26 -43.76 29.44
C VAL B 403 30.72 -42.55 30.24
N ASP B 404 31.86 -42.67 30.92
CA ASP B 404 32.39 -41.54 31.67
C ASP B 404 32.67 -40.35 30.77
N ALA B 405 33.24 -40.61 29.58
CA ALA B 405 33.48 -39.52 28.64
C ALA B 405 32.18 -38.89 28.16
N LEU B 406 31.15 -39.72 27.96
CA LEU B 406 29.87 -39.20 27.48
C LEU B 406 29.21 -38.33 28.54
N LEU B 407 29.25 -38.76 29.81
CA LEU B 407 28.66 -37.95 30.87
C LEU B 407 29.44 -36.66 31.07
N ALA B 408 30.78 -36.73 30.97
CA ALA B 408 31.59 -35.52 31.08
C ALA B 408 31.23 -34.53 29.99
N TRP B 409 31.01 -35.00 28.76
CA TRP B 409 30.54 -34.11 27.70
C TRP B 409 29.15 -33.59 27.98
N LEU B 410 28.28 -34.41 28.58
CA LEU B 410 26.93 -33.97 28.87
C LEU B 410 26.89 -32.84 29.89
N GLU B 411 27.84 -32.82 30.83
CA GLU B 411 27.89 -31.72 31.79
C GLU B 411 28.25 -30.39 31.13
N THR B 412 29.06 -30.43 30.06
CA THR B 412 29.42 -29.19 29.37
C THR B 412 28.23 -28.56 28.64
N GLN B 413 27.34 -29.38 28.11
CA GLN B 413 26.22 -28.86 27.34
C GLN B 413 25.26 -28.08 28.23
N PRO B 414 24.80 -26.91 27.81
CA PRO B 414 23.86 -26.12 28.60
C PRO B 414 22.44 -26.67 28.46
N GLY B 415 21.51 -25.99 29.13
CA GLY B 415 20.12 -26.41 29.11
C GLY B 415 19.89 -27.65 29.95
N ALA B 416 18.62 -28.03 30.05
CA ALA B 416 18.22 -29.21 30.80
C ALA B 416 17.95 -30.42 29.92
N LEU B 417 17.82 -30.23 28.61
CA LEU B 417 17.49 -31.31 27.69
C LEU B 417 18.48 -31.33 26.53
N VAL B 418 18.94 -32.53 26.17
CA VAL B 418 19.84 -32.73 25.04
C VAL B 418 19.25 -33.81 24.15
N GLN B 419 19.23 -33.55 22.84
CA GLN B 419 18.66 -34.49 21.89
C GLN B 419 19.48 -34.48 20.61
N THR B 420 19.70 -35.67 20.04
CA THR B 420 20.39 -35.73 18.76
C THR B 420 20.10 -37.06 18.07
N ASP B 421 19.95 -36.99 16.74
CA ASP B 421 19.76 -38.18 15.91
C ASP B 421 21.07 -38.91 15.66
N ALA B 422 22.16 -38.17 15.54
CA ALA B 422 23.49 -38.74 15.35
C ALA B 422 24.44 -38.05 16.32
N LEU B 423 24.91 -38.80 17.32
CA LEU B 423 25.81 -38.24 18.32
C LEU B 423 27.17 -37.88 17.75
N GLY B 424 27.54 -38.48 16.62
CA GLY B 424 28.83 -38.16 16.01
C GLY B 424 28.94 -36.71 15.56
N GLN B 425 27.83 -36.11 15.13
CA GLN B 425 27.88 -34.72 14.67
C GLN B 425 28.01 -33.76 15.85
N LEU B 426 27.21 -33.95 16.90
CA LEU B 426 27.25 -33.05 18.05
C LEU B 426 28.47 -33.29 18.92
N TRP B 427 28.95 -34.53 19.00
CA TRP B 427 30.12 -34.88 19.80
C TRP B 427 31.10 -35.65 18.92
N PRO B 428 32.19 -35.01 18.47
CA PRO B 428 33.12 -35.70 17.56
C PRO B 428 33.77 -36.93 18.18
N ALA B 429 34.26 -36.82 19.42
CA ALA B 429 34.94 -37.95 20.04
C ALA B 429 34.00 -39.11 20.32
N GLY B 430 32.69 -38.90 20.22
CA GLY B 430 31.71 -39.95 20.33
C GLY B 430 31.34 -40.59 19.02
N ALA B 431 32.09 -40.30 17.95
CA ALA B 431 31.81 -40.92 16.65
C ALA B 431 32.12 -42.40 16.67
N ASP B 432 33.11 -42.82 17.46
CA ASP B 432 33.48 -44.23 17.48
C ASP B 432 32.43 -45.08 18.20
N LEU B 433 31.73 -44.51 19.18
CA LEU B 433 30.68 -45.21 19.90
C LEU B 433 29.32 -45.07 19.24
N ALA B 434 29.29 -44.63 17.97
CA ALA B 434 28.02 -44.48 17.27
C ALA B 434 27.23 -45.77 17.11
N PRO B 435 27.82 -46.92 16.74
CA PRO B 435 26.99 -48.13 16.57
C PRO B 435 26.32 -48.58 17.86
N SER B 436 26.92 -48.32 19.00
CA SER B 436 26.30 -48.65 20.28
C SER B 436 25.37 -47.54 20.77
N ALA B 437 25.66 -46.29 20.41
CA ALA B 437 24.84 -45.15 20.84
C ALA B 437 24.97 -44.07 19.77
N ALA B 438 24.07 -44.10 18.79
CA ALA B 438 24.02 -43.07 17.77
C ALA B 438 23.04 -41.96 18.13
N GLY B 439 21.88 -42.31 18.64
CA GLY B 439 20.89 -41.33 19.07
C GLY B 439 20.97 -41.11 20.57
N LEU B 440 20.80 -39.85 21.00
CA LEU B 440 20.92 -39.54 22.42
C LEU B 440 19.80 -38.62 22.86
N LEU B 441 19.25 -38.92 24.05
CA LEU B 441 18.20 -38.09 24.66
C LEU B 441 18.45 -38.04 26.17
N ALA B 442 19.00 -36.92 26.65
CA ALA B 442 19.40 -36.78 28.04
C ALA B 442 18.63 -35.65 28.72
N ILE B 443 18.28 -35.88 29.99
CA ILE B 443 17.60 -34.89 30.82
C ILE B 443 18.35 -34.75 32.13
N SER B 444 18.25 -33.57 32.74
CA SER B 444 18.93 -33.27 34.00
C SER B 444 17.89 -33.15 35.11
N VAL B 445 17.98 -34.04 36.10
CA VAL B 445 17.04 -34.01 37.22
C VAL B 445 17.24 -32.75 38.04
N GLY B 446 18.46 -32.51 38.51
CA GLY B 446 18.80 -31.31 39.24
C GLY B 446 19.48 -30.30 38.35
N GLU B 447 19.54 -29.06 38.82
CA GLU B 447 20.21 -28.01 38.05
C GLU B 447 21.68 -28.38 37.86
N GLY B 448 22.16 -28.17 36.63
CA GLY B 448 23.45 -28.71 36.25
C GLY B 448 23.27 -30.08 35.63
N TRP B 449 24.28 -30.95 35.74
CA TRP B 449 24.17 -32.31 35.23
C TRP B 449 24.68 -33.34 36.24
N SER B 450 24.65 -32.99 37.53
CA SER B 450 25.06 -33.94 38.57
C SER B 450 24.17 -35.18 38.59
N GLU B 451 22.87 -34.99 38.44
CA GLU B 451 21.91 -36.09 38.38
C GLU B 451 21.20 -36.02 37.04
N CYS B 452 21.31 -37.08 36.24
CA CYS B 452 20.76 -37.03 34.90
C CYS B 452 20.32 -38.43 34.45
N LEU B 453 19.55 -38.45 33.37
CA LEU B 453 19.01 -39.67 32.77
C LEU B 453 19.22 -39.60 31.26
N VAL B 454 19.91 -40.58 30.72
CA VAL B 454 20.34 -40.58 29.32
C VAL B 454 19.78 -41.80 28.61
N TRP B 455 19.09 -41.58 27.49
CA TRP B 455 18.64 -42.66 26.62
C TRP B 455 19.53 -42.73 25.38
N LEU B 456 19.85 -43.96 24.97
CA LEU B 456 20.80 -44.21 23.89
C LEU B 456 20.16 -45.14 22.86
N ARG B 457 20.37 -44.82 21.58
CA ARG B 457 19.82 -45.62 20.49
C ARG B 457 20.92 -46.07 19.54
N PRO B 458 20.92 -47.34 19.13
CA PRO B 458 21.97 -47.86 18.26
C PRO B 458 21.90 -47.26 16.86
N GLU B 459 22.97 -47.52 16.10
CA GLU B 459 23.07 -47.04 14.73
C GLU B 459 21.96 -47.63 13.85
N LEU B 460 21.39 -46.78 13.00
CA LEU B 460 20.32 -47.19 12.10
C LEU B 460 20.82 -48.27 11.14
N ARG B 461 20.31 -49.48 11.26
CA ARG B 461 20.73 -50.61 10.45
C ARG B 461 19.53 -51.15 9.69
N LEU B 462 19.69 -51.31 8.37
CA LEU B 462 18.63 -51.83 7.52
C LEU B 462 19.24 -52.79 6.51
N GLU B 463 18.37 -53.50 5.79
CA GLU B 463 18.79 -54.45 4.77
C GLU B 463 18.12 -54.10 3.44
N VAL B 464 18.74 -54.58 2.36
CA VAL B 464 18.26 -54.27 1.02
C VAL B 464 16.85 -54.83 0.82
N ALA B 465 16.02 -54.09 0.08
CA ALA B 465 14.65 -54.51 -0.13
C ALA B 465 14.58 -55.76 -1.01
N TRP B 466 15.54 -55.92 -1.91
CA TRP B 466 15.56 -57.09 -2.77
C TRP B 466 16.65 -58.06 -2.34
N LYS B 475 24.29 -52.40 -10.51
CA LYS B 475 25.10 -51.54 -11.37
C LYS B 475 25.57 -50.31 -10.60
N ASP B 476 26.80 -49.87 -10.88
CA ASP B 476 27.34 -48.69 -10.21
C ASP B 476 26.69 -47.41 -10.71
N ASP B 477 26.04 -47.44 -11.87
CA ASP B 477 25.37 -46.27 -12.40
C ASP B 477 24.13 -45.94 -11.57
N LEU B 478 23.53 -44.79 -11.85
CA LEU B 478 22.39 -44.32 -11.08
C LEU B 478 21.20 -45.26 -11.23
N GLY B 479 20.55 -45.56 -10.12
CA GLY B 479 19.44 -46.48 -10.08
C GLY B 479 19.01 -46.80 -8.67
N PRO B 480 18.07 -47.73 -8.50
CA PRO B 480 17.62 -48.08 -7.15
C PRO B 480 18.70 -48.70 -6.28
N ARG B 481 19.53 -49.59 -6.84
CA ARG B 481 20.65 -50.17 -6.10
C ARG B 481 21.58 -49.07 -5.59
N HIS B 482 22.07 -48.24 -6.52
CA HIS B 482 22.91 -47.09 -6.16
C HIS B 482 22.22 -46.21 -5.12
N SER B 483 20.92 -46.02 -5.27
CA SER B 483 20.19 -45.14 -4.36
C SER B 483 20.17 -45.70 -2.94
N TRP B 484 19.91 -47.01 -2.79
CA TRP B 484 19.94 -47.60 -1.47
C TRP B 484 21.33 -47.53 -0.85
N ASP B 485 22.36 -47.81 -1.65
CA ASP B 485 23.72 -47.76 -1.13
C ASP B 485 24.08 -46.36 -0.64
N THR B 486 23.76 -45.34 -1.45
CA THR B 486 24.09 -43.98 -1.04
C THR B 486 23.19 -43.49 0.08
N TYR B 487 22.00 -44.06 0.23
CA TYR B 487 21.16 -43.72 1.37
C TYR B 487 21.79 -44.21 2.67
N LEU B 488 22.27 -45.47 2.68
CA LEU B 488 22.94 -45.95 3.87
C LEU B 488 24.25 -45.22 4.13
N GLU B 489 24.95 -44.81 3.07
CA GLU B 489 26.19 -44.06 3.28
C GLU B 489 25.91 -42.67 3.83
N GLU B 490 24.80 -42.04 3.43
CA GLU B 490 24.50 -40.70 3.91
C GLU B 490 23.98 -40.69 5.33
N LYS B 491 23.37 -41.78 5.79
CA LYS B 491 22.87 -41.89 7.16
C LYS B 491 23.82 -42.67 8.06
N ARG B 492 25.09 -42.76 7.68
CA ARG B 492 26.08 -43.43 8.51
C ARG B 492 26.28 -42.64 9.80
N GLY B 493 26.18 -43.33 10.93
CA GLY B 493 26.27 -42.70 12.23
C GLY B 493 24.96 -42.21 12.79
N TYR B 494 23.91 -42.13 11.97
CA TYR B 494 22.59 -41.71 12.43
C TYR B 494 21.83 -42.87 13.05
N ALA B 495 20.74 -42.53 13.73
CA ALA B 495 19.86 -43.51 14.37
C ALA B 495 18.42 -43.09 14.10
N GLU B 496 17.49 -43.89 14.59
CA GLU B 496 16.07 -43.58 14.44
C GLU B 496 15.77 -42.27 15.16
N PRO B 497 15.19 -41.28 14.48
CA PRO B 497 14.97 -39.97 15.12
C PRO B 497 14.00 -40.06 16.29
N TRP B 498 14.20 -39.15 17.25
CA TRP B 498 13.37 -39.09 18.44
C TRP B 498 12.02 -38.47 18.10
N HIS B 499 10.94 -39.20 18.38
CA HIS B 499 9.61 -38.69 18.12
C HIS B 499 9.35 -37.47 19.00
N PRO B 500 8.72 -36.42 18.46
CA PRO B 500 8.49 -35.21 19.27
C PRO B 500 7.73 -35.44 20.56
N GLY B 501 6.82 -36.41 20.57
CA GLY B 501 6.11 -36.73 21.80
C GLY B 501 7.02 -37.31 22.86
N GLU B 502 8.07 -38.03 22.43
CA GLU B 502 9.05 -38.54 23.38
C GLU B 502 9.88 -37.42 23.96
N ILE B 503 10.11 -36.35 23.20
CA ILE B 503 10.85 -35.20 23.72
C ILE B 503 10.00 -34.43 24.74
N GLU B 504 8.76 -34.11 24.35
CA GLU B 504 7.85 -33.46 25.30
C GLU B 504 7.70 -34.28 26.57
N GLU B 505 7.52 -35.60 26.42
CA GLU B 505 7.39 -36.47 27.58
C GLU B 505 8.69 -36.53 28.37
N ALA B 506 9.83 -36.34 27.71
CA ALA B 506 11.10 -36.30 28.43
C ALA B 506 11.17 -35.10 29.36
N GLN B 507 10.79 -33.92 28.87
CA GLN B 507 10.82 -32.74 29.73
C GLN B 507 9.75 -32.83 30.83
N ASP B 508 8.59 -33.39 30.48
CA ASP B 508 7.54 -33.59 31.48
C ASP B 508 7.97 -34.55 32.57
N LEU B 509 8.80 -35.55 32.22
CA LEU B 509 9.31 -36.48 33.22
C LEU B 509 10.39 -35.83 34.07
N ARG B 510 11.22 -34.97 33.45
CA ARG B 510 12.25 -34.26 34.20
C ARG B 510 11.64 -33.40 35.29
N ASP B 511 10.55 -32.68 34.97
CA ASP B 511 9.93 -31.84 35.99
C ASP B 511 9.34 -32.64 37.14
N THR B 512 8.87 -33.86 36.87
CA THR B 512 8.33 -34.70 37.94
C THR B 512 9.44 -35.23 38.84
N LEU B 513 10.50 -35.77 38.24
CA LEU B 513 11.57 -36.36 39.05
C LEU B 513 12.36 -35.29 39.80
N THR B 514 12.33 -34.04 39.34
CA THR B 514 12.99 -32.99 40.10
C THR B 514 12.36 -32.85 41.48
N GLY B 515 11.03 -32.84 41.53
CA GLY B 515 10.32 -32.71 42.79
C GLY B 515 10.12 -33.98 43.58
N ALA B 516 10.35 -35.16 42.97
CA ALA B 516 10.15 -36.39 43.73
C ALA B 516 11.27 -36.69 44.72
N LEU B 517 12.45 -36.10 44.56
CA LEU B 517 13.56 -36.36 45.49
C LEU B 517 13.47 -35.50 46.74
N PRO C 22 11.40 16.92 23.44
CA PRO C 22 10.10 16.75 24.08
C PRO C 22 9.55 18.06 24.65
N PHE C 23 8.23 18.16 24.78
CA PHE C 23 7.57 19.35 25.27
C PHE C 23 7.09 19.13 26.70
N PHE C 24 7.16 20.19 27.50
CA PHE C 24 6.62 20.12 28.86
C PHE C 24 5.09 20.17 28.82
N PRO C 25 4.43 19.57 29.81
CA PRO C 25 2.98 19.68 29.90
C PRO C 25 2.56 21.12 30.16
N PRO C 26 1.39 21.53 29.68
CA PRO C 26 0.92 22.90 29.94
C PRO C 26 0.71 23.16 31.43
N LEU C 27 0.63 24.45 31.76
CA LEU C 27 0.56 24.85 33.16
C LEU C 27 -0.69 24.31 33.85
N TYR C 28 -1.77 24.11 33.11
CA TYR C 28 -3.03 23.65 33.68
C TYR C 28 -3.11 22.13 33.80
N LEU C 29 -2.02 21.41 33.52
CA LEU C 29 -1.97 19.97 33.63
C LEU C 29 -0.76 19.53 34.43
N GLY C 30 -0.48 20.22 35.53
CA GLY C 30 0.67 19.89 36.35
C GLY C 30 2.01 20.19 35.70
N GLY C 31 2.04 21.13 34.76
CA GLY C 31 3.26 21.47 34.07
C GLY C 31 4.16 22.38 34.89
N PRO C 32 5.47 22.23 34.71
CA PRO C 32 6.42 23.09 35.43
C PRO C 32 6.34 24.53 34.97
N GLU C 33 6.69 25.44 35.87
CA GLU C 33 6.68 26.86 35.56
C GLU C 33 7.71 27.19 34.48
N ILE C 34 7.30 27.99 33.50
CA ILE C 34 8.14 28.35 32.37
C ILE C 34 9.16 29.40 32.80
N THR C 35 10.44 29.07 32.69
CA THR C 35 11.53 29.96 33.02
C THR C 35 12.39 30.20 31.79
N THR C 36 13.41 31.05 31.93
CA THR C 36 14.29 31.35 30.82
C THR C 36 15.17 30.17 30.43
N GLU C 37 15.30 29.17 31.32
CA GLU C 37 16.13 28.01 31.03
C GLU C 37 15.37 26.90 30.31
N ASN C 38 14.08 26.75 30.59
CA ASN C 38 13.26 25.72 29.95
C ASN C 38 12.14 26.34 29.12
N CYS C 39 12.42 27.48 28.50
CA CYS C 39 11.44 28.16 27.67
C CYS C 39 11.29 27.52 26.30
N GLU C 40 12.26 26.71 25.87
CA GLU C 40 12.19 26.07 24.57
C GLU C 40 11.07 25.04 24.50
N ARG C 41 10.78 24.38 25.62
CA ARG C 41 9.81 23.29 25.66
C ARG C 41 8.43 23.75 26.12
N GLU C 42 8.13 25.04 26.01
CA GLU C 42 6.85 25.55 26.45
C GLU C 42 5.80 25.26 25.38
N PRO C 43 4.72 24.54 25.69
CA PRO C 43 3.67 24.31 24.68
C PRO C 43 2.86 25.56 24.41
N ILE C 44 3.44 26.49 23.65
CA ILE C 44 2.76 27.74 23.33
C ILE C 44 1.58 27.54 22.39
N HIS C 45 1.47 26.37 21.77
CA HIS C 45 0.37 26.10 20.86
C HIS C 45 -0.91 25.71 21.60
N ILE C 46 -0.79 25.29 22.85
CA ILE C 46 -1.95 24.90 23.65
C ILE C 46 -1.91 25.65 24.99
N PRO C 47 -2.05 26.98 25.00
CA PRO C 47 -2.08 27.69 26.28
C PRO C 47 -3.37 27.50 27.05
N GLY C 48 -4.40 26.94 26.42
CA GLY C 48 -5.69 26.79 27.07
C GLY C 48 -6.39 28.10 27.34
N SER C 49 -5.95 29.17 26.68
CA SER C 49 -6.52 30.50 26.90
C SER C 49 -6.33 31.34 25.65
N ILE C 50 -7.10 32.42 25.56
CA ILE C 50 -7.05 33.32 24.42
C ILE C 50 -6.76 34.73 24.93
N GLN C 51 -6.55 35.65 23.98
CA GLN C 51 -6.36 37.05 24.33
C GLN C 51 -7.71 37.71 24.60
N PRO C 52 -7.76 38.65 25.56
CA PRO C 52 -9.06 39.19 26.00
C PRO C 52 -9.72 40.15 25.03
N HIS C 53 -9.15 40.41 23.85
CA HIS C 53 -9.75 41.34 22.90
C HIS C 53 -10.71 40.66 21.93
N GLY C 54 -11.09 39.41 22.20
CA GLY C 54 -12.01 38.70 21.34
C GLY C 54 -12.65 37.55 22.07
N ALA C 55 -13.42 36.76 21.32
CA ALA C 55 -14.11 35.60 21.88
C ALA C 55 -13.87 34.38 21.01
N LEU C 56 -13.82 33.21 21.63
CA LEU C 56 -13.50 31.97 20.93
C LEU C 56 -14.52 30.89 21.27
N LEU C 57 -14.92 30.13 20.24
CA LEU C 57 -15.86 29.02 20.41
C LEU C 57 -15.31 27.79 19.69
N THR C 58 -15.66 26.62 20.20
CA THR C 58 -15.31 25.35 19.55
C THR C 58 -16.57 24.52 19.36
N ALA C 59 -16.73 23.94 18.18
CA ALA C 59 -17.88 23.11 17.88
C ALA C 59 -17.45 21.85 17.15
N ASP C 60 -18.32 20.84 17.18
CA ASP C 60 -18.07 19.58 16.49
C ASP C 60 -18.12 19.79 14.97
N GLY C 61 -17.22 19.10 14.26
CA GLY C 61 -17.14 19.25 12.82
C GLY C 61 -18.33 18.72 12.05
N HIS C 62 -19.07 17.77 12.63
CA HIS C 62 -20.23 17.18 11.97
C HIS C 62 -21.54 17.77 12.46
N SER C 63 -21.77 17.73 13.78
CA SER C 63 -23.03 18.21 14.32
C SER C 63 -23.05 19.73 14.44
N GLY C 64 -21.99 20.32 14.99
CA GLY C 64 -21.96 21.73 15.26
C GLY C 64 -22.24 22.11 16.69
N GLU C 65 -22.26 21.14 17.60
CA GLU C 65 -22.54 21.41 19.01
C GLU C 65 -21.39 22.19 19.64
N VAL C 66 -21.70 23.35 20.21
CA VAL C 66 -20.70 24.17 20.87
C VAL C 66 -20.19 23.43 22.11
N LEU C 67 -18.87 23.24 22.18
CA LEU C 67 -18.26 22.53 23.30
C LEU C 67 -17.55 23.51 24.24
N GLN C 68 -16.35 23.91 23.89
CA GLN C 68 -15.58 24.83 24.71
C GLN C 68 -16.00 26.28 24.44
N MET C 69 -15.75 27.13 25.42
CA MET C 69 -16.10 28.55 25.34
C MET C 69 -15.07 29.36 26.09
N SER C 70 -14.82 30.56 25.57
CA SER C 70 -14.00 31.53 26.30
C SER C 70 -14.86 32.25 27.33
N LEU C 71 -14.24 32.61 28.46
CA LEU C 71 -14.99 33.19 29.56
C LEU C 71 -15.63 34.52 29.20
N ASN C 72 -15.14 35.19 28.16
CA ASN C 72 -15.69 36.46 27.70
C ASN C 72 -16.70 36.30 26.58
N ALA C 73 -16.91 35.09 26.07
CA ALA C 73 -17.85 34.91 24.95
C ALA C 73 -19.27 35.25 25.34
N ALA C 74 -19.65 35.02 26.61
CA ALA C 74 -21.00 35.36 27.06
C ALA C 74 -21.24 36.86 26.97
N THR C 75 -20.28 37.66 27.44
CA THR C 75 -20.43 39.11 27.38
C THR C 75 -20.25 39.62 25.95
N PHE C 76 -19.31 39.03 25.21
CA PHE C 76 -18.98 39.52 23.87
C PHE C 76 -20.11 39.28 22.89
N LEU C 77 -20.59 38.05 22.80
CA LEU C 77 -21.59 37.72 21.78
C LEU C 77 -22.96 38.33 22.06
N GLY C 78 -23.25 38.65 23.33
CA GLY C 78 -24.54 39.20 23.67
C GLY C 78 -25.61 38.17 23.94
N GLN C 79 -25.24 36.89 24.06
CA GLN C 79 -26.19 35.81 24.30
C GLN C 79 -25.79 35.10 25.59
N GLU C 80 -26.78 34.51 26.25
CA GLU C 80 -26.57 33.90 27.55
C GLU C 80 -25.55 32.77 27.48
N PRO C 81 -24.72 32.60 28.51
CA PRO C 81 -23.70 31.55 28.47
C PRO C 81 -24.27 30.15 28.57
N THR C 82 -25.35 29.96 29.34
CA THR C 82 -25.95 28.63 29.46
C THR C 82 -26.55 28.18 28.14
N VAL C 83 -27.18 29.11 27.40
CA VAL C 83 -27.78 28.77 26.12
C VAL C 83 -26.71 28.39 25.11
N LEU C 84 -25.55 29.06 25.17
CA LEU C 84 -24.49 28.81 24.19
C LEU C 84 -23.98 27.38 24.26
N ARG C 85 -23.81 26.84 25.47
CA ARG C 85 -23.35 25.47 25.61
C ARG C 85 -24.45 24.50 25.21
N GLY C 86 -24.06 23.38 24.60
CA GLY C 86 -25.03 22.41 24.14
C GLY C 86 -25.93 22.90 23.03
N GLN C 87 -25.51 23.92 22.28
CA GLN C 87 -26.32 24.49 21.22
C GLN C 87 -25.60 24.38 19.88
N THR C 88 -26.32 23.91 18.87
CA THR C 88 -25.76 23.76 17.54
C THR C 88 -25.46 25.13 16.93
N LEU C 89 -24.44 25.17 16.09
CA LEU C 89 -24.12 26.41 15.38
C LEU C 89 -25.22 26.83 14.42
N ALA C 90 -26.04 25.88 13.96
CA ALA C 90 -27.17 26.22 13.09
C ALA C 90 -28.19 27.09 13.82
N ALA C 91 -28.29 26.94 15.14
CA ALA C 91 -29.19 27.78 15.92
C ALA C 91 -28.58 29.16 16.16
N LEU C 92 -27.27 29.22 16.38
CA LEU C 92 -26.62 30.50 16.62
C LEU C 92 -26.50 31.31 15.34
N LEU C 93 -25.93 30.71 14.29
CA LEU C 93 -25.69 31.38 13.01
C LEU C 93 -26.31 30.55 11.90
N PRO C 94 -27.63 30.65 11.72
CA PRO C 94 -28.27 29.91 10.63
C PRO C 94 -27.85 30.42 9.26
N GLU C 95 -27.33 31.64 9.18
CA GLU C 95 -26.93 32.22 7.90
C GLU C 95 -25.51 31.79 7.51
N GLN C 96 -24.64 31.53 8.49
CA GLN C 96 -23.24 31.24 8.19
C GLN C 96 -22.88 29.77 8.34
N TRP C 97 -23.68 28.99 9.07
CA TRP C 97 -23.35 27.58 9.32
C TRP C 97 -23.20 26.76 8.04
N PRO C 98 -24.13 26.82 7.06
CA PRO C 98 -23.92 25.99 5.85
C PRO C 98 -22.71 26.42 5.05
N ALA C 99 -22.52 27.72 4.89
CA ALA C 99 -21.32 28.21 4.20
C ALA C 99 -20.08 27.91 5.01
N LEU C 100 -20.22 27.81 6.33
CA LEU C 100 -19.08 27.44 7.17
C LEU C 100 -18.63 26.01 6.88
N GLN C 101 -19.58 25.07 6.82
CA GLN C 101 -19.21 23.70 6.48
C GLN C 101 -18.73 23.59 5.04
N ALA C 102 -19.24 24.43 4.14
CA ALA C 102 -18.77 24.39 2.76
C ALA C 102 -17.33 24.89 2.65
N ALA C 103 -16.99 25.95 3.38
CA ALA C 103 -15.66 26.53 3.29
C ALA C 103 -14.60 25.68 3.98
N LEU C 104 -14.97 24.92 5.01
CA LEU C 104 -14.04 24.12 5.80
C LEU C 104 -14.44 22.65 5.73
N PRO C 105 -14.03 21.95 4.67
CA PRO C 105 -14.36 20.53 4.57
C PRO C 105 -13.52 19.71 5.54
N PRO C 106 -14.01 18.54 5.96
CA PRO C 106 -13.22 17.70 6.87
C PRO C 106 -11.92 17.23 6.23
N GLY C 107 -10.84 17.31 7.00
CA GLY C 107 -9.52 16.95 6.52
C GLY C 107 -8.68 18.11 6.05
N CYS C 108 -9.26 19.32 5.97
CA CYS C 108 -8.52 20.48 5.51
C CYS C 108 -7.45 20.88 6.54
N PRO C 109 -6.35 21.48 6.08
CA PRO C 109 -5.32 21.93 7.01
C PRO C 109 -5.84 23.01 7.94
N ASP C 110 -5.26 23.05 9.14
CA ASP C 110 -5.67 24.03 10.15
C ASP C 110 -5.33 25.47 9.73
N ALA C 111 -4.42 25.64 8.78
CA ALA C 111 -4.10 26.97 8.29
C ALA C 111 -5.26 27.61 7.52
N LEU C 112 -6.12 26.80 6.93
CA LEU C 112 -7.25 27.31 6.16
C LEU C 112 -8.22 28.08 7.04
N GLN C 113 -8.37 29.38 6.77
CA GLN C 113 -9.25 30.25 7.53
C GLN C 113 -10.38 30.78 6.67
N TYR C 114 -11.57 30.88 7.25
CA TYR C 114 -12.74 31.45 6.61
C TYR C 114 -13.22 32.64 7.44
N ARG C 115 -13.45 33.77 6.78
CA ARG C 115 -13.83 35.01 7.47
C ARG C 115 -15.13 35.55 6.89
N ALA C 116 -16.00 36.05 7.79
CA ALA C 116 -17.28 36.60 7.39
C ALA C 116 -17.71 37.67 8.38
N THR C 117 -18.67 38.50 7.96
CA THR C 117 -19.19 39.59 8.76
C THR C 117 -20.57 39.26 9.30
N LEU C 118 -20.77 39.54 10.58
CA LEU C 118 -22.02 39.28 11.30
C LEU C 118 -22.62 40.60 11.77
N ASP C 119 -23.94 40.61 11.91
CA ASP C 119 -24.70 41.75 12.42
C ASP C 119 -25.52 41.31 13.62
N TRP C 120 -25.17 41.84 14.79
CA TRP C 120 -25.90 41.51 16.02
C TRP C 120 -26.62 42.73 16.59
N ALA C 123 -24.54 42.86 20.01
CA ALA C 123 -25.47 43.95 19.76
C ALA C 123 -24.99 44.81 18.59
N GLY C 124 -23.84 44.46 18.03
CA GLY C 124 -23.28 45.21 16.93
C GLY C 124 -22.62 44.35 15.87
N HIS C 125 -21.76 44.95 15.05
CA HIS C 125 -21.09 44.23 13.98
C HIS C 125 -19.97 43.36 14.54
N LEU C 126 -19.87 42.14 14.04
CA LEU C 126 -18.84 41.20 14.48
C LEU C 126 -18.12 40.61 13.27
N SER C 127 -16.85 40.29 13.49
CA SER C 127 -16.00 39.64 12.51
C SER C 127 -15.73 38.21 12.96
N LEU C 128 -16.17 37.25 12.15
CA LEU C 128 -16.00 35.84 12.44
C LEU C 128 -14.85 35.28 11.61
N THR C 129 -13.92 34.59 12.28
CA THR C 129 -12.79 33.93 11.62
C THR C 129 -12.69 32.52 12.17
N VAL C 130 -13.04 31.54 11.35
CA VAL C 130 -13.14 30.15 11.77
C VAL C 130 -12.15 29.32 10.97
N HIS C 131 -11.48 28.39 11.67
CA HIS C 131 -10.63 27.42 11.01
C HIS C 131 -10.89 26.05 11.60
N ARG C 132 -10.66 25.02 10.80
CA ARG C 132 -10.96 23.64 11.17
C ARG C 132 -9.66 22.89 11.43
N VAL C 133 -9.53 22.35 12.64
CA VAL C 133 -8.40 21.49 13.00
C VAL C 133 -8.95 20.11 13.36
N GLY C 134 -8.71 19.14 12.49
CA GLY C 134 -9.17 17.78 12.76
C GLY C 134 -10.68 17.72 12.83
N GLU C 135 -11.20 17.21 13.95
CA GLU C 135 -12.63 17.12 14.18
C GLU C 135 -13.18 18.30 14.97
N LEU C 136 -12.45 19.41 15.04
CA LEU C 136 -12.87 20.55 15.85
C LEU C 136 -12.90 21.81 15.00
N LEU C 137 -14.01 22.53 15.06
CA LEU C 137 -14.18 23.82 14.40
C LEU C 137 -13.95 24.93 15.42
N ILE C 138 -13.01 25.82 15.12
CA ILE C 138 -12.66 26.92 16.02
C ILE C 138 -13.12 28.23 15.40
N LEU C 139 -14.07 28.89 16.07
CA LEU C 139 -14.63 30.17 15.64
C LEU C 139 -14.06 31.31 16.49
N GLU C 140 -13.72 32.42 15.83
CA GLU C 140 -13.15 33.59 16.47
C GLU C 140 -14.02 34.81 16.20
N PHE C 141 -14.20 35.64 17.22
CA PHE C 141 -15.06 36.82 17.15
C PHE C 141 -14.26 38.05 17.57
N GLU C 142 -14.15 39.02 16.66
CA GLU C 142 -13.52 40.30 16.91
C GLU C 142 -14.41 41.43 16.40
N PRO C 143 -14.33 42.62 16.98
CA PRO C 143 -15.13 43.74 16.44
C PRO C 143 -14.64 44.17 15.06
N THR C 144 -15.59 44.46 14.17
CA THR C 144 -15.31 44.79 12.78
C THR C 144 -15.89 46.15 12.41
N GLU C 145 -15.76 46.49 11.12
CA GLU C 145 -16.24 47.76 10.59
C GLU C 145 -17.11 47.49 9.36
N ALA C 146 -17.96 48.46 9.03
CA ALA C 146 -18.82 48.36 7.87
C ALA C 146 -18.02 48.48 6.57
N HIS C 153 -7.90 50.98 -2.75
CA HIS C 153 -7.10 51.58 -3.81
C HIS C 153 -5.69 51.89 -3.31
N ALA C 154 -5.50 51.88 -1.98
CA ALA C 154 -4.19 52.14 -1.41
C ALA C 154 -3.21 50.99 -1.64
N LEU C 155 -3.72 49.77 -1.87
CA LEU C 155 -2.86 48.60 -1.91
C LEU C 155 -2.05 48.52 -3.20
N ARG C 156 -2.66 48.86 -4.34
CA ARG C 156 -1.98 48.68 -5.63
C ARG C 156 -0.75 49.56 -5.74
N ASN C 157 -0.87 50.84 -5.36
CA ASN C 157 0.24 51.77 -5.51
C ASN C 157 1.46 51.29 -4.74
N ALA C 158 1.26 50.80 -3.51
CA ALA C 158 2.36 50.21 -2.75
C ALA C 158 2.86 48.93 -3.41
N MET C 159 1.93 48.14 -3.97
CA MET C 159 2.28 46.88 -4.60
C MET C 159 3.28 47.07 -5.73
N PHE C 160 2.95 47.91 -6.71
CA PHE C 160 3.86 48.09 -7.85
C PHE C 160 5.19 48.70 -7.43
N ALA C 161 5.18 49.60 -6.44
CA ALA C 161 6.44 50.16 -5.96
C ALA C 161 7.31 49.10 -5.32
N LEU C 162 6.71 48.18 -4.57
CA LEU C 162 7.48 47.10 -3.96
C LEU C 162 7.99 46.13 -5.01
N GLU C 163 7.19 45.85 -6.04
CA GLU C 163 7.59 44.89 -7.06
C GLU C 163 8.69 45.45 -7.96
N SER C 164 8.71 46.77 -8.17
CA SER C 164 9.70 47.41 -9.03
C SER C 164 10.92 47.90 -8.27
N ALA C 165 11.34 47.17 -7.21
CA ALA C 165 12.52 47.51 -6.42
C ALA C 165 13.78 46.93 -7.05
N PRO C 166 14.86 47.72 -7.12
CA PRO C 166 16.09 47.22 -7.77
C PRO C 166 16.79 46.11 -7.01
N ASN C 167 16.95 46.27 -5.70
CA ASN C 167 17.70 45.31 -4.90
C ASN C 167 16.94 45.02 -3.60
N LEU C 168 17.57 44.21 -2.74
CA LEU C 168 16.95 43.80 -1.48
C LEU C 168 16.78 44.98 -0.53
N ARG C 169 17.74 45.90 -0.50
CA ARG C 169 17.68 47.01 0.44
C ARG C 169 16.48 47.91 0.16
N ALA C 170 16.26 48.25 -1.12
CA ALA C 170 15.10 49.07 -1.47
C ALA C 170 13.80 48.32 -1.18
N LEU C 171 13.78 47.02 -1.46
CA LEU C 171 12.57 46.22 -1.22
C LEU C 171 12.21 46.20 0.27
N ALA C 172 13.20 45.96 1.13
CA ALA C 172 12.92 45.90 2.57
C ALA C 172 12.58 47.27 3.13
N GLU C 173 13.29 48.31 2.68
CA GLU C 173 13.00 49.66 3.17
C GLU C 173 11.58 50.07 2.84
N VAL C 174 11.19 49.87 1.57
CA VAL C 174 9.83 50.21 1.15
C VAL C 174 8.80 49.38 1.91
N ALA C 175 9.11 48.10 2.16
CA ALA C 175 8.18 47.25 2.88
C ALA C 175 7.91 47.76 4.28
N THR C 176 8.98 48.00 5.05
CA THR C 176 8.81 48.46 6.43
C THR C 176 8.07 49.80 6.47
N GLN C 177 8.50 50.74 5.62
CA GLN C 177 7.85 52.06 5.65
C GLN C 177 6.38 51.94 5.28
N THR C 178 6.04 51.05 4.33
CA THR C 178 4.67 50.86 3.93
C THR C 178 3.81 50.33 5.07
N VAL C 179 4.31 49.29 5.76
CA VAL C 179 3.55 48.75 6.88
C VAL C 179 3.31 49.82 7.95
N ARG C 180 4.34 50.62 8.26
CA ARG C 180 4.16 51.67 9.24
C ARG C 180 3.11 52.68 8.79
N GLU C 181 3.10 53.00 7.49
CA GLU C 181 2.11 53.96 6.99
C GLU C 181 0.69 53.43 7.11
N LEU C 182 0.47 52.16 6.77
CA LEU C 182 -0.89 51.64 6.80
C LEU C 182 -1.38 51.43 8.23
N THR C 183 -0.52 50.94 9.12
CA THR C 183 -0.98 50.61 10.46
C THR C 183 -0.95 51.80 11.42
N GLY C 184 0.16 52.53 11.43
CA GLY C 184 0.36 53.59 12.40
C GLY C 184 1.22 53.20 13.58
N PHE C 185 1.92 52.08 13.49
CA PHE C 185 2.80 51.64 14.57
C PHE C 185 3.97 52.61 14.75
N ASP C 186 4.46 52.69 15.98
CA ASP C 186 5.62 53.54 16.25
C ASP C 186 6.86 53.02 15.56
N ARG C 187 7.04 51.70 15.51
CA ARG C 187 8.23 51.12 14.89
C ARG C 187 7.85 49.87 14.13
N VAL C 188 8.31 49.76 12.89
CA VAL C 188 8.07 48.59 12.06
C VAL C 188 9.39 48.14 11.44
N MET C 189 9.81 46.91 11.73
CA MET C 189 11.09 46.41 11.27
C MET C 189 10.91 45.06 10.59
N LEU C 190 11.96 44.61 9.90
CA LEU C 190 11.94 43.33 9.19
C LEU C 190 13.19 42.54 9.56
N TYR C 191 12.99 41.33 10.08
CA TYR C 191 14.09 40.44 10.42
C TYR C 191 14.40 39.50 9.27
N LYS C 192 15.69 39.24 9.09
CA LYS C 192 16.21 38.22 8.18
C LYS C 192 16.82 37.09 9.00
N PHE C 193 16.49 35.85 8.64
CA PHE C 193 16.99 34.68 9.37
C PHE C 193 18.25 34.14 8.70
N ALA C 194 19.38 34.27 9.39
CA ALA C 194 20.66 33.76 8.90
C ALA C 194 20.67 32.24 8.93
N PRO C 195 21.55 31.61 8.12
CA PRO C 195 21.63 30.14 8.12
C PRO C 195 21.82 29.52 9.49
N ASP C 196 22.48 30.22 10.42
CA ASP C 196 22.66 29.74 11.78
C ASP C 196 21.46 30.07 12.67
N ALA C 197 20.28 30.22 12.08
CA ALA C 197 19.01 30.39 12.77
C ALA C 197 18.93 31.70 13.56
N THR C 198 19.96 32.54 13.49
CA THR C 198 19.89 33.85 14.13
C THR C 198 19.15 34.84 13.23
N GLY C 199 18.95 36.05 13.73
CA GLY C 199 18.22 37.06 13.01
C GLY C 199 18.99 38.36 12.91
N GLU C 200 18.56 39.21 11.97
CA GLU C 200 19.17 40.52 11.79
C GLU C 200 18.15 41.47 11.18
N VAL C 201 18.00 42.65 11.79
CA VAL C 201 17.08 43.67 11.29
C VAL C 201 17.73 44.33 10.07
N ILE C 202 17.15 44.09 8.88
CA ILE C 202 17.76 44.69 7.68
C ILE C 202 17.10 45.99 7.26
N ALA C 203 15.92 46.31 7.78
CA ALA C 203 15.25 47.57 7.47
C ALA C 203 14.33 47.93 8.63
N GLU C 204 14.10 49.23 8.81
CA GLU C 204 13.31 49.71 9.93
C GLU C 204 12.71 51.06 9.59
N ALA C 205 11.47 51.27 10.03
CA ALA C 205 10.78 52.56 9.91
C ALA C 205 10.20 52.89 11.27
N ARG C 206 10.74 53.91 11.92
CA ARG C 206 10.37 54.26 13.28
C ARG C 206 9.97 55.73 13.37
N ARG C 207 9.33 56.07 14.49
CA ARG C 207 9.00 57.44 14.80
C ARG C 207 10.20 58.17 15.40
N GLU C 208 10.28 59.48 15.13
CA GLU C 208 11.39 60.27 15.62
C GLU C 208 11.43 60.27 17.14
N GLY C 209 12.58 59.90 17.69
CA GLY C 209 12.74 59.79 19.12
C GLY C 209 12.73 58.37 19.64
N LEU C 210 13.21 57.41 18.86
CA LEU C 210 13.22 56.01 19.24
C LEU C 210 14.57 55.41 18.91
N HIS C 211 14.99 54.45 19.73
CA HIS C 211 16.27 53.77 19.53
C HIS C 211 16.26 53.02 18.20
N ALA C 212 17.38 53.08 17.50
CA ALA C 212 17.49 52.41 16.20
C ALA C 212 17.88 50.95 16.40
N PHE C 213 17.17 50.07 15.70
CA PHE C 213 17.48 48.64 15.71
C PHE C 213 18.14 48.18 14.42
N LEU C 214 18.45 49.09 13.50
CA LEU C 214 19.06 48.72 12.23
C LEU C 214 20.45 48.14 12.45
N GLY C 215 20.67 46.92 11.94
CA GLY C 215 21.92 46.23 12.12
C GLY C 215 21.98 45.35 13.36
N HIS C 216 21.04 45.51 14.28
CA HIS C 216 21.00 44.70 15.49
C HIS C 216 20.66 43.25 15.15
N ARG C 217 21.33 42.33 15.83
CA ARG C 217 21.14 40.89 15.61
C ARG C 217 20.81 40.21 16.93
N PHE C 218 20.00 39.15 16.85
CA PHE C 218 19.57 38.42 18.02
C PHE C 218 19.80 36.93 17.83
N PRO C 219 20.08 36.19 18.91
CA PRO C 219 20.40 34.77 18.78
C PRO C 219 19.16 33.94 18.45
N ALA C 220 19.44 32.69 18.04
CA ALA C 220 18.37 31.77 17.71
C ALA C 220 17.57 31.36 18.95
N SER C 221 18.19 31.42 20.13
CA SER C 221 17.51 31.02 21.35
C SER C 221 16.33 31.94 21.70
N ASP C 222 16.29 33.15 21.13
CA ASP C 222 15.20 34.07 21.44
C ASP C 222 13.87 33.60 20.85
N ILE C 223 13.90 32.81 19.79
CA ILE C 223 12.68 32.27 19.19
C ILE C 223 12.72 30.75 19.17
N PRO C 224 11.91 30.08 20.00
CA PRO C 224 11.95 28.61 20.06
C PRO C 224 11.54 27.99 18.73
N ALA C 225 11.83 26.70 18.60
CA ALA C 225 11.54 25.99 17.35
C ALA C 225 10.04 26.00 17.04
N GLN C 226 9.21 25.72 18.04
CA GLN C 226 7.77 25.66 17.80
C GLN C 226 7.20 27.00 17.37
N ALA C 227 7.74 28.10 17.90
CA ALA C 227 7.33 29.42 17.42
C ALA C 227 7.69 29.59 15.96
N ARG C 228 8.85 29.08 15.55
CA ARG C 228 9.28 29.20 14.16
C ARG C 228 8.33 28.43 13.24
N ALA C 229 8.08 27.15 13.56
CA ALA C 229 7.19 26.35 12.73
C ALA C 229 5.78 26.91 12.71
N LEU C 230 5.32 27.44 13.85
CA LEU C 230 3.99 28.04 13.91
C LEU C 230 3.93 29.28 13.03
N TYR C 231 5.02 30.04 12.97
CA TYR C 231 5.07 31.17 12.05
C TYR C 231 5.09 30.71 10.61
N THR C 232 5.67 29.54 10.33
CA THR C 232 5.71 29.05 8.96
C THR C 232 4.33 28.63 8.49
N ARG C 233 3.60 27.87 9.30
CA ARG C 233 2.30 27.38 8.85
C ARG C 233 1.20 28.43 9.00
N HIS C 234 1.35 29.37 9.94
CA HIS C 234 0.37 30.42 10.15
C HIS C 234 1.08 31.76 10.01
N LEU C 235 0.72 32.51 8.97
CA LEU C 235 1.52 33.66 8.56
C LEU C 235 1.43 34.83 9.53
N LEU C 236 0.29 34.99 10.21
CA LEU C 236 0.05 36.17 11.05
C LEU C 236 -0.02 35.80 12.52
N ARG C 237 0.55 36.65 13.36
CA ARG C 237 0.49 36.46 14.81
C ARG C 237 0.51 37.81 15.50
N LEU C 238 -0.41 38.04 16.43
CA LEU C 238 -0.53 39.33 17.08
C LEU C 238 -0.62 39.19 18.59
N THR C 239 -0.13 40.22 19.28
CA THR C 239 -0.21 40.36 20.73
C THR C 239 -0.80 41.75 20.99
N ALA C 240 -2.10 41.79 21.27
CA ALA C 240 -2.81 43.07 21.41
C ALA C 240 -2.31 43.85 22.62
N ASP C 241 -2.33 43.23 23.81
CA ASP C 241 -1.94 43.88 25.05
C ASP C 241 -0.92 43.01 25.75
N THR C 242 0.27 43.58 25.99
CA THR C 242 1.36 42.83 26.59
C THR C 242 1.23 42.70 28.11
N ARG C 243 0.35 43.45 28.74
CA ARG C 243 0.14 43.41 30.17
C ARG C 243 -1.23 42.85 30.55
N ALA C 244 -1.96 42.28 29.59
CA ALA C 244 -3.27 41.73 29.83
C ALA C 244 -3.18 40.22 30.08
N ALA C 245 -4.03 39.72 30.96
CA ALA C 245 -4.06 38.30 31.28
C ALA C 245 -4.93 37.56 30.29
N ALA C 246 -4.51 36.35 29.94
CA ALA C 246 -5.25 35.54 28.98
C ALA C 246 -6.57 35.05 29.59
N VAL C 247 -7.53 34.77 28.72
CA VAL C 247 -8.86 34.34 29.11
C VAL C 247 -8.95 32.83 28.93
N PRO C 248 -9.11 32.04 29.98
CA PRO C 248 -9.17 30.58 29.84
C PRO C 248 -10.42 30.12 29.11
N LEU C 249 -10.40 28.85 28.74
CA LEU C 249 -11.53 28.18 28.10
C LEU C 249 -12.28 27.31 29.10
N ASP C 250 -13.59 27.21 28.91
CA ASP C 250 -14.44 26.40 29.76
C ASP C 250 -15.26 25.41 28.94
N PRO C 251 -14.92 24.11 29.02
CA PRO C 251 -13.83 23.56 29.84
C PRO C 251 -12.45 23.75 29.21
N VAL C 252 -11.40 23.50 30.00
CA VAL C 252 -10.04 23.72 29.52
C VAL C 252 -9.63 22.63 28.53
N LEU C 253 -10.19 21.44 28.66
CA LEU C 253 -9.87 20.33 27.76
C LEU C 253 -11.00 20.11 26.76
N ASN C 254 -10.65 19.46 25.65
CA ASN C 254 -11.61 19.19 24.59
C ASN C 254 -12.43 17.96 24.96
N PRO C 255 -13.73 18.10 25.19
CA PRO C 255 -14.54 16.96 25.65
C PRO C 255 -14.48 15.76 24.72
N GLN C 256 -14.19 15.96 23.43
CA GLN C 256 -14.14 14.83 22.51
C GLN C 256 -12.99 13.89 22.83
N THR C 257 -11.84 14.44 23.21
CA THR C 257 -10.65 13.64 23.46
C THR C 257 -10.03 13.85 24.82
N ASN C 258 -10.55 14.79 25.63
CA ASN C 258 -9.95 15.15 26.91
C ASN C 258 -8.50 15.58 26.73
N ALA C 259 -8.24 16.33 25.65
CA ALA C 259 -6.90 16.76 25.27
C ALA C 259 -6.87 18.26 25.03
N PRO C 260 -5.72 18.90 25.24
CA PRO C 260 -5.60 20.34 24.98
C PRO C 260 -6.04 20.70 23.56
N THR C 261 -6.59 21.92 23.43
CA THR C 261 -7.12 22.38 22.16
C THR C 261 -6.03 23.08 21.35
N PRO C 262 -5.72 22.63 20.14
CA PRO C 262 -4.69 23.29 19.31
C PRO C 262 -5.16 24.66 18.85
N LEU C 263 -4.41 25.70 19.24
CA LEU C 263 -4.75 27.08 18.90
C LEU C 263 -3.73 27.73 17.98
N GLY C 264 -2.91 26.94 17.28
CA GLY C 264 -1.93 27.51 16.38
C GLY C 264 -2.57 28.30 15.25
N GLY C 265 -3.72 27.82 14.75
CA GLY C 265 -4.44 28.54 13.72
C GLY C 265 -5.25 29.71 14.23
N ALA C 266 -5.49 29.77 15.53
CA ALA C 266 -6.30 30.83 16.12
C ALA C 266 -5.51 32.13 16.18
N VAL C 267 -6.09 33.21 15.62
CA VAL C 267 -5.49 34.52 15.72
C VAL C 267 -5.60 35.08 17.13
N LEU C 268 -6.56 34.58 17.92
CA LEU C 268 -6.76 35.00 19.30
C LEU C 268 -5.91 34.19 20.28
N ARG C 269 -4.97 33.39 19.78
CA ARG C 269 -4.13 32.57 20.64
C ARG C 269 -3.37 33.41 21.66
N ALA C 270 -3.36 32.95 22.91
CA ALA C 270 -2.67 33.66 23.97
C ALA C 270 -1.16 33.62 23.76
N THR C 271 -0.53 34.80 23.78
CA THR C 271 0.92 34.88 23.64
C THR C 271 1.61 34.30 24.87
N SER C 272 2.75 33.65 24.64
CA SER C 272 3.50 33.05 25.73
C SER C 272 3.88 34.11 26.78
N PRO C 273 3.77 33.78 28.06
CA PRO C 273 4.13 34.76 29.11
C PRO C 273 5.59 35.21 29.04
N MET C 274 6.50 34.34 28.57
CA MET C 274 7.90 34.72 28.46
C MET C 274 8.07 35.85 27.45
N HIS C 275 7.42 35.73 26.30
CA HIS C 275 7.49 36.78 25.29
C HIS C 275 6.84 38.06 25.79
N MET C 276 5.78 37.94 26.59
CA MET C 276 5.17 39.13 27.19
C MET C 276 6.14 39.81 28.14
N GLN C 277 6.93 39.03 28.88
CA GLN C 277 7.97 39.62 29.73
C GLN C 277 9.02 40.32 28.88
N TYR C 278 9.34 39.75 27.71
CA TYR C 278 10.28 40.38 26.80
C TYR C 278 9.76 41.72 26.31
N LEU C 279 8.54 41.74 25.77
CA LEU C 279 7.97 42.97 25.25
C LEU C 279 7.80 44.02 26.33
N ARG C 280 7.45 43.60 27.55
CA ARG C 280 7.32 44.56 28.65
C ARG C 280 8.68 45.15 29.03
N ASN C 281 9.74 44.34 28.97
CA ASN C 281 11.07 44.88 29.22
C ASN C 281 11.54 45.80 28.10
N MET C 282 10.88 45.77 26.95
CA MET C 282 11.21 46.66 25.84
C MET C 282 10.34 47.91 25.79
N GLY C 283 9.35 48.03 26.67
CA GLY C 283 8.43 49.15 26.58
C GLY C 283 7.43 49.05 25.45
N VAL C 284 7.24 47.86 24.91
CA VAL C 284 6.37 47.64 23.76
C VAL C 284 4.99 47.20 24.27
N GLY C 285 3.96 47.95 23.90
CA GLY C 285 2.60 47.63 24.34
C GLY C 285 1.88 46.64 23.45
N SER C 286 2.15 46.68 22.15
CA SER C 286 1.48 45.81 21.18
C SER C 286 2.50 45.30 20.17
N SER C 287 2.28 44.08 19.71
CA SER C 287 3.19 43.47 18.75
C SER C 287 2.38 42.78 17.66
N LEU C 288 2.89 42.84 16.42
CA LEU C 288 2.26 42.14 15.31
C LEU C 288 3.35 41.65 14.37
N SER C 289 3.26 40.38 13.96
CA SER C 289 4.26 39.74 13.12
C SER C 289 3.60 39.09 11.91
N VAL C 290 4.11 39.41 10.73
CA VAL C 290 3.68 38.81 9.47
C VAL C 290 4.86 38.00 8.92
N SER C 291 4.66 36.70 8.75
CA SER C 291 5.73 35.82 8.33
C SER C 291 5.99 35.91 6.84
N VAL C 292 7.24 35.66 6.45
CA VAL C 292 7.65 35.62 5.05
C VAL C 292 8.23 34.23 4.78
N VAL C 293 7.44 33.37 4.13
CA VAL C 293 7.84 31.99 3.85
C VAL C 293 8.11 31.85 2.36
N VAL C 294 9.29 31.34 2.02
CA VAL C 294 9.68 31.06 0.64
C VAL C 294 10.18 29.63 0.55
N GLY C 295 9.60 28.86 -0.36
CA GLY C 295 10.02 27.48 -0.54
C GLY C 295 9.79 26.61 0.66
N GLY C 296 8.81 26.94 1.49
CA GLY C 296 8.56 26.23 2.71
C GLY C 296 9.49 26.57 3.85
N GLN C 297 10.30 27.62 3.71
CA GLN C 297 11.23 28.02 4.76
C GLN C 297 10.92 29.43 5.24
N LEU C 298 11.05 29.64 6.56
CA LEU C 298 10.80 30.94 7.18
C LEU C 298 11.99 31.85 6.92
N TRP C 299 11.90 32.62 5.84
CA TRP C 299 13.00 33.51 5.47
C TRP C 299 13.12 34.67 6.46
N GLY C 300 11.99 35.26 6.83
CA GLY C 300 11.99 36.39 7.73
C GLY C 300 10.57 36.69 8.17
N LEU C 301 10.44 37.78 8.92
CA LEU C 301 9.14 38.19 9.42
C LEU C 301 9.15 39.69 9.65
N ILE C 302 8.02 40.33 9.35
CA ILE C 302 7.83 41.75 9.55
C ILE C 302 7.16 41.96 10.91
N ALA C 303 7.86 42.64 11.81
CA ALA C 303 7.35 42.90 13.15
C ALA C 303 6.96 44.37 13.31
N CYS C 304 5.93 44.60 14.12
CA CYS C 304 5.45 45.93 14.42
C CYS C 304 5.36 46.10 15.93
N HIS C 305 5.90 47.20 16.44
CA HIS C 305 5.94 47.50 17.85
C HIS C 305 5.35 48.88 18.10
N HIS C 306 4.54 48.98 19.16
CA HIS C 306 3.87 50.19 19.57
C HIS C 306 4.01 50.36 21.07
N GLN C 307 4.25 51.60 21.50
CA GLN C 307 4.40 51.86 22.93
C GLN C 307 3.08 51.69 23.68
N THR C 308 1.96 51.86 22.99
CA THR C 308 0.63 51.67 23.58
C THR C 308 -0.04 50.46 22.97
N PRO C 309 -0.86 49.73 23.73
CA PRO C 309 -1.56 48.57 23.17
C PRO C 309 -2.50 48.99 22.04
N TYR C 310 -2.29 48.39 20.88
CA TYR C 310 -3.06 48.70 19.68
C TYR C 310 -3.62 47.41 19.10
N VAL C 311 -4.89 47.43 18.71
CA VAL C 311 -5.55 46.29 18.10
C VAL C 311 -6.02 46.71 16.71
N LEU C 312 -5.50 46.04 15.69
CA LEU C 312 -5.77 46.41 14.30
C LEU C 312 -7.09 45.80 13.83
N PRO C 313 -7.91 46.57 13.11
CA PRO C 313 -9.20 46.03 12.65
C PRO C 313 -8.99 44.91 11.65
N PRO C 314 -9.92 43.94 11.59
CA PRO C 314 -9.71 42.80 10.68
C PRO C 314 -9.62 43.17 9.21
N ASP C 315 -10.42 44.15 8.76
CA ASP C 315 -10.38 44.54 7.35
C ASP C 315 -9.02 45.11 6.97
N LEU C 316 -8.46 45.97 7.83
CA LEU C 316 -7.14 46.54 7.56
C LEU C 316 -6.04 45.48 7.74
N ARG C 317 -6.21 44.60 8.73
CA ARG C 317 -5.22 43.55 8.99
C ARG C 317 -5.12 42.58 7.82
N THR C 318 -6.24 42.34 7.13
CA THR C 318 -6.25 41.45 5.98
C THR C 318 -5.26 41.91 4.91
N THR C 319 -5.16 43.22 4.68
CA THR C 319 -4.20 43.75 3.71
C THR C 319 -2.78 43.34 4.08
N LEU C 320 -2.43 43.44 5.36
CA LEU C 320 -1.11 43.00 5.80
C LEU C 320 -0.92 41.52 5.51
N GLU C 321 -1.97 40.73 5.76
CA GLU C 321 -1.90 39.30 5.48
C GLU C 321 -1.59 39.04 4.00
N TYR C 322 -2.17 39.84 3.11
N TYR C 322 -2.13 39.85 3.10
CA TYR C 322 -1.84 39.77 1.69
CA TYR C 322 -1.79 39.69 1.69
C TYR C 322 -0.36 40.07 1.46
C TYR C 322 -0.34 40.09 1.42
N LEU C 323 0.12 41.16 2.09
CA LEU C 323 1.50 41.59 1.91
C LEU C 323 2.51 40.52 2.31
N GLY C 324 2.16 39.65 3.26
CA GLY C 324 3.08 38.57 3.59
C GLY C 324 3.42 37.68 2.40
N ARG C 325 2.40 37.21 1.70
CA ARG C 325 2.65 36.36 0.53
C ARG C 325 3.27 37.17 -0.60
N LEU C 326 2.76 38.38 -0.84
CA LEU C 326 3.31 39.16 -1.95
C LEU C 326 4.81 39.41 -1.77
N LEU C 327 5.22 39.79 -0.56
CA LEU C 327 6.64 39.96 -0.28
C LEU C 327 7.39 38.64 -0.35
N SER C 328 6.74 37.53 0.03
CA SER C 328 7.38 36.23 -0.11
C SER C 328 7.78 35.95 -1.55
N LEU C 329 6.95 36.36 -2.51
CA LEU C 329 7.33 36.15 -3.91
C LEU C 329 8.43 37.12 -4.34
N GLN C 330 8.29 38.40 -3.99
CA GLN C 330 9.23 39.39 -4.51
C GLN C 330 10.63 39.21 -3.93
N VAL C 331 10.73 38.82 -2.66
CA VAL C 331 12.05 38.57 -2.08
C VAL C 331 12.75 37.43 -2.81
N GLN C 332 11.99 36.40 -3.20
CA GLN C 332 12.56 35.29 -3.95
C GLN C 332 13.13 35.77 -5.29
N VAL C 333 12.37 36.62 -5.99
CA VAL C 333 12.83 37.09 -7.30
C VAL C 333 14.07 37.97 -7.15
N LYS C 334 14.00 38.96 -6.24
CA LYS C 334 15.11 39.89 -6.09
C LYS C 334 16.37 39.19 -5.59
N GLU C 335 16.22 38.20 -4.71
CA GLU C 335 17.38 37.44 -4.26
C GLU C 335 17.98 36.62 -5.38
N ALA C 336 17.14 35.99 -6.21
CA ALA C 336 17.68 35.23 -7.34
C ALA C 336 18.44 36.15 -8.31
N ALA C 337 17.97 37.38 -8.49
CA ALA C 337 18.65 38.30 -9.38
C ALA C 337 19.95 38.81 -8.77
N ASP C 338 19.95 39.06 -7.47
CA ASP C 338 21.18 39.50 -6.80
C ASP C 338 22.25 38.41 -6.83
N VAL C 339 21.85 37.16 -6.60
CA VAL C 339 22.82 36.07 -6.67
C VAL C 339 23.29 35.85 -8.10
N ALA C 340 22.42 36.10 -9.09
CA ALA C 340 22.83 35.97 -10.47
C ALA C 340 23.88 37.02 -10.83
N ALA C 341 23.64 38.28 -10.45
CA ALA C 341 24.59 39.34 -10.75
C ALA C 341 25.89 39.15 -9.99
N PHE C 342 25.81 38.65 -8.75
CA PHE C 342 27.02 38.37 -7.99
C PHE C 342 27.82 37.25 -8.64
N ARG C 343 27.14 36.18 -9.07
CA ARG C 343 27.82 35.10 -9.78
C ARG C 343 28.52 35.61 -11.03
N GLN C 344 27.84 36.46 -11.81
CA GLN C 344 28.46 37.02 -13.00
C GLN C 344 29.68 37.87 -12.64
N SER C 345 29.59 38.65 -11.57
CA SER C 345 30.73 39.44 -11.13
C SER C 345 31.92 38.55 -10.77
N LEU C 346 31.64 37.38 -10.17
CA LEU C 346 32.72 36.45 -9.86
C LEU C 346 33.29 35.81 -11.12
N ARG C 347 32.45 35.62 -12.14
CA ARG C 347 32.95 35.10 -13.41
C ARG C 347 33.89 36.09 -14.09
N GLU C 348 33.54 37.38 -14.05
CA GLU C 348 34.40 38.39 -14.66
C GLU C 348 35.71 38.53 -13.90
N HIS C 349 35.65 38.51 -12.56
CA HIS C 349 36.88 38.56 -11.77
C HIS C 349 37.75 37.34 -12.03
N HIS C 350 37.11 36.17 -12.16
CA HIS C 350 37.85 34.94 -12.42
C HIS C 350 38.49 34.95 -13.80
N ALA C 351 37.81 35.51 -14.79
CA ALA C 351 38.40 35.61 -16.12
C ALA C 351 39.62 36.52 -16.10
N ARG C 352 39.51 37.65 -15.38
CA ARG C 352 40.66 38.55 -15.28
C ARG C 352 41.85 37.87 -14.61
N VAL C 353 41.59 36.97 -13.66
CA VAL C 353 42.72 36.26 -13.05
C VAL C 353 43.25 35.16 -13.99
N ALA C 354 42.34 34.44 -14.66
CA ALA C 354 42.75 33.35 -15.53
C ALA C 354 43.64 33.83 -16.67
N LEU C 355 43.35 35.02 -17.20
CA LEU C 355 44.21 35.54 -18.27
C LEU C 355 45.63 35.78 -17.75
N ALA C 356 45.75 36.22 -16.49
CA ALA C 356 47.07 36.40 -15.90
C ALA C 356 47.72 35.07 -15.54
N ALA C 357 46.93 34.03 -15.32
CA ALA C 357 47.49 32.71 -15.06
C ALA C 357 47.95 32.01 -16.33
N ALA C 358 47.42 32.40 -17.49
CA ALA C 358 47.87 31.83 -18.76
C ALA C 358 49.32 32.22 -19.04
N HIS C 359 49.63 33.50 -18.92
CA HIS C 359 50.99 34.01 -19.17
C HIS C 359 51.77 34.15 -17.86
N SER C 360 51.85 33.06 -17.09
CA SER C 360 52.49 33.06 -15.79
C SER C 360 53.83 32.34 -15.86
N LEU C 361 54.81 32.85 -15.10
CA LEU C 361 56.12 32.24 -15.02
C LEU C 361 56.49 31.99 -13.56
N SER C 362 55.94 32.79 -12.66
CA SER C 362 56.15 32.64 -11.23
C SER C 362 54.81 32.77 -10.51
N PRO C 363 54.28 31.68 -9.93
CA PRO C 363 52.96 31.76 -9.29
C PRO C 363 52.89 32.75 -8.15
N HIS C 364 53.91 32.78 -7.29
CA HIS C 364 53.90 33.68 -6.14
C HIS C 364 53.84 35.14 -6.58
N ASP C 365 54.73 35.52 -7.51
CA ASP C 365 54.74 36.91 -7.97
C ASP C 365 53.48 37.27 -8.74
N THR C 366 52.88 36.29 -9.42
CA THR C 366 51.68 36.56 -10.21
C THR C 366 50.47 36.78 -9.33
N LEU C 367 50.24 35.88 -8.36
CA LEU C 367 49.04 35.98 -7.53
C LEU C 367 49.14 37.05 -6.46
N SER C 368 50.35 37.49 -6.12
CA SER C 368 50.53 38.57 -5.15
C SER C 368 50.25 39.94 -5.76
N ASP C 369 49.88 39.99 -7.03
CA ASP C 369 49.61 41.26 -7.71
C ASP C 369 48.38 41.92 -7.10
N PRO C 370 48.50 43.13 -6.54
CA PRO C 370 47.30 43.81 -6.00
C PRO C 370 46.27 44.15 -7.06
N ALA C 371 46.69 44.29 -8.33
CA ALA C 371 45.72 44.56 -9.39
C ALA C 371 44.80 43.37 -9.63
N LEU C 372 45.32 42.14 -9.47
CA LEU C 372 44.46 40.97 -9.59
C LEU C 372 43.53 40.85 -8.39
N ASP C 373 44.04 41.16 -7.20
CA ASP C 373 43.26 41.21 -5.95
C ASP C 373 42.56 39.87 -5.70
N LEU C 374 43.38 38.86 -5.38
CA LEU C 374 42.84 37.58 -4.95
C LEU C 374 42.28 37.66 -3.53
N LEU C 375 42.72 38.66 -2.77
CA LEU C 375 42.17 38.88 -1.43
C LEU C 375 40.73 39.40 -1.51
N GLY C 376 40.51 40.40 -2.36
CA GLY C 376 39.18 40.95 -2.56
C GLY C 376 38.24 40.04 -3.31
N LEU C 377 38.77 39.03 -4.01
CA LEU C 377 37.92 38.09 -4.73
C LEU C 377 37.00 37.33 -3.78
N MET C 378 37.54 36.88 -2.66
CA MET C 378 36.77 36.13 -1.67
C MET C 378 36.35 37.00 -0.49
N ARG C 379 36.61 38.31 -0.56
CA ARG C 379 36.30 39.25 0.52
C ARG C 379 36.92 38.78 1.83
N ALA C 380 38.21 38.45 1.78
CA ALA C 380 38.96 37.92 2.89
C ALA C 380 39.95 38.95 3.40
N GLY C 381 40.41 38.76 4.64
CA GLY C 381 41.37 39.65 5.23
C GLY C 381 42.80 39.17 5.07
N GLY C 382 42.97 37.87 4.89
CA GLY C 382 44.29 37.29 4.74
C GLY C 382 44.32 36.26 3.62
N LEU C 383 45.54 36.03 3.11
CA LEU C 383 45.74 35.09 2.02
C LEU C 383 47.09 34.40 2.20
N ILE C 384 47.12 33.09 2.00
CA ILE C 384 48.31 32.27 2.08
C ILE C 384 48.49 31.56 0.74
N LEU C 385 49.65 31.73 0.13
CA LEU C 385 49.98 31.16 -1.17
C LEU C 385 51.19 30.25 -1.00
N ARG C 386 50.96 28.94 -1.14
CA ARG C 386 52.01 27.95 -0.93
C ARG C 386 52.38 27.34 -2.29
N PHE C 387 53.59 27.61 -2.74
CA PHE C 387 54.09 27.09 -4.01
C PHE C 387 55.59 26.85 -3.90
N GLU C 388 56.06 25.86 -4.66
CA GLU C 388 57.49 25.56 -4.79
C GLU C 388 58.18 25.39 -3.44
N GLY C 389 57.45 24.88 -2.45
CA GLY C 389 58.03 24.62 -1.14
C GLY C 389 58.10 25.82 -0.22
N ARG C 390 57.62 26.97 -0.64
CA ARG C 390 57.63 28.19 0.16
C ARG C 390 56.24 28.81 0.14
N TRP C 391 55.96 29.62 1.17
CA TRP C 391 54.65 30.25 1.31
C TRP C 391 54.78 31.75 1.51
N GLN C 392 53.87 32.48 0.87
CA GLN C 392 53.77 33.93 0.96
C GLN C 392 52.39 34.31 1.47
N THR C 393 52.26 35.52 2.00
CA THR C 393 51.00 35.98 2.58
C THR C 393 50.62 37.33 2.00
N LEU C 394 49.34 37.65 2.11
CA LEU C 394 48.80 38.94 1.67
C LEU C 394 47.73 39.39 2.66
N GLY C 395 47.89 40.60 3.20
CA GLY C 395 46.92 41.14 4.12
C GLY C 395 47.17 40.71 5.55
N GLU C 396 46.11 40.84 6.36
CA GLU C 396 46.17 40.49 7.78
C GLU C 396 46.22 38.97 7.92
N VAL C 397 47.37 38.44 8.31
CA VAL C 397 47.60 37.00 8.40
C VAL C 397 48.25 36.69 9.74
N PRO C 398 47.80 35.65 10.45
CA PRO C 398 48.42 35.28 11.74
C PRO C 398 49.92 35.08 11.62
N PRO C 399 50.66 35.15 12.74
CA PRO C 399 52.13 35.02 12.70
C PRO C 399 52.65 33.81 11.95
N ALA C 400 53.91 33.89 11.50
CA ALA C 400 54.53 32.85 10.69
C ALA C 400 54.48 31.45 11.30
N PRO C 401 54.87 31.22 12.56
CA PRO C 401 54.82 29.85 13.08
C PRO C 401 53.41 29.27 13.08
N ALA C 402 52.42 30.12 13.35
CA ALA C 402 51.03 29.67 13.26
C ALA C 402 50.67 29.31 11.82
N VAL C 403 51.24 30.02 10.84
CA VAL C 403 51.01 29.67 9.45
C VAL C 403 51.60 28.31 9.13
N ASP C 404 52.83 28.03 9.59
CA ASP C 404 53.43 26.73 9.33
C ASP C 404 52.60 25.61 9.96
N ALA C 405 52.14 25.82 11.20
CA ALA C 405 51.29 24.82 11.84
C ALA C 405 49.98 24.66 11.08
N LEU C 406 49.45 25.76 10.54
CA LEU C 406 48.19 25.72 9.82
C LEU C 406 48.31 24.92 8.54
N LEU C 407 49.41 25.10 7.80
CA LEU C 407 49.60 24.31 6.58
C LEU C 407 49.82 22.84 6.92
N ALA C 408 50.56 22.57 8.00
CA ALA C 408 50.74 21.18 8.41
C ALA C 408 49.42 20.52 8.74
N TRP C 409 48.53 21.25 9.42
CA TRP C 409 47.19 20.73 9.69
C TRP C 409 46.38 20.60 8.40
N LEU C 410 46.58 21.52 7.45
CA LEU C 410 45.84 21.47 6.19
C LEU C 410 46.20 20.22 5.39
N GLU C 411 47.43 19.74 5.51
CA GLU C 411 47.81 18.51 4.82
C GLU C 411 47.07 17.30 5.38
N THR C 412 46.74 17.33 6.69
CA THR C 412 46.00 16.22 7.29
C THR C 412 44.58 16.13 6.74
N GLN C 413 43.97 17.26 6.45
CA GLN C 413 42.58 17.27 5.97
C GLN C 413 42.51 16.63 4.59
N PRO C 414 41.55 15.75 4.33
CA PRO C 414 41.40 15.14 3.01
C PRO C 414 40.68 16.09 2.06
N GLY C 415 40.48 15.62 0.84
CA GLY C 415 39.80 16.42 -0.17
C GLY C 415 40.69 17.53 -0.71
N ALA C 416 40.15 18.24 -1.70
CA ALA C 416 40.82 19.37 -2.31
C ALA C 416 40.34 20.72 -1.80
N LEU C 417 39.22 20.75 -1.09
CA LEU C 417 38.64 21.99 -0.59
C LEU C 417 38.36 21.88 0.90
N VAL C 418 38.70 22.94 1.63
CA VAL C 418 38.46 23.04 3.06
C VAL C 418 37.72 24.36 3.31
N GLN C 419 36.67 24.30 4.12
CA GLN C 419 35.83 25.46 4.38
C GLN C 419 35.38 25.46 5.83
N THR C 420 35.43 26.62 6.48
CA THR C 420 34.92 26.74 7.84
C THR C 420 34.62 28.20 8.16
N ASP C 421 33.53 28.40 8.92
CA ASP C 421 33.17 29.72 9.43
C ASP C 421 33.99 30.08 10.65
N ALA C 422 34.35 29.09 11.47
CA ALA C 422 35.19 29.27 12.64
C ALA C 422 36.27 28.19 12.61
N LEU C 423 37.51 28.60 12.37
CA LEU C 423 38.60 27.63 12.30
C LEU C 423 38.91 27.01 13.66
N GLY C 424 38.52 27.67 14.75
CA GLY C 424 38.73 27.09 16.08
C GLY C 424 37.94 25.82 16.29
N GLN C 425 36.76 25.71 15.66
CA GLN C 425 35.93 24.52 15.82
C GLN C 425 36.52 23.34 15.05
N LEU C 426 36.93 23.56 13.81
CA LEU C 426 37.50 22.48 13.01
C LEU C 426 38.92 22.16 13.43
N TRP C 427 39.66 23.15 13.90
CA TRP C 427 41.04 22.98 14.36
C TRP C 427 41.16 23.55 15.77
N PRO C 428 41.32 22.72 16.79
CA PRO C 428 41.40 23.27 18.17
C PRO C 428 42.60 24.17 18.38
N ALA C 429 43.78 23.72 17.96
CA ALA C 429 45.00 24.49 18.19
C ALA C 429 45.02 25.80 17.42
N GLY C 430 44.10 25.98 16.48
CA GLY C 430 43.95 27.22 15.75
C GLY C 430 43.00 28.20 16.39
N ALA C 431 42.59 27.96 17.63
CA ALA C 431 41.71 28.89 18.32
C ALA C 431 42.39 30.22 18.61
N ASP C 432 43.70 30.20 18.83
CA ASP C 432 44.40 31.43 19.19
C ASP C 432 44.52 32.40 18.02
N LEU C 433 44.58 31.89 16.79
CA LEU C 433 44.67 32.74 15.61
C LEU C 433 43.30 33.13 15.06
N ALA C 434 42.25 32.94 15.85
CA ALA C 434 40.90 33.28 15.40
C ALA C 434 40.72 34.76 15.07
N PRO C 435 41.16 35.72 15.90
CA PRO C 435 40.91 37.14 15.56
C PRO C 435 41.59 37.58 14.27
N SER C 436 42.74 36.99 13.94
CA SER C 436 43.41 37.29 12.69
C SER C 436 42.90 36.43 11.54
N ALA C 437 42.45 35.20 11.85
CA ALA C 437 41.96 34.28 10.83
C ALA C 437 40.94 33.35 11.50
N ALA C 438 39.67 33.77 11.47
CA ALA C 438 38.59 32.94 12.01
C ALA C 438 37.96 32.06 10.94
N GLY C 439 37.71 32.62 9.76
CA GLY C 439 37.13 31.86 8.65
C GLY C 439 38.22 31.40 7.70
N LEU C 440 38.07 30.19 7.18
CA LEU C 440 39.11 29.62 6.32
C LEU C 440 38.49 28.97 5.10
N LEU C 441 39.10 29.19 3.94
CA LEU C 441 38.69 28.56 2.68
C LEU C 441 39.95 28.25 1.88
N ALA C 442 40.35 26.98 1.87
CA ALA C 442 41.60 26.56 1.25
C ALA C 442 41.34 25.58 0.11
N ILE C 443 42.12 25.72 -0.96
CA ILE C 443 42.06 24.84 -2.12
C ILE C 443 43.46 24.36 -2.43
N SER C 444 43.54 23.16 -3.03
CA SER C 444 44.82 22.57 -3.42
C SER C 444 44.90 22.58 -4.95
N VAL C 445 45.86 23.34 -5.49
CA VAL C 445 46.03 23.40 -6.94
C VAL C 445 46.50 22.05 -7.47
N GLY C 446 47.59 21.52 -6.90
CA GLY C 446 48.08 20.21 -7.26
C GLY C 446 47.63 19.16 -6.27
N GLU C 447 47.73 17.90 -6.69
CA GLU C 447 47.32 16.79 -5.83
C GLU C 447 48.18 16.76 -4.56
N GLY C 448 47.52 16.54 -3.43
CA GLY C 448 48.14 16.69 -2.13
C GLY C 448 47.96 18.10 -1.61
N TRP C 449 48.87 18.57 -0.76
CA TRP C 449 48.82 19.94 -0.25
C TRP C 449 50.18 20.62 -0.31
N SER C 450 51.06 20.17 -1.20
CA SER C 450 52.35 20.84 -1.36
C SER C 450 52.17 22.27 -1.84
N GLU C 451 51.25 22.49 -2.78
CA GLU C 451 50.91 23.80 -3.30
C GLU C 451 49.44 24.07 -3.06
N CYS C 452 49.13 25.13 -2.31
CA CYS C 452 47.74 25.39 -1.93
C CYS C 452 47.50 26.89 -1.80
N LEU C 453 46.23 27.26 -1.69
CA LEU C 453 45.80 28.65 -1.55
C LEU C 453 44.77 28.72 -0.43
N VAL C 454 45.04 29.54 0.59
CA VAL C 454 44.21 29.61 1.78
C VAL C 454 43.70 31.03 1.94
N TRP C 455 42.39 31.18 2.07
CA TRP C 455 41.78 32.47 2.37
C TRP C 455 41.37 32.52 3.84
N LEU C 456 41.60 33.67 4.46
CA LEU C 456 41.40 33.86 5.89
C LEU C 456 40.53 35.09 6.13
N ARG C 457 39.58 34.97 7.06
CA ARG C 457 38.69 36.06 7.40
C ARG C 457 38.73 36.34 8.90
N PRO C 458 38.80 37.61 9.28
CA PRO C 458 38.86 37.96 10.71
C PRO C 458 37.54 37.64 11.42
N GLU C 459 37.61 37.67 12.75
CA GLU C 459 36.43 37.39 13.57
C GLU C 459 35.37 38.47 13.35
N LEU C 460 34.11 38.02 13.26
CA LEU C 460 32.99 38.92 13.03
C LEU C 460 32.83 39.89 14.20
N ARG C 461 32.93 41.19 13.92
CA ARG C 461 32.78 42.22 14.93
C ARG C 461 31.82 43.30 14.41
N LEU C 462 30.83 43.65 15.23
CA LEU C 462 29.84 44.65 14.85
C LEU C 462 29.47 45.50 16.07
N GLU C 463 28.69 46.54 15.82
CA GLU C 463 28.22 47.46 16.84
C GLU C 463 26.70 47.55 16.80
N VAL C 464 26.12 48.00 17.90
CA VAL C 464 24.68 48.10 18.04
C VAL C 464 24.11 49.09 17.02
N LEU C 478 16.42 40.12 31.14
CA LEU C 478 15.98 39.78 29.80
C LEU C 478 15.53 41.02 29.03
N GLY C 479 16.06 41.17 27.80
CA GLY C 479 15.72 42.30 26.97
C GLY C 479 16.52 42.33 25.69
N PRO C 480 16.36 43.40 24.90
CA PRO C 480 17.13 43.50 23.65
C PRO C 480 18.62 43.65 23.89
N ARG C 481 19.02 44.46 24.86
CA ARG C 481 20.42 44.53 25.28
C ARG C 481 20.97 43.14 25.55
N HIS C 482 20.25 42.37 26.38
CA HIS C 482 20.62 40.99 26.68
C HIS C 482 20.73 40.16 25.41
N SER C 483 19.82 40.40 24.45
CA SER C 483 19.81 39.62 23.21
C SER C 483 21.07 39.88 22.38
N TRP C 484 21.43 41.16 22.22
CA TRP C 484 22.63 41.49 21.46
C TRP C 484 23.87 40.91 22.14
N ASP C 485 23.91 41.00 23.48
CA ASP C 485 25.04 40.46 24.23
C ASP C 485 25.19 38.97 23.99
N THR C 486 24.09 38.23 24.05
CA THR C 486 24.17 36.78 23.86
C THR C 486 24.43 36.42 22.39
N TYR C 487 24.03 37.28 21.45
CA TYR C 487 24.37 37.00 20.06
C TYR C 487 25.87 37.10 19.83
N LEU C 488 26.50 38.15 20.37
CA LEU C 488 27.95 38.22 20.23
C LEU C 488 28.65 37.12 21.02
N GLU C 489 28.06 36.69 22.14
CA GLU C 489 28.69 35.60 22.89
C GLU C 489 28.62 34.27 22.14
N GLU C 490 27.54 34.01 21.39
CA GLU C 490 27.45 32.75 20.67
C GLU C 490 28.31 32.70 19.41
N LYS C 491 28.65 33.85 18.83
CA LYS C 491 29.45 33.89 17.62
C LYS C 491 30.93 34.17 17.89
N ARG C 492 31.42 33.87 19.09
CA ARG C 492 32.83 34.08 19.38
C ARG C 492 33.67 33.05 18.63
N GLY C 493 34.76 33.51 18.02
CA GLY C 493 35.56 32.66 17.17
C GLY C 493 35.02 32.48 15.77
N TYR C 494 33.75 32.83 15.52
CA TYR C 494 33.15 32.72 14.21
C TYR C 494 33.52 33.91 13.34
N ALA C 495 33.28 33.78 12.05
CA ALA C 495 33.55 34.84 11.08
C ALA C 495 32.39 34.91 10.10
N GLU C 496 32.49 35.86 9.16
CA GLU C 496 31.48 36.00 8.13
C GLU C 496 31.42 34.75 7.27
N PRO C 497 30.25 34.11 7.13
CA PRO C 497 30.18 32.85 6.39
C PRO C 497 30.54 33.02 4.92
N TRP C 498 31.07 31.94 4.34
CA TRP C 498 31.47 31.94 2.93
C TRP C 498 30.24 31.84 2.05
N HIS C 499 30.06 32.81 1.16
CA HIS C 499 28.94 32.77 0.23
C HIS C 499 29.09 31.58 -0.71
N PRO C 500 28.01 30.85 -1.01
CA PRO C 500 28.13 29.68 -1.88
C PRO C 500 28.73 29.97 -3.25
N GLY C 501 28.50 31.17 -3.79
CA GLY C 501 29.11 31.53 -5.05
C GLY C 501 30.63 31.65 -4.94
N GLU C 502 31.11 32.07 -3.78
CA GLU C 502 32.56 32.13 -3.57
C GLU C 502 33.17 30.74 -3.51
N ILE C 503 32.42 29.76 -3.00
CA ILE C 503 32.90 28.38 -2.98
C ILE C 503 32.89 27.79 -4.38
N GLU C 504 31.82 28.02 -5.14
CA GLU C 504 31.76 27.58 -6.53
C GLU C 504 32.93 28.16 -7.32
N GLU C 505 33.18 29.47 -7.15
CA GLU C 505 34.30 30.09 -7.85
C GLU C 505 35.63 29.58 -7.32
N ALA C 506 35.68 29.15 -6.05
CA ALA C 506 36.92 28.59 -5.52
C ALA C 506 37.26 27.27 -6.21
N GLN C 507 36.26 26.39 -6.36
CA GLN C 507 36.51 25.13 -7.05
C GLN C 507 36.77 25.36 -8.54
N ASP C 508 36.09 26.34 -9.12
CA ASP C 508 36.36 26.69 -10.52
C ASP C 508 37.78 27.20 -10.69
N LEU C 509 38.29 27.91 -9.68
CA LEU C 509 39.63 28.47 -9.76
C LEU C 509 40.70 27.40 -9.54
N ARG C 510 40.47 26.45 -8.63
CA ARG C 510 41.42 25.36 -8.48
C ARG C 510 41.48 24.51 -9.75
N ASP C 511 40.32 24.23 -10.35
CA ASP C 511 40.32 23.44 -11.57
C ASP C 511 40.97 24.20 -12.72
N THR C 512 40.88 25.52 -12.72
CA THR C 512 41.56 26.30 -13.75
C THR C 512 43.08 26.27 -13.53
N LEU C 513 43.51 26.50 -12.29
CA LEU C 513 44.93 26.60 -11.98
C LEU C 513 45.66 25.26 -12.05
N THR C 514 44.94 24.13 -11.99
CA THR C 514 45.62 22.83 -12.05
C THR C 514 46.39 22.65 -13.36
N GLY C 515 45.81 23.07 -14.48
CA GLY C 515 46.48 22.90 -15.77
C GLY C 515 47.56 23.91 -16.09
N ALA C 516 47.66 24.99 -15.31
CA ALA C 516 48.68 26.01 -15.52
C ALA C 516 50.07 25.57 -15.06
N LEU C 517 50.18 24.49 -14.30
CA LEU C 517 51.47 24.04 -13.79
C LEU C 517 52.27 23.28 -14.84
N GLU C 518 51.63 22.77 -15.89
CA GLU C 518 52.34 22.03 -16.93
C GLU C 518 53.09 22.98 -17.85
N PRO D 22 14.56 38.70 -36.54
CA PRO D 22 14.33 40.13 -36.81
C PRO D 22 12.85 40.48 -36.90
N PHE D 23 12.50 41.73 -36.64
CA PHE D 23 11.12 42.19 -36.67
C PHE D 23 10.85 43.01 -37.94
N PHE D 24 9.64 42.86 -38.48
CA PHE D 24 9.20 43.66 -39.61
C PHE D 24 8.85 45.07 -39.16
N PRO D 25 8.99 46.06 -40.05
CA PRO D 25 8.57 47.41 -39.72
C PRO D 25 7.06 47.49 -39.55
N PRO D 26 6.57 48.40 -38.69
CA PRO D 26 5.12 48.53 -38.51
C PRO D 26 4.42 48.98 -39.78
N LEU D 27 3.10 48.76 -39.79
CA LEU D 27 2.29 49.01 -40.98
C LEU D 27 2.27 50.47 -41.40
N TYR D 28 2.41 51.39 -40.46
CA TYR D 28 2.27 52.82 -40.75
C TYR D 28 3.56 53.48 -41.22
N LEU D 29 4.64 52.72 -41.43
CA LEU D 29 5.90 53.28 -41.93
C LEU D 29 6.42 52.43 -43.08
N GLY D 30 5.52 52.09 -44.01
CA GLY D 30 5.90 51.27 -45.15
C GLY D 30 6.18 49.83 -44.81
N GLY D 31 5.58 49.32 -43.74
CA GLY D 31 5.76 47.95 -43.34
C GLY D 31 4.92 47.01 -44.17
N PRO D 32 5.39 45.77 -44.36
CA PRO D 32 4.62 44.82 -45.15
C PRO D 32 3.32 44.45 -44.48
N GLU D 33 2.33 44.10 -45.31
CA GLU D 33 1.02 43.74 -44.79
C GLU D 33 1.10 42.48 -43.94
N ILE D 34 0.42 42.51 -42.79
CA ILE D 34 0.45 41.40 -41.85
C ILE D 34 -0.44 40.28 -42.38
N THR D 35 0.17 39.14 -42.67
CA THR D 35 -0.54 37.97 -43.20
C THR D 35 -0.36 36.78 -42.27
N THR D 36 -1.02 35.68 -42.64
CA THR D 36 -0.94 34.45 -41.85
C THR D 36 0.43 33.79 -41.93
N GLU D 37 1.24 34.15 -42.93
CA GLU D 37 2.55 33.54 -43.10
C GLU D 37 3.65 34.27 -42.33
N ASN D 38 3.52 35.58 -42.13
CA ASN D 38 4.52 36.39 -41.46
C ASN D 38 3.98 37.00 -40.17
N CYS D 39 3.13 36.27 -39.46
CA CYS D 39 2.60 36.77 -38.19
C CYS D 39 3.60 36.64 -37.06
N GLU D 40 4.65 35.85 -37.24
CA GLU D 40 5.64 35.67 -36.18
C GLU D 40 6.48 36.92 -35.96
N ARG D 41 6.74 37.68 -37.03
CA ARG D 41 7.61 38.84 -36.98
C ARG D 41 6.85 40.15 -36.88
N GLU D 42 5.61 40.11 -36.40
CA GLU D 42 4.79 41.32 -36.31
C GLU D 42 5.17 42.12 -35.07
N PRO D 43 5.57 43.39 -35.20
CA PRO D 43 5.88 44.20 -34.02
C PRO D 43 4.64 44.62 -33.24
N ILE D 44 4.08 43.70 -32.46
CA ILE D 44 2.88 44.01 -31.68
C ILE D 44 3.14 45.01 -30.57
N HIS D 45 4.41 45.27 -30.24
CA HIS D 45 4.73 46.20 -29.16
C HIS D 45 4.63 47.67 -29.60
N ILE D 46 4.67 47.94 -30.90
CA ILE D 46 4.57 49.30 -31.41
C ILE D 46 3.50 49.36 -32.49
N PRO D 47 2.22 49.14 -32.17
CA PRO D 47 1.17 49.25 -33.19
C PRO D 47 0.85 50.67 -33.59
N GLY D 48 1.32 51.67 -32.84
CA GLY D 48 1.00 53.04 -33.14
C GLY D 48 -0.44 53.41 -32.93
N SER D 49 -1.20 52.59 -32.19
CA SER D 49 -2.62 52.84 -31.97
C SER D 49 -3.04 52.21 -30.65
N ILE D 50 -4.17 52.67 -30.14
CA ILE D 50 -4.71 52.19 -28.88
C ILE D 50 -6.14 51.68 -29.11
N GLN D 51 -6.70 51.07 -28.07
CA GLN D 51 -8.07 50.60 -28.13
C GLN D 51 -9.05 51.74 -27.87
N PRO D 52 -10.20 51.76 -28.54
CA PRO D 52 -11.10 52.92 -28.46
C PRO D 52 -11.86 53.06 -27.14
N HIS D 53 -11.66 52.17 -26.17
CA HIS D 53 -12.37 52.24 -24.90
C HIS D 53 -11.66 53.09 -23.85
N GLY D 54 -10.63 53.83 -24.25
CA GLY D 54 -9.91 54.66 -23.32
C GLY D 54 -9.12 55.73 -24.06
N ALA D 55 -8.33 56.49 -23.30
CA ALA D 55 -7.52 57.55 -23.89
C ALA D 55 -6.08 57.44 -23.41
N LEU D 56 -5.13 57.80 -24.28
CA LEU D 56 -3.72 57.68 -23.98
C LEU D 56 -3.00 58.98 -24.31
N LEU D 57 -2.08 59.39 -23.43
CA LEU D 57 -1.28 60.59 -23.62
C LEU D 57 0.19 60.26 -23.32
N THR D 58 1.11 60.98 -23.96
CA THR D 58 2.53 60.86 -23.67
C THR D 58 3.12 62.23 -23.38
N ALA D 59 3.95 62.30 -22.34
CA ALA D 59 4.57 63.57 -21.96
C ALA D 59 6.04 63.34 -21.64
N ASP D 60 6.81 64.43 -21.65
CA ASP D 60 8.23 64.36 -21.34
C ASP D 60 8.44 64.02 -19.86
N GLY D 61 9.45 63.18 -19.59
CA GLY D 61 9.70 62.73 -18.24
C GLY D 61 10.19 63.81 -17.29
N HIS D 62 10.82 64.86 -17.82
CA HIS D 62 11.35 65.94 -16.98
C HIS D 62 10.42 67.15 -16.94
N SER D 63 10.08 67.69 -18.11
CA SER D 63 9.25 68.89 -18.16
C SER D 63 7.78 68.55 -17.96
N GLY D 64 7.29 67.54 -18.67
CA GLY D 64 5.88 67.19 -18.64
C GLY D 64 5.06 67.70 -19.80
N GLU D 65 5.69 68.22 -20.84
CA GLU D 65 4.97 68.73 -21.99
C GLU D 65 4.33 67.59 -22.78
N VAL D 66 3.01 67.68 -22.97
CA VAL D 66 2.28 66.65 -23.70
C VAL D 66 2.74 66.64 -25.16
N LEU D 67 3.17 65.47 -25.63
CA LEU D 67 3.67 65.33 -26.99
C LEU D 67 2.64 64.65 -27.89
N GLN D 68 2.58 63.32 -27.82
CA GLN D 68 1.65 62.57 -28.64
C GLN D 68 0.27 62.53 -27.99
N MET D 69 -0.76 62.32 -28.81
CA MET D 69 -2.14 62.29 -28.34
C MET D 69 -2.93 61.31 -29.17
N SER D 70 -3.89 60.64 -28.52
CA SER D 70 -4.84 59.79 -29.22
C SER D 70 -5.98 60.63 -29.77
N LEU D 71 -6.51 60.20 -30.92
CA LEU D 71 -7.53 60.97 -31.61
C LEU D 71 -8.82 61.10 -30.82
N ASN D 72 -9.06 60.20 -29.86
CA ASN D 72 -10.25 60.24 -29.02
C ASN D 72 -10.05 60.98 -27.71
N ALA D 73 -8.83 61.43 -27.42
CA ALA D 73 -8.57 62.12 -26.15
C ALA D 73 -9.36 63.42 -26.05
N ALA D 74 -9.64 64.06 -27.18
CA ALA D 74 -10.43 65.30 -27.16
C ALA D 74 -11.84 65.04 -26.62
N THR D 75 -12.48 63.97 -27.08
CA THR D 75 -13.82 63.66 -26.62
C THR D 75 -13.79 63.13 -25.18
N PHE D 76 -12.79 62.32 -24.84
CA PHE D 76 -12.74 61.71 -23.52
C PHE D 76 -12.48 62.74 -22.44
N LEU D 77 -11.41 63.51 -22.59
CA LEU D 77 -11.04 64.48 -21.56
C LEU D 77 -11.96 65.68 -21.53
N GLY D 78 -12.67 65.96 -22.63
CA GLY D 78 -13.54 67.11 -22.71
C GLY D 78 -12.86 68.39 -23.10
N GLN D 79 -11.61 68.33 -23.56
CA GLN D 79 -10.85 69.50 -23.97
C GLN D 79 -10.41 69.35 -25.42
N GLU D 80 -10.31 70.49 -26.11
CA GLU D 80 -9.93 70.49 -27.51
C GLU D 80 -8.53 69.90 -27.68
N PRO D 81 -8.27 69.24 -28.82
CA PRO D 81 -6.99 68.53 -28.99
C PRO D 81 -5.80 69.42 -29.30
N THR D 82 -6.03 70.52 -30.05
CA THR D 82 -4.91 71.38 -30.43
C THR D 82 -4.31 72.11 -29.23
N VAL D 83 -5.16 72.62 -28.32
CA VAL D 83 -4.65 73.32 -27.14
C VAL D 83 -4.00 72.33 -26.18
N LEU D 84 -4.54 71.12 -26.08
CA LEU D 84 -4.05 70.15 -25.11
C LEU D 84 -2.59 69.77 -25.37
N ARG D 85 -2.22 69.59 -26.64
CA ARG D 85 -0.85 69.24 -26.97
C ARG D 85 0.08 70.42 -26.75
N GLY D 86 1.32 70.13 -26.39
CA GLY D 86 2.26 71.18 -26.06
C GLY D 86 1.96 71.93 -24.78
N GLN D 87 1.21 71.32 -23.88
CA GLN D 87 0.83 71.92 -22.61
C GLN D 87 1.35 71.02 -21.48
N THR D 88 2.00 71.64 -20.49
CA THR D 88 2.58 70.87 -19.40
C THR D 88 1.51 70.20 -18.56
N LEU D 89 1.86 69.04 -18.00
CA LEU D 89 0.96 68.32 -17.12
C LEU D 89 0.68 69.07 -15.83
N ALA D 90 1.59 69.96 -15.43
CA ALA D 90 1.35 70.77 -14.23
C ALA D 90 0.14 71.68 -14.41
N ALA D 91 -0.15 72.09 -15.64
CA ALA D 91 -1.33 72.91 -15.89
C ALA D 91 -2.61 72.09 -15.86
N LEU D 92 -2.56 70.85 -16.36
CA LEU D 92 -3.75 70.01 -16.38
C LEU D 92 -4.09 69.49 -14.99
N LEU D 93 -3.12 68.85 -14.33
CA LEU D 93 -3.32 68.22 -13.03
C LEU D 93 -2.29 68.73 -12.04
N PRO D 94 -2.48 69.93 -11.49
CA PRO D 94 -1.52 70.45 -10.50
C PRO D 94 -1.50 69.66 -9.21
N GLU D 95 -2.56 68.90 -8.92
CA GLU D 95 -2.63 68.14 -7.68
C GLU D 95 -1.89 66.80 -7.78
N GLN D 96 -1.84 66.21 -8.97
CA GLN D 96 -1.24 64.90 -9.15
C GLN D 96 0.14 64.94 -9.79
N TRP D 97 0.48 66.05 -10.45
CA TRP D 97 1.77 66.16 -11.14
C TRP D 97 2.97 65.96 -10.22
N PRO D 98 3.05 66.55 -9.02
CA PRO D 98 4.25 66.31 -8.19
C PRO D 98 4.42 64.87 -7.75
N ALA D 99 3.34 64.20 -7.35
CA ALA D 99 3.45 62.80 -6.93
C ALA D 99 3.81 61.88 -8.10
N LEU D 100 3.47 62.27 -9.32
CA LEU D 100 3.77 61.43 -10.48
C LEU D 100 5.26 61.27 -10.70
N GLN D 101 6.01 62.39 -10.65
CA GLN D 101 7.45 62.30 -10.82
C GLN D 101 8.12 61.58 -9.65
N ALA D 102 7.56 61.71 -8.45
CA ALA D 102 8.13 61.03 -7.30
C ALA D 102 7.94 59.53 -7.38
N ALA D 103 6.78 59.07 -7.85
CA ALA D 103 6.50 57.64 -7.88
C ALA D 103 7.27 56.94 -9.00
N LEU D 104 7.57 57.65 -10.10
CA LEU D 104 8.23 57.08 -11.27
C LEU D 104 9.54 57.81 -11.54
N PRO D 105 10.63 57.42 -10.87
CA PRO D 105 11.90 58.07 -11.13
C PRO D 105 12.47 57.64 -12.47
N PRO D 106 13.31 58.47 -13.09
CA PRO D 106 13.90 58.08 -14.38
C PRO D 106 14.81 56.87 -14.23
N GLY D 107 14.66 55.93 -15.17
CA GLY D 107 15.40 54.69 -15.16
C GLY D 107 14.64 53.51 -14.59
N CYS D 108 13.46 53.75 -14.02
CA CYS D 108 12.67 52.67 -13.46
C CYS D 108 12.13 51.76 -14.57
N PRO D 109 11.90 50.48 -14.26
CA PRO D 109 11.36 49.59 -15.28
C PRO D 109 9.96 50.01 -15.73
N ASP D 110 9.66 49.71 -16.99
CA ASP D 110 8.37 50.08 -17.58
C ASP D 110 7.20 49.33 -16.95
N ALA D 111 7.46 48.22 -16.26
CA ALA D 111 6.38 47.48 -15.60
C ALA D 111 5.76 48.27 -14.47
N LEU D 112 6.50 49.21 -13.87
CA LEU D 112 5.99 50.00 -12.76
C LEU D 112 4.81 50.87 -13.21
N GLN D 113 3.64 50.63 -12.61
CA GLN D 113 2.43 51.36 -12.93
C GLN D 113 1.95 52.14 -11.71
N TYR D 114 1.46 53.35 -11.94
CA TYR D 114 0.86 54.18 -10.91
C TYR D 114 -0.58 54.50 -11.29
N ARG D 115 -1.51 54.25 -10.37
CA ARG D 115 -2.93 54.48 -10.62
C ARG D 115 -3.50 55.48 -9.61
N ALA D 116 -4.33 56.39 -10.09
CA ALA D 116 -4.95 57.39 -9.23
C ALA D 116 -6.32 57.76 -9.81
N THR D 117 -7.15 58.37 -8.97
CA THR D 117 -8.51 58.76 -9.35
C THR D 117 -8.58 60.27 -9.56
N LEU D 118 -9.21 60.66 -10.66
CA LEU D 118 -9.41 62.04 -11.06
C LEU D 118 -10.90 62.36 -11.08
N ASP D 119 -11.22 63.64 -10.89
CA ASP D 119 -12.60 64.14 -10.93
C ASP D 119 -12.70 65.22 -11.99
N TRP D 120 -13.44 64.94 -13.06
CA TRP D 120 -13.62 65.90 -14.14
C TRP D 120 -15.06 66.37 -14.24
N ALA D 123 -16.23 64.52 -18.11
CA ALA D 123 -17.04 65.35 -17.22
C ALA D 123 -17.32 64.63 -15.91
N GLY D 124 -16.82 63.41 -15.78
CA GLY D 124 -17.03 62.62 -14.59
C GLY D 124 -15.74 62.06 -13.99
N HIS D 125 -15.87 61.04 -13.17
CA HIS D 125 -14.71 60.43 -12.51
C HIS D 125 -13.91 59.59 -13.50
N LEU D 126 -12.59 59.73 -13.45
CA LEU D 126 -11.70 59.03 -14.36
C LEU D 126 -10.59 58.35 -13.58
N SER D 127 -10.09 57.25 -14.13
CA SER D 127 -9.00 56.45 -13.58
C SER D 127 -7.76 56.64 -14.45
N LEU D 128 -6.71 57.16 -13.84
CA LEU D 128 -5.44 57.42 -14.50
C LEU D 128 -4.41 56.33 -14.16
N THR D 129 -3.76 55.79 -15.19
CA THR D 129 -2.75 54.75 -15.04
C THR D 129 -1.53 55.14 -15.87
N VAL D 130 -0.43 55.51 -15.19
CA VAL D 130 0.76 56.05 -15.84
C VAL D 130 1.93 55.11 -15.60
N HIS D 131 2.73 54.90 -16.64
CA HIS D 131 3.99 54.17 -16.50
C HIS D 131 5.06 54.89 -17.28
N ARG D 132 6.32 54.72 -16.86
CA ARG D 132 7.46 55.43 -17.42
C ARG D 132 8.29 54.49 -18.30
N VAL D 133 8.47 54.87 -19.55
CA VAL D 133 9.36 54.18 -20.48
C VAL D 133 10.42 55.18 -20.90
N GLY D 134 11.64 54.99 -20.39
CA GLY D 134 12.74 55.89 -20.76
C GLY D 134 12.46 57.31 -20.32
N GLU D 135 12.52 58.23 -21.28
CA GLU D 135 12.25 59.64 -21.05
C GLU D 135 10.80 60.01 -21.38
N LEU D 136 9.91 59.02 -21.46
CA LEU D 136 8.53 59.27 -21.86
C LEU D 136 7.58 58.71 -20.79
N LEU D 137 6.64 59.54 -20.36
CA LEU D 137 5.59 59.14 -19.44
C LEU D 137 4.32 58.86 -20.23
N ILE D 138 3.76 57.66 -20.03
CA ILE D 138 2.56 57.21 -20.74
C ILE D 138 1.40 57.19 -19.76
N LEU D 139 0.41 58.03 -20.02
CA LEU D 139 -0.79 58.18 -19.20
C LEU D 139 -1.98 57.52 -19.88
N GLU D 140 -2.78 56.81 -19.09
CA GLU D 140 -3.97 56.11 -19.55
C GLU D 140 -5.19 56.59 -18.77
N PHE D 141 -6.30 56.78 -19.47
CA PHE D 141 -7.54 57.29 -18.89
C PHE D 141 -8.67 56.34 -19.22
N GLU D 142 -9.30 55.78 -18.18
CA GLU D 142 -10.50 54.95 -18.31
C GLU D 142 -11.52 55.36 -17.26
N PRO D 143 -12.81 55.23 -17.53
CA PRO D 143 -13.81 55.59 -16.51
C PRO D 143 -13.82 54.62 -15.33
N THR D 144 -13.94 55.19 -14.13
CA THR D 144 -13.90 54.45 -12.87
C THR D 144 -15.16 54.74 -12.05
N GLU D 145 -15.23 54.13 -10.87
CA GLU D 145 -16.32 54.34 -9.92
C GLU D 145 -15.76 54.71 -8.56
N ALA D 154 -14.28 38.72 0.96
CA ALA D 154 -14.46 37.69 -0.06
C ALA D 154 -13.14 37.30 -0.70
N LEU D 155 -12.27 38.29 -0.91
CA LEU D 155 -10.98 38.04 -1.52
C LEU D 155 -10.08 37.21 -0.61
N ARG D 156 -10.06 37.54 0.68
CA ARG D 156 -9.26 36.81 1.65
C ARG D 156 -9.60 35.32 1.65
N ASN D 157 -10.91 35.01 1.64
CA ASN D 157 -11.35 33.62 1.58
C ASN D 157 -10.77 32.91 0.37
N ALA D 158 -10.74 33.59 -0.79
CA ALA D 158 -10.13 32.99 -1.97
C ALA D 158 -8.65 32.74 -1.77
N MET D 159 -7.96 33.69 -1.10
CA MET D 159 -6.54 33.52 -0.83
C MET D 159 -6.27 32.26 -0.02
N PHE D 160 -6.92 32.14 1.14
CA PHE D 160 -6.73 30.95 1.97
C PHE D 160 -7.19 29.69 1.26
N ALA D 161 -8.21 29.78 0.42
CA ALA D 161 -8.63 28.63 -0.36
C ALA D 161 -7.52 28.16 -1.30
N LEU D 162 -6.81 29.09 -1.93
CA LEU D 162 -5.72 28.71 -2.81
C LEU D 162 -4.55 28.15 -2.03
N GLU D 163 -4.24 28.71 -0.85
CA GLU D 163 -3.07 28.24 -0.12
C GLU D 163 -3.26 26.83 0.45
N SER D 164 -4.51 26.43 0.70
CA SER D 164 -4.78 25.12 1.29
C SER D 164 -5.10 24.06 0.24
N ALA D 165 -4.45 24.12 -0.94
CA ALA D 165 -4.68 23.16 -2.02
C ALA D 165 -3.69 22.00 -1.92
N PRO D 166 -4.18 20.76 -2.08
CA PRO D 166 -3.28 19.60 -1.95
C PRO D 166 -2.27 19.50 -3.07
N ASN D 167 -2.71 19.64 -4.32
CA ASN D 167 -1.83 19.49 -5.48
C ASN D 167 -2.11 20.60 -6.49
N LEU D 168 -1.43 20.51 -7.64
CA LEU D 168 -1.53 21.53 -8.67
C LEU D 168 -2.93 21.58 -9.29
N ARG D 169 -3.51 20.41 -9.59
CA ARG D 169 -4.77 20.35 -10.33
C ARG D 169 -5.89 21.07 -9.58
N ALA D 170 -6.07 20.72 -8.29
CA ALA D 170 -7.10 21.38 -7.49
C ALA D 170 -6.87 22.88 -7.43
N LEU D 171 -5.61 23.29 -7.32
CA LEU D 171 -5.28 24.71 -7.27
C LEU D 171 -5.75 25.43 -8.53
N ALA D 172 -5.51 24.82 -9.70
CA ALA D 172 -5.91 25.45 -10.95
C ALA D 172 -7.43 25.52 -11.08
N GLU D 173 -8.12 24.45 -10.69
CA GLU D 173 -9.59 24.46 -10.77
C GLU D 173 -10.18 25.57 -9.90
N VAL D 174 -9.71 25.67 -8.65
CA VAL D 174 -10.22 26.69 -7.75
C VAL D 174 -9.90 28.08 -8.29
N ALA D 175 -8.72 28.25 -8.88
CA ALA D 175 -8.36 29.55 -9.44
C ALA D 175 -9.33 29.97 -10.54
N THR D 176 -9.56 29.09 -11.51
CA THR D 176 -10.44 29.43 -12.63
C THR D 176 -11.85 29.78 -12.15
N GLN D 177 -12.42 28.94 -11.28
CA GLN D 177 -13.78 29.23 -10.81
C GLN D 177 -13.84 30.55 -10.07
N THR D 178 -12.80 30.87 -9.29
CA THR D 178 -12.78 32.14 -8.57
C THR D 178 -12.78 33.31 -9.54
N VAL D 179 -11.93 33.24 -10.57
CA VAL D 179 -11.90 34.32 -11.57
C VAL D 179 -13.26 34.51 -12.20
N ARG D 180 -13.94 33.41 -12.56
CA ARG D 180 -15.27 33.54 -13.14
C ARG D 180 -16.24 34.22 -12.17
N GLU D 181 -16.13 33.89 -10.88
CA GLU D 181 -17.01 34.52 -9.90
C GLU D 181 -16.77 36.04 -9.83
N LEU D 182 -15.51 36.47 -9.85
CA LEU D 182 -15.25 37.90 -9.69
C LEU D 182 -15.56 38.69 -10.95
N THR D 183 -15.23 38.15 -12.12
CA THR D 183 -15.38 38.92 -13.35
C THR D 183 -16.77 38.77 -13.98
N GLY D 184 -17.24 37.55 -14.11
CA GLY D 184 -18.48 37.27 -14.80
C GLY D 184 -18.32 36.81 -16.24
N PHE D 185 -17.11 36.45 -16.65
CA PHE D 185 -16.88 35.98 -18.00
C PHE D 185 -17.60 34.66 -18.26
N ASP D 186 -17.98 34.45 -19.52
CA ASP D 186 -18.63 33.19 -19.89
C ASP D 186 -17.66 32.02 -19.77
N ARG D 187 -16.40 32.20 -20.18
CA ARG D 187 -15.43 31.12 -20.10
C ARG D 187 -14.12 31.64 -19.53
N VAL D 188 -13.51 30.85 -18.65
CA VAL D 188 -12.22 31.19 -18.07
C VAL D 188 -11.40 29.91 -17.95
N MET D 189 -10.24 29.88 -18.60
CA MET D 189 -9.41 28.69 -18.64
C MET D 189 -7.99 29.04 -18.24
N LEU D 190 -7.19 28.01 -17.98
CA LEU D 190 -5.80 28.15 -17.57
C LEU D 190 -4.91 27.27 -18.44
N TYR D 191 -3.95 27.91 -19.11
CA TYR D 191 -2.96 27.19 -19.90
C TYR D 191 -1.71 26.96 -19.08
N LYS D 192 -1.12 25.78 -19.24
CA LYS D 192 0.21 25.46 -18.73
C LYS D 192 1.13 25.28 -19.91
N PHE D 193 2.32 25.89 -19.84
CA PHE D 193 3.28 25.83 -20.93
C PHE D 193 4.28 24.70 -20.68
N ALA D 194 4.21 23.66 -21.51
CA ALA D 194 5.13 22.54 -21.43
C ALA D 194 6.54 22.98 -21.84
N PRO D 195 7.57 22.23 -21.44
CA PRO D 195 8.95 22.60 -21.80
C PRO D 195 9.17 22.86 -23.28
N ASP D 196 8.41 22.23 -24.17
CA ASP D 196 8.55 22.44 -25.61
C ASP D 196 7.75 23.66 -26.10
N ALA D 197 7.51 24.64 -25.22
CA ALA D 197 6.84 25.92 -25.48
C ALA D 197 5.38 25.76 -25.90
N THR D 198 4.85 24.55 -25.92
CA THR D 198 3.46 24.34 -26.26
C THR D 198 2.58 24.62 -25.05
N GLY D 199 1.26 24.55 -25.23
CA GLY D 199 0.34 24.84 -24.17
C GLY D 199 -0.65 23.71 -23.96
N GLU D 200 -1.29 23.72 -22.79
CA GLU D 200 -2.31 22.72 -22.47
C GLU D 200 -3.29 23.30 -21.47
N VAL D 201 -4.58 23.17 -21.77
CA VAL D 201 -5.63 23.64 -20.87
C VAL D 201 -5.76 22.66 -19.72
N ILE D 202 -5.35 23.08 -18.53
CA ILE D 202 -5.43 22.18 -17.38
C ILE D 202 -6.68 22.39 -16.53
N ALA D 203 -7.38 23.51 -16.70
CA ALA D 203 -8.61 23.78 -15.97
C ALA D 203 -9.46 24.74 -16.77
N GLU D 204 -10.78 24.66 -16.56
CA GLU D 204 -11.70 25.49 -17.33
C GLU D 204 -12.99 25.66 -16.54
N ALA D 205 -13.54 26.87 -16.60
CA ALA D 205 -14.85 27.18 -16.01
C ALA D 205 -15.67 27.91 -17.07
N ARG D 206 -16.73 27.26 -17.57
CA ARG D 206 -17.50 27.80 -18.68
C ARG D 206 -18.98 27.84 -18.31
N ARG D 207 -19.73 28.57 -19.12
CA ARG D 207 -21.18 28.62 -18.98
C ARG D 207 -21.81 27.40 -19.66
N GLU D 208 -22.92 26.93 -19.08
CA GLU D 208 -23.60 25.76 -19.60
C GLU D 208 -24.09 26.00 -21.03
N GLY D 209 -23.72 25.10 -21.93
CA GLY D 209 -24.07 25.20 -23.32
C GLY D 209 -22.97 25.70 -24.22
N LEU D 210 -21.71 25.41 -23.90
CA LEU D 210 -20.57 25.85 -24.69
C LEU D 210 -19.59 24.71 -24.83
N HIS D 211 -18.88 24.68 -25.96
CA HIS D 211 -17.91 23.62 -26.22
C HIS D 211 -16.79 23.66 -25.19
N ALA D 212 -16.34 22.49 -24.76
CA ALA D 212 -15.33 22.38 -23.73
C ALA D 212 -13.94 22.38 -24.35
N PHE D 213 -13.04 23.17 -23.76
CA PHE D 213 -11.63 23.18 -24.16
C PHE D 213 -10.73 22.48 -23.14
N LEU D 214 -11.31 21.86 -22.13
CA LEU D 214 -10.52 21.17 -21.11
C LEU D 214 -9.75 20.01 -21.73
N GLY D 215 -8.43 20.01 -21.55
CA GLY D 215 -7.57 19.01 -22.14
C GLY D 215 -7.03 19.38 -23.50
N HIS D 216 -7.57 20.41 -24.13
CA HIS D 216 -7.10 20.84 -25.44
C HIS D 216 -5.70 21.42 -25.34
N ARG D 217 -4.88 21.13 -26.34
CA ARG D 217 -3.50 21.59 -26.40
C ARG D 217 -3.27 22.34 -27.71
N PHE D 218 -2.41 23.35 -27.66
CA PHE D 218 -2.13 24.17 -28.83
C PHE D 218 -0.62 24.29 -29.02
N PRO D 219 -0.18 24.43 -30.27
CA PRO D 219 1.27 24.46 -30.54
C PRO D 219 1.90 25.77 -30.09
N ALA D 220 3.23 25.74 -30.03
CA ALA D 220 3.97 26.93 -29.63
C ALA D 220 3.86 28.04 -30.67
N SER D 221 3.61 27.69 -31.93
CA SER D 221 3.50 28.69 -32.99
C SER D 221 2.29 29.59 -32.81
N ASP D 222 1.28 29.16 -32.03
CA ASP D 222 0.08 29.96 -31.87
C ASP D 222 0.35 31.23 -31.05
N ILE D 223 1.38 31.23 -30.22
CA ILE D 223 1.75 32.42 -29.46
C ILE D 223 3.19 32.79 -29.80
N PRO D 224 3.41 33.87 -30.54
CA PRO D 224 4.78 34.24 -30.95
C PRO D 224 5.65 34.56 -29.75
N ALA D 225 6.97 34.59 -30.01
CA ALA D 225 7.94 34.85 -28.95
C ALA D 225 7.73 36.22 -28.31
N GLN D 226 7.53 37.26 -29.14
CA GLN D 226 7.39 38.60 -28.60
C GLN D 226 6.12 38.72 -27.75
N ALA D 227 5.04 38.05 -28.14
CA ALA D 227 3.83 38.06 -27.32
C ALA D 227 4.06 37.35 -25.99
N ARG D 228 4.81 36.25 -26.01
CA ARG D 228 5.10 35.50 -24.79
C ARG D 228 5.93 36.34 -23.81
N ALA D 229 7.04 36.90 -24.29
CA ALA D 229 7.86 37.74 -23.42
C ALA D 229 7.10 38.97 -22.95
N LEU D 230 6.26 39.52 -23.82
CA LEU D 230 5.45 40.68 -23.43
C LEU D 230 4.48 40.30 -22.32
N TYR D 231 3.96 39.08 -22.35
CA TYR D 231 3.14 38.60 -21.25
C TYR D 231 3.98 38.39 -19.99
N THR D 232 5.26 38.05 -20.16
CA THR D 232 6.11 37.83 -18.99
C THR D 232 6.38 39.13 -18.25
N ARG D 233 6.67 40.21 -18.98
CA ARG D 233 7.01 41.45 -18.29
C ARG D 233 5.77 42.19 -17.77
N HIS D 234 4.64 42.06 -18.47
CA HIS D 234 3.39 42.69 -18.05
C HIS D 234 2.31 41.61 -17.93
N LEU D 235 1.85 41.37 -16.71
CA LEU D 235 1.03 40.19 -16.44
C LEU D 235 -0.37 40.27 -17.04
N LEU D 236 -0.92 41.46 -17.19
CA LEU D 236 -2.31 41.62 -17.59
C LEU D 236 -2.41 42.23 -18.99
N ARG D 237 -3.34 41.70 -19.78
CA ARG D 237 -3.57 42.19 -21.14
C ARG D 237 -5.05 41.98 -21.50
N LEU D 238 -5.69 43.00 -22.04
CA LEU D 238 -7.12 42.94 -22.33
C LEU D 238 -7.42 43.41 -23.74
N THR D 239 -8.47 42.83 -24.32
CA THR D 239 -9.04 43.19 -25.61
C THR D 239 -10.53 43.36 -25.41
N ALA D 240 -10.98 44.62 -25.32
CA ALA D 240 -12.37 44.91 -25.00
C ALA D 240 -13.32 44.48 -26.11
N ASP D 241 -13.08 44.95 -27.33
CA ASP D 241 -13.97 44.67 -28.46
C ASP D 241 -13.14 44.14 -29.62
N THR D 242 -13.47 42.93 -30.07
CA THR D 242 -12.73 42.28 -31.14
C THR D 242 -13.10 42.78 -32.53
N ARG D 243 -14.20 43.53 -32.65
CA ARG D 243 -14.63 44.06 -33.94
C ARG D 243 -14.54 45.57 -33.99
N ALA D 244 -13.87 46.20 -33.02
CA ALA D 244 -13.69 47.63 -32.99
C ALA D 244 -12.35 48.00 -33.60
N ALA D 245 -12.30 49.13 -34.30
CA ALA D 245 -11.07 49.58 -34.92
C ALA D 245 -10.21 50.36 -33.93
N ALA D 246 -8.90 50.18 -34.04
CA ALA D 246 -7.98 50.87 -33.14
C ALA D 246 -7.93 52.36 -33.46
N VAL D 247 -7.57 53.15 -32.46
CA VAL D 247 -7.50 54.60 -32.58
C VAL D 247 -6.03 55.00 -32.71
N PRO D 248 -5.62 55.57 -33.83
CA PRO D 248 -4.20 55.93 -34.01
C PRO D 248 -3.80 57.06 -33.07
N LEU D 249 -2.49 57.27 -33.00
CA LEU D 249 -1.89 58.35 -32.22
C LEU D 249 -1.47 59.50 -33.12
N ASP D 250 -1.58 60.71 -32.60
CA ASP D 250 -1.21 61.91 -33.35
C ASP D 250 -0.19 62.75 -32.56
N PRO D 251 1.07 62.76 -33.01
CA PRO D 251 1.57 62.03 -34.18
C PRO D 251 1.81 60.54 -33.89
N VAL D 252 2.01 59.75 -34.96
CA VAL D 252 2.19 58.32 -34.77
C VAL D 252 3.57 58.01 -34.22
N LEU D 253 4.56 58.85 -34.55
CA LEU D 253 5.92 58.68 -34.06
C LEU D 253 6.22 59.67 -32.95
N ASN D 254 7.23 59.35 -32.15
CA ASN D 254 7.62 60.20 -31.03
C ASN D 254 8.46 61.36 -31.56
N PRO D 255 7.95 62.59 -31.53
CA PRO D 255 8.66 63.72 -32.16
C PRO D 255 10.06 63.97 -31.64
N GLN D 256 10.36 63.60 -30.39
CA GLN D 256 11.70 63.86 -29.85
C GLN D 256 12.76 63.04 -30.57
N THR D 257 12.43 61.81 -30.95
CA THR D 257 13.40 60.90 -31.55
C THR D 257 12.99 60.38 -32.92
N ASN D 258 11.79 60.70 -33.40
CA ASN D 258 11.27 60.19 -34.67
C ASN D 258 11.29 58.66 -34.70
N ALA D 259 10.93 58.04 -33.58
CA ALA D 259 10.96 56.60 -33.42
C ALA D 259 9.62 56.09 -32.93
N PRO D 260 9.26 54.85 -33.27
CA PRO D 260 7.99 54.29 -32.78
C PRO D 260 7.85 54.38 -31.27
N THR D 261 6.61 54.55 -30.81
CA THR D 261 6.33 54.71 -29.40
C THR D 261 6.11 53.36 -28.75
N PRO D 262 6.88 52.99 -27.73
CA PRO D 262 6.70 51.69 -27.07
C PRO D 262 5.40 51.65 -26.28
N LEU D 263 4.53 50.71 -26.66
CA LEU D 263 3.23 50.54 -26.01
C LEU D 263 3.12 49.20 -25.28
N GLY D 264 4.24 48.55 -25.02
CA GLY D 264 4.21 47.27 -24.31
C GLY D 264 3.67 47.39 -22.90
N GLY D 265 3.98 48.49 -22.22
CA GLY D 265 3.45 48.71 -20.89
C GLY D 265 2.02 49.21 -20.85
N ALA D 266 1.53 49.74 -21.97
CA ALA D 266 0.17 50.26 -22.03
C ALA D 266 -0.83 49.11 -22.13
N VAL D 267 -1.80 49.09 -21.21
CA VAL D 267 -2.86 48.11 -21.29
C VAL D 267 -3.83 48.43 -22.42
N LEU D 268 -3.85 49.68 -22.88
CA LEU D 268 -4.70 50.08 -24.00
C LEU D 268 -4.04 49.83 -25.35
N ARG D 269 -2.92 49.12 -25.38
CA ARG D 269 -2.23 48.83 -26.63
C ARG D 269 -3.15 48.10 -27.59
N ALA D 270 -3.11 48.52 -28.86
CA ALA D 270 -3.94 47.89 -29.88
C ALA D 270 -3.52 46.43 -30.10
N THR D 271 -4.50 45.52 -30.00
CA THR D 271 -4.25 44.12 -30.21
C THR D 271 -3.96 43.84 -31.69
N SER D 272 -3.09 42.87 -31.94
CA SER D 272 -2.74 42.50 -33.30
C SER D 272 -3.98 42.12 -34.09
N PRO D 273 -4.10 42.56 -35.35
CA PRO D 273 -5.29 42.21 -36.15
C PRO D 273 -5.45 40.72 -36.38
N MET D 274 -4.34 39.97 -36.45
CA MET D 274 -4.42 38.53 -36.66
C MET D 274 -5.15 37.85 -35.51
N HIS D 275 -4.79 38.22 -34.28
CA HIS D 275 -5.42 37.66 -33.10
C HIS D 275 -6.90 38.04 -33.04
N MET D 276 -7.23 39.24 -33.50
CA MET D 276 -8.64 39.64 -33.57
C MET D 276 -9.40 38.75 -34.55
N GLN D 277 -8.77 38.39 -35.67
CA GLN D 277 -9.40 37.45 -36.59
C GLN D 277 -9.61 36.10 -35.94
N TYR D 278 -8.66 35.67 -35.11
CA TYR D 278 -8.83 34.40 -34.39
C TYR D 278 -10.03 34.45 -33.45
N LEU D 279 -10.06 35.47 -32.57
CA LEU D 279 -11.15 35.56 -31.61
C LEU D 279 -12.50 35.71 -32.30
N ARG D 280 -12.55 36.40 -33.45
CA ARG D 280 -13.79 36.43 -34.19
C ARG D 280 -14.15 35.06 -34.75
N ASN D 281 -13.14 34.26 -35.12
CA ASN D 281 -13.43 32.89 -35.53
C ASN D 281 -13.88 32.03 -34.36
N MET D 282 -13.67 32.48 -33.12
CA MET D 282 -14.18 31.76 -31.96
C MET D 282 -15.52 32.27 -31.46
N GLY D 283 -16.04 33.37 -32.01
CA GLY D 283 -17.24 33.96 -31.48
C GLY D 283 -17.03 34.70 -30.18
N VAL D 284 -15.78 35.03 -29.86
CA VAL D 284 -15.42 35.69 -28.61
C VAL D 284 -15.34 37.20 -28.85
N GLY D 285 -16.11 37.96 -28.07
CA GLY D 285 -16.12 39.40 -28.22
C GLY D 285 -15.03 40.12 -27.45
N SER D 286 -14.68 39.61 -26.27
CA SER D 286 -13.67 40.23 -25.42
C SER D 286 -12.79 39.15 -24.82
N SER D 287 -11.51 39.48 -24.64
CA SER D 287 -10.56 38.52 -24.08
C SER D 287 -9.68 39.21 -23.06
N LEU D 288 -9.32 38.50 -21.99
CA LEU D 288 -8.41 39.06 -20.98
C LEU D 288 -7.50 37.95 -20.47
N SER D 289 -6.21 38.24 -20.37
CA SER D 289 -5.21 37.26 -19.96
C SER D 289 -4.37 37.82 -18.82
N VAL D 290 -4.25 37.03 -17.76
CA VAL D 290 -3.39 37.35 -16.61
C VAL D 290 -2.26 36.32 -16.57
N SER D 291 -1.02 36.80 -16.66
CA SER D 291 0.14 35.94 -16.74
C SER D 291 0.56 35.39 -15.37
N VAL D 292 1.18 34.22 -15.40
CA VAL D 292 1.73 33.57 -14.21
C VAL D 292 3.23 33.38 -14.44
N VAL D 293 4.04 34.21 -13.79
CA VAL D 293 5.49 34.21 -13.95
C VAL D 293 6.14 33.62 -12.72
N VAL D 294 7.01 32.63 -12.93
CA VAL D 294 7.78 31.99 -11.86
C VAL D 294 9.25 32.02 -12.27
N GLY D 295 10.09 32.58 -11.41
CA GLY D 295 11.52 32.61 -11.68
C GLY D 295 11.89 33.39 -12.92
N GLY D 296 11.07 34.35 -13.31
CA GLY D 296 11.29 35.09 -14.54
C GLY D 296 10.85 34.38 -15.80
N GLN D 297 10.14 33.26 -15.67
CA GLN D 297 9.66 32.51 -16.83
C GLN D 297 8.14 32.44 -16.82
N LEU D 298 7.54 32.54 -18.00
CA LEU D 298 6.09 32.49 -18.18
C LEU D 298 5.62 31.05 -18.07
N TRP D 299 5.21 30.65 -16.85
CA TRP D 299 4.76 29.28 -16.66
C TRP D 299 3.40 29.03 -17.33
N GLY D 300 2.49 29.99 -17.22
CA GLY D 300 1.18 29.84 -17.81
C GLY D 300 0.44 31.16 -17.78
N LEU D 301 -0.82 31.11 -18.22
CA LEU D 301 -1.65 32.30 -18.28
C LEU D 301 -3.12 31.91 -18.17
N ILE D 302 -3.89 32.74 -17.47
CA ILE D 302 -5.33 32.58 -17.29
C ILE D 302 -6.03 33.43 -18.34
N ALA D 303 -6.79 32.80 -19.22
CA ALA D 303 -7.51 33.50 -20.28
C ALA D 303 -9.00 33.53 -19.99
N CYS D 304 -9.65 34.61 -20.41
CA CYS D 304 -11.09 34.79 -20.24
C CYS D 304 -11.71 35.16 -21.58
N HIS D 305 -12.81 34.50 -21.93
CA HIS D 305 -13.52 34.73 -23.18
C HIS D 305 -14.98 35.01 -22.89
N HIS D 306 -15.53 36.00 -23.59
CA HIS D 306 -16.91 36.44 -23.45
C HIS D 306 -17.51 36.63 -24.84
N GLN D 307 -18.78 36.23 -24.99
CA GLN D 307 -19.44 36.36 -26.28
C GLN D 307 -19.83 37.80 -26.58
N THR D 308 -19.98 38.64 -25.55
CA THR D 308 -20.29 40.06 -25.69
C THR D 308 -19.10 40.90 -25.22
N PRO D 309 -18.82 42.03 -25.87
CA PRO D 309 -17.70 42.88 -25.41
C PRO D 309 -17.92 43.40 -24.01
N TYR D 310 -16.97 43.09 -23.13
CA TYR D 310 -17.04 43.48 -21.72
C TYR D 310 -15.75 44.21 -21.35
N VAL D 311 -15.89 45.32 -20.61
CA VAL D 311 -14.75 46.09 -20.13
C VAL D 311 -14.80 46.11 -18.61
N LEU D 312 -13.67 45.64 -17.96
CA LEU D 312 -13.64 45.46 -16.52
C LEU D 312 -13.21 46.74 -15.81
N PRO D 313 -13.83 47.04 -14.67
CA PRO D 313 -13.48 48.26 -13.93
C PRO D 313 -12.10 48.17 -13.34
N PRO D 314 -11.42 49.31 -13.15
CA PRO D 314 -10.03 49.27 -12.65
C PRO D 314 -9.88 48.63 -11.27
N ASP D 315 -10.83 48.82 -10.36
CA ASP D 315 -10.71 48.26 -9.02
C ASP D 315 -10.71 46.74 -9.06
N LEU D 316 -11.66 46.16 -9.82
CA LEU D 316 -11.75 44.71 -9.95
C LEU D 316 -10.56 44.17 -10.72
N ARG D 317 -10.14 44.88 -11.77
CA ARG D 317 -8.93 44.54 -12.49
C ARG D 317 -7.73 44.45 -11.55
N THR D 318 -7.63 45.39 -10.61
CA THR D 318 -6.56 45.35 -9.61
C THR D 318 -6.65 44.07 -8.79
N THR D 319 -7.87 43.67 -8.40
CA THR D 319 -8.01 42.39 -7.70
C THR D 319 -7.49 41.23 -8.55
N LEU D 320 -7.80 41.23 -9.84
CA LEU D 320 -7.31 40.17 -10.72
C LEU D 320 -5.80 40.13 -10.75
N GLU D 321 -5.15 41.31 -10.80
CA GLU D 321 -3.69 41.34 -10.79
C GLU D 321 -3.14 40.71 -9.53
N TYR D 322 -3.75 41.01 -8.38
N TYR D 322 -3.73 41.05 -8.37
CA TYR D 322 -3.28 40.39 -7.14
CA TYR D 322 -3.39 40.41 -7.11
C TYR D 322 -3.37 38.87 -7.22
C TYR D 322 -3.36 38.89 -7.26
N LEU D 323 -4.48 38.33 -7.73
CA LEU D 323 -4.56 36.88 -7.90
C LEU D 323 -3.49 36.36 -8.85
N GLY D 324 -3.10 37.16 -9.85
CA GLY D 324 -2.01 36.73 -10.72
C GLY D 324 -0.72 36.51 -9.96
N ARG D 325 -0.34 37.48 -9.11
CA ARG D 325 0.91 37.30 -8.36
C ARG D 325 0.79 36.15 -7.36
N LEU D 326 -0.34 36.09 -6.66
CA LEU D 326 -0.54 35.05 -5.64
C LEU D 326 -0.46 33.67 -6.28
N LEU D 327 -1.08 33.48 -7.44
CA LEU D 327 -0.99 32.21 -8.13
C LEU D 327 0.44 31.92 -8.59
N SER D 328 1.20 32.96 -8.95
CA SER D 328 2.60 32.74 -9.29
C SER D 328 3.37 32.11 -8.12
N LEU D 329 3.06 32.52 -6.88
CA LEU D 329 3.72 31.88 -5.74
C LEU D 329 3.19 30.46 -5.49
N GLN D 330 1.86 30.31 -5.53
CA GLN D 330 1.25 29.05 -5.12
C GLN D 330 1.56 27.92 -6.09
N VAL D 331 1.64 28.21 -7.39
CA VAL D 331 1.99 27.17 -8.34
C VAL D 331 3.40 26.64 -8.04
N GLN D 332 4.31 27.55 -7.65
CA GLN D 332 5.68 27.13 -7.32
C GLN D 332 5.69 26.18 -6.14
N VAL D 333 4.96 26.52 -5.06
CA VAL D 333 5.00 25.65 -3.88
C VAL D 333 4.32 24.32 -4.17
N LYS D 334 3.11 24.37 -4.74
CA LYS D 334 2.36 23.13 -4.97
C LYS D 334 3.07 22.21 -5.94
N GLU D 335 3.72 22.77 -6.97
CA GLU D 335 4.49 21.93 -7.89
C GLU D 335 5.69 21.31 -7.17
N ALA D 336 6.36 22.08 -6.32
CA ALA D 336 7.47 21.50 -5.56
C ALA D 336 6.99 20.36 -4.67
N ALA D 337 5.77 20.47 -4.13
CA ALA D 337 5.26 19.39 -3.29
C ALA D 337 4.87 18.18 -4.13
N ASP D 338 4.31 18.41 -5.33
CA ASP D 338 3.97 17.28 -6.21
C ASP D 338 5.20 16.54 -6.66
N VAL D 339 6.27 17.26 -7.01
CA VAL D 339 7.51 16.59 -7.42
C VAL D 339 8.16 15.91 -6.21
N ALA D 340 7.98 16.46 -5.01
CA ALA D 340 8.52 15.81 -3.82
C ALA D 340 7.82 14.47 -3.56
N ALA D 341 6.49 14.46 -3.63
CA ALA D 341 5.75 13.22 -3.40
C ALA D 341 6.00 12.22 -4.53
N PHE D 342 6.15 12.71 -5.76
CA PHE D 342 6.47 11.83 -6.88
C PHE D 342 7.85 11.19 -6.69
N ARG D 343 8.82 12.00 -6.28
CA ARG D 343 10.16 11.48 -6.00
C ARG D 343 10.12 10.45 -4.87
N GLN D 344 9.33 10.70 -3.83
CA GLN D 344 9.24 9.75 -2.73
C GLN D 344 8.61 8.44 -3.19
N SER D 345 7.58 8.52 -4.03
CA SER D 345 6.98 7.31 -4.58
C SER D 345 8.00 6.52 -5.39
N LEU D 346 8.88 7.24 -6.11
CA LEU D 346 9.93 6.58 -6.85
C LEU D 346 10.97 5.96 -5.92
N ARG D 347 11.16 6.54 -4.74
CA ARG D 347 12.09 5.96 -3.78
C ARG D 347 11.53 4.66 -3.20
N GLU D 348 10.23 4.63 -2.90
CA GLU D 348 9.63 3.41 -2.37
C GLU D 348 9.64 2.30 -3.42
N HIS D 349 9.28 2.65 -4.67
CA HIS D 349 9.31 1.66 -5.74
C HIS D 349 10.75 1.17 -5.98
N HIS D 350 11.71 2.09 -5.92
CA HIS D 350 13.11 1.73 -6.16
C HIS D 350 13.65 0.82 -5.06
N ALA D 351 13.30 1.09 -3.80
CA ALA D 351 13.74 0.18 -2.73
C ALA D 351 13.11 -1.20 -2.91
N ARG D 352 11.83 -1.22 -3.29
CA ARG D 352 11.16 -2.49 -3.51
C ARG D 352 11.82 -3.31 -4.61
N VAL D 353 12.36 -2.64 -5.64
CA VAL D 353 13.06 -3.38 -6.67
C VAL D 353 14.48 -3.74 -6.22
N ALA D 354 15.15 -2.82 -5.52
CA ALA D 354 16.55 -3.01 -5.12
C ALA D 354 16.71 -4.21 -4.19
N LEU D 355 15.74 -4.47 -3.32
CA LEU D 355 15.87 -5.59 -2.40
C LEU D 355 15.98 -6.93 -3.14
N ALA D 356 15.25 -7.08 -4.26
CA ALA D 356 15.27 -8.34 -4.99
C ALA D 356 16.55 -8.58 -5.77
N ALA D 357 17.30 -7.53 -6.11
CA ALA D 357 18.56 -7.70 -6.85
C ALA D 357 19.72 -8.14 -5.97
N ALA D 358 19.65 -7.93 -4.65
CA ALA D 358 20.75 -8.28 -3.77
C ALA D 358 20.99 -9.80 -3.74
N HIS D 359 19.94 -10.58 -3.52
CA HIS D 359 20.07 -12.03 -3.42
C HIS D 359 19.77 -12.74 -4.73
N SER D 360 19.93 -12.06 -5.86
CA SER D 360 19.65 -12.63 -7.17
C SER D 360 20.96 -12.89 -7.91
N LEU D 361 21.02 -14.02 -8.61
CA LEU D 361 22.12 -14.35 -9.50
C LEU D 361 21.65 -14.55 -10.94
N SER D 362 20.37 -14.30 -11.22
CA SER D 362 19.81 -14.39 -12.56
C SER D 362 19.00 -13.14 -12.83
N PRO D 363 19.51 -12.20 -13.63
CA PRO D 363 18.80 -10.93 -13.82
C PRO D 363 17.48 -11.06 -14.56
N HIS D 364 17.42 -11.91 -15.59
CA HIS D 364 16.21 -12.02 -16.40
C HIS D 364 15.00 -12.44 -15.57
N ASP D 365 15.13 -13.51 -14.80
CA ASP D 365 14.00 -13.98 -14.00
C ASP D 365 13.62 -13.00 -12.90
N THR D 366 14.61 -12.24 -12.39
CA THR D 366 14.32 -11.30 -11.30
C THR D 366 13.56 -10.08 -11.81
N LEU D 367 14.04 -9.47 -12.90
CA LEU D 367 13.44 -8.24 -13.38
C LEU D 367 12.14 -8.45 -14.16
N SER D 368 11.90 -9.66 -14.66
CA SER D 368 10.66 -9.96 -15.35
C SER D 368 9.47 -10.17 -14.41
N ASP D 369 9.69 -10.07 -13.11
CA ASP D 369 8.62 -10.28 -12.14
C ASP D 369 7.57 -9.18 -12.27
N PRO D 370 6.31 -9.51 -12.57
CA PRO D 370 5.28 -8.47 -12.64
C PRO D 370 5.00 -7.79 -11.31
N ALA D 371 5.31 -8.44 -10.18
CA ALA D 371 5.14 -7.81 -8.88
C ALA D 371 6.09 -6.64 -8.69
N LEU D 372 7.28 -6.71 -9.30
CA LEU D 372 8.22 -5.59 -9.23
C LEU D 372 7.73 -4.41 -10.04
N ASP D 373 7.11 -4.67 -11.20
CA ASP D 373 6.52 -3.65 -12.06
C ASP D 373 7.57 -2.61 -12.48
N LEU D 374 8.46 -3.06 -13.35
CA LEU D 374 9.44 -2.15 -13.93
C LEU D 374 8.83 -1.22 -14.96
N LEU D 375 7.67 -1.58 -15.53
CA LEU D 375 6.98 -0.69 -16.45
C LEU D 375 6.38 0.50 -15.71
N GLY D 376 5.68 0.25 -14.61
CA GLY D 376 5.08 1.33 -13.84
C GLY D 376 6.09 2.20 -13.12
N LEU D 377 7.32 1.71 -12.94
CA LEU D 377 8.37 2.52 -12.32
C LEU D 377 8.70 3.73 -13.19
N MET D 378 8.85 3.52 -14.49
CA MET D 378 9.14 4.58 -15.45
C MET D 378 7.92 4.98 -16.26
N ARG D 379 6.75 4.42 -15.95
CA ARG D 379 5.51 4.71 -16.69
C ARG D 379 5.69 4.48 -18.19
N ALA D 380 6.23 3.31 -18.54
CA ALA D 380 6.53 2.95 -19.92
C ALA D 380 5.59 1.86 -20.40
N GLY D 381 5.47 1.75 -21.72
CA GLY D 381 4.62 0.75 -22.35
C GLY D 381 5.36 -0.50 -22.74
N GLY D 382 6.67 -0.40 -22.95
CA GLY D 382 7.48 -1.54 -23.33
C GLY D 382 8.77 -1.57 -22.55
N LEU D 383 9.35 -2.77 -22.47
CA LEU D 383 10.58 -2.98 -21.72
C LEU D 383 11.43 -4.03 -22.41
N ILE D 384 12.73 -3.75 -22.50
CA ILE D 384 13.72 -4.67 -23.07
C ILE D 384 14.78 -4.94 -22.01
N LEU D 385 15.01 -6.23 -21.76
CA LEU D 385 15.95 -6.70 -20.75
C LEU D 385 17.04 -7.48 -21.48
N ARG D 386 18.25 -6.92 -21.54
CA ARG D 386 19.34 -7.57 -22.26
C ARG D 386 20.39 -8.03 -21.25
N PHE D 387 20.51 -9.36 -21.09
CA PHE D 387 21.48 -9.94 -20.18
C PHE D 387 21.94 -11.28 -20.73
N GLU D 388 23.17 -11.65 -20.39
CA GLU D 388 23.74 -12.97 -20.68
C GLU D 388 23.62 -13.35 -22.15
N GLY D 389 23.68 -12.35 -23.04
CA GLY D 389 23.63 -12.61 -24.46
C GLY D 389 22.24 -12.79 -25.04
N ARG D 390 21.20 -12.64 -24.24
CA ARG D 390 19.82 -12.79 -24.70
C ARG D 390 19.01 -11.59 -24.24
N TRP D 391 17.93 -11.32 -24.96
CA TRP D 391 17.06 -10.18 -24.67
C TRP D 391 15.61 -10.64 -24.56
N GLN D 392 14.91 -10.06 -23.59
CA GLN D 392 13.50 -10.32 -23.33
C GLN D 392 12.72 -9.02 -23.41
N THR D 393 11.41 -9.13 -23.62
CA THR D 393 10.54 -7.97 -23.76
C THR D 393 9.36 -8.10 -22.82
N LEU D 394 8.77 -6.95 -22.48
CA LEU D 394 7.58 -6.89 -21.65
C LEU D 394 6.68 -5.76 -22.14
N GLY D 395 5.43 -6.08 -22.42
CA GLY D 395 4.49 -5.08 -22.87
C GLY D 395 4.54 -4.86 -24.38
N GLU D 396 3.96 -3.74 -24.80
CA GLU D 396 3.90 -3.39 -26.21
C GLU D 396 5.30 -3.07 -26.71
N VAL D 397 5.86 -3.96 -27.53
CA VAL D 397 7.24 -3.82 -28.02
C VAL D 397 7.26 -4.12 -29.52
N PRO D 398 7.97 -3.33 -30.32
CA PRO D 398 8.07 -3.58 -31.77
C PRO D 398 8.56 -4.98 -32.06
N PRO D 399 8.32 -5.49 -33.30
CA PRO D 399 8.74 -6.86 -33.66
C PRO D 399 10.21 -7.19 -33.35
N ALA D 400 10.51 -8.48 -33.23
CA ALA D 400 11.86 -8.93 -32.85
C ALA D 400 12.98 -8.40 -33.73
N PRO D 401 12.93 -8.49 -35.06
CA PRO D 401 14.06 -7.95 -35.85
C PRO D 401 14.25 -6.47 -35.63
N ALA D 402 13.15 -5.73 -35.46
CA ALA D 402 13.25 -4.32 -35.13
C ALA D 402 13.90 -4.11 -33.77
N VAL D 403 13.66 -5.03 -32.83
CA VAL D 403 14.32 -4.95 -31.54
C VAL D 403 15.83 -5.11 -31.70
N ASP D 404 16.25 -6.09 -32.52
CA ASP D 404 17.68 -6.26 -32.76
C ASP D 404 18.29 -5.01 -33.36
N ALA D 405 17.59 -4.38 -34.31
CA ALA D 405 18.08 -3.15 -34.90
C ALA D 405 18.16 -2.04 -33.86
N LEU D 406 17.20 -2.01 -32.94
CA LEU D 406 17.19 -0.97 -31.90
C LEU D 406 18.37 -1.13 -30.95
N LEU D 407 18.68 -2.36 -30.56
CA LEU D 407 19.85 -2.56 -29.70
C LEU D 407 21.13 -2.20 -30.43
N ALA D 408 21.20 -2.54 -31.72
CA ALA D 408 22.38 -2.17 -32.51
C ALA D 408 22.55 -0.66 -32.55
N TRP D 409 21.45 0.09 -32.69
CA TRP D 409 21.56 1.55 -32.63
C TRP D 409 21.94 2.04 -31.24
N LEU D 410 21.47 1.36 -30.19
CA LEU D 410 21.80 1.77 -28.83
C LEU D 410 23.29 1.63 -28.55
N GLU D 411 23.95 0.65 -29.16
CA GLU D 411 25.39 0.52 -28.95
C GLU D 411 26.17 1.68 -29.56
N THR D 412 25.66 2.28 -30.64
CA THR D 412 26.37 3.40 -31.26
C THR D 412 26.37 4.63 -30.36
N GLN D 413 25.29 4.86 -29.61
CA GLN D 413 25.20 6.04 -28.77
C GLN D 413 26.21 5.95 -27.62
N PRO D 414 26.93 7.04 -27.34
CA PRO D 414 27.90 7.02 -26.24
C PRO D 414 27.20 7.22 -24.90
N GLY D 415 28.00 7.25 -23.84
CA GLY D 415 27.48 7.41 -22.50
C GLY D 415 26.81 6.15 -21.98
N ALA D 416 26.39 6.22 -20.73
CA ALA D 416 25.70 5.11 -20.08
C ALA D 416 24.19 5.27 -20.04
N LEU D 417 23.68 6.47 -20.31
CA LEU D 417 22.25 6.75 -20.27
C LEU D 417 21.82 7.41 -21.56
N VAL D 418 20.68 6.97 -22.09
CA VAL D 418 20.10 7.51 -23.32
C VAL D 418 18.65 7.88 -23.04
N GLN D 419 18.25 9.07 -23.50
CA GLN D 419 16.91 9.59 -23.26
C GLN D 419 16.42 10.31 -24.50
N THR D 420 15.16 10.08 -24.87
CA THR D 420 14.57 10.82 -25.98
C THR D 420 13.05 10.75 -25.91
N ASP D 421 12.41 11.88 -26.25
CA ASP D 421 10.97 11.97 -26.34
C ASP D 421 10.45 11.35 -27.62
N ALA D 422 11.21 11.48 -28.70
CA ALA D 422 10.88 10.90 -30.00
C ALA D 422 12.11 10.19 -30.53
N LEU D 423 12.06 8.86 -30.59
CA LEU D 423 13.20 8.08 -31.07
C LEU D 423 13.46 8.29 -32.55
N GLY D 424 12.47 8.78 -33.30
CA GLY D 424 12.66 9.05 -34.71
C GLY D 424 13.72 10.11 -34.98
N GLN D 425 13.88 11.06 -34.05
CA GLN D 425 14.87 12.12 -34.25
C GLN D 425 16.28 11.57 -34.08
N LEU D 426 16.52 10.81 -33.00
CA LEU D 426 17.85 10.26 -32.77
C LEU D 426 18.14 9.07 -33.68
N TRP D 427 17.13 8.30 -34.04
CA TRP D 427 17.29 7.15 -34.93
C TRP D 427 16.33 7.27 -36.09
N PRO D 428 16.82 7.55 -37.31
CA PRO D 428 15.90 7.70 -38.45
C PRO D 428 15.15 6.42 -38.78
N ALA D 429 15.87 5.29 -38.86
CA ALA D 429 15.27 4.02 -39.26
C ALA D 429 14.24 3.53 -38.25
N GLY D 430 14.16 4.15 -37.07
CA GLY D 430 13.16 3.83 -36.08
C GLY D 430 11.87 4.61 -36.23
N ALA D 431 11.70 5.33 -37.36
CA ALA D 431 10.46 6.07 -37.57
C ALA D 431 9.28 5.12 -37.76
N ASP D 432 9.53 3.93 -38.31
CA ASP D 432 8.45 2.98 -38.55
C ASP D 432 7.95 2.37 -37.24
N LEU D 433 8.81 2.29 -36.23
CA LEU D 433 8.46 1.73 -34.94
C LEU D 433 7.88 2.77 -33.98
N ALA D 434 7.47 3.93 -34.50
CA ALA D 434 6.92 4.99 -33.66
C ALA D 434 5.65 4.58 -32.92
N PRO D 435 4.64 3.95 -33.55
CA PRO D 435 3.41 3.67 -32.79
C PRO D 435 3.61 2.69 -31.64
N SER D 436 4.55 1.75 -31.76
CA SER D 436 4.82 0.82 -30.68
C SER D 436 5.84 1.33 -29.67
N ALA D 437 6.80 2.15 -30.10
CA ALA D 437 7.84 2.65 -29.19
C ALA D 437 8.34 3.99 -29.75
N ALA D 438 7.74 5.09 -29.26
CA ALA D 438 8.17 6.42 -29.66
C ALA D 438 9.20 7.03 -28.72
N GLY D 439 9.01 6.89 -27.41
CA GLY D 439 9.95 7.43 -26.42
C GLY D 439 10.89 6.34 -25.93
N LEU D 440 12.15 6.72 -25.67
CA LEU D 440 13.14 5.73 -25.27
C LEU D 440 13.96 6.23 -24.09
N LEU D 441 14.22 5.34 -23.12
CA LEU D 441 15.07 5.65 -21.97
C LEU D 441 15.85 4.38 -21.62
N ALA D 442 17.13 4.34 -21.99
CA ALA D 442 17.95 3.15 -21.84
C ALA D 442 19.16 3.41 -20.93
N ILE D 443 19.50 2.42 -20.12
CA ILE D 443 20.67 2.46 -19.24
C ILE D 443 21.49 1.20 -19.45
N SER D 444 22.80 1.31 -19.20
CA SER D 444 23.73 0.20 -19.36
C SER D 444 24.21 -0.29 -18.00
N VAL D 445 23.86 -1.54 -17.67
CA VAL D 445 24.30 -2.13 -16.41
C VAL D 445 25.80 -2.35 -16.40
N GLY D 446 26.31 -3.08 -17.40
CA GLY D 446 27.73 -3.32 -17.53
C GLY D 446 28.39 -2.38 -18.54
N GLU D 447 29.72 -2.36 -18.49
CA GLU D 447 30.48 -1.51 -19.41
C GLU D 447 30.19 -1.91 -20.85
N GLY D 448 29.96 -0.91 -21.69
CA GLY D 448 29.47 -1.19 -23.03
C GLY D 448 27.95 -1.22 -23.03
N TRP D 449 27.36 -2.00 -23.93
CA TRP D 449 25.92 -2.20 -23.95
C TRP D 449 25.56 -3.67 -24.08
N SER D 450 26.47 -4.55 -23.66
CA SER D 450 26.20 -5.99 -23.67
C SER D 450 25.03 -6.33 -22.75
N GLU D 451 24.98 -5.71 -21.57
CA GLU D 451 23.89 -5.89 -20.62
C GLU D 451 23.24 -4.53 -20.41
N CYS D 452 21.97 -4.41 -20.75
CA CYS D 452 21.31 -3.12 -20.70
C CYS D 452 19.84 -3.27 -20.38
N LEU D 453 19.21 -2.14 -20.07
CA LEU D 453 17.81 -2.06 -19.71
C LEU D 453 17.18 -0.90 -20.48
N VAL D 454 16.16 -1.20 -21.29
CA VAL D 454 15.58 -0.23 -22.21
C VAL D 454 14.09 -0.06 -21.91
N TRP D 455 13.67 1.19 -21.71
CA TRP D 455 12.25 1.52 -21.57
C TRP D 455 11.72 2.19 -22.83
N LEU D 456 10.50 1.81 -23.22
CA LEU D 456 9.86 2.26 -24.45
C LEU D 456 8.46 2.80 -24.15
N ARG D 457 8.10 3.89 -24.83
CA ARG D 457 6.78 4.49 -24.68
C ARG D 457 6.09 4.66 -26.02
N PRO D 458 4.82 4.30 -26.10
CA PRO D 458 4.08 4.43 -27.36
C PRO D 458 3.89 5.89 -27.77
N GLU D 459 3.47 6.08 -29.02
CA GLU D 459 3.25 7.42 -29.54
C GLU D 459 2.12 8.12 -28.78
N LEU D 460 2.35 9.39 -28.45
CA LEU D 460 1.38 10.18 -27.71
C LEU D 460 0.12 10.39 -28.54
N ARG D 461 -1.01 9.88 -28.06
CA ARG D 461 -2.28 10.02 -28.76
C ARG D 461 -3.33 10.59 -27.82
N LEU D 462 -4.07 11.61 -28.29
CA LEU D 462 -5.13 12.24 -27.52
C LEU D 462 -6.32 12.48 -28.43
N GLU D 463 -7.42 12.93 -27.83
CA GLU D 463 -8.65 13.22 -28.55
C GLU D 463 -9.07 14.66 -28.32
N VAL D 464 -9.90 15.17 -29.22
CA VAL D 464 -10.34 16.56 -29.16
C VAL D 464 -11.14 16.80 -27.88
N ALA D 465 -10.97 17.99 -27.30
CA ALA D 465 -11.70 18.33 -26.08
C ALA D 465 -13.19 18.52 -26.34
N TRP D 466 -13.56 19.03 -27.51
CA TRP D 466 -14.95 19.24 -27.86
C TRP D 466 -15.44 18.21 -28.87
N GLY D 479 -8.91 29.09 -37.07
CA GLY D 479 -9.81 28.83 -35.96
C GLY D 479 -9.25 27.84 -34.96
N PRO D 480 -10.08 27.46 -33.96
CA PRO D 480 -9.59 26.49 -32.96
C PRO D 480 -9.33 25.12 -33.56
N ARG D 481 -10.22 24.65 -34.44
CA ARG D 481 -10.03 23.35 -35.07
C ARG D 481 -8.70 23.29 -35.82
N HIS D 482 -8.34 24.38 -36.50
CA HIS D 482 -7.05 24.45 -37.18
C HIS D 482 -5.90 24.30 -36.21
N SER D 483 -6.01 24.93 -35.02
CA SER D 483 -4.94 24.87 -34.04
C SER D 483 -4.77 23.46 -33.50
N TRP D 484 -5.89 22.81 -33.14
CA TRP D 484 -5.80 21.44 -32.63
C TRP D 484 -5.23 20.49 -33.68
N ASP D 485 -5.64 20.68 -34.94
CA ASP D 485 -5.11 19.83 -36.01
C ASP D 485 -3.60 19.99 -36.15
N THR D 486 -3.13 21.24 -36.15
CA THR D 486 -1.69 21.46 -36.34
C THR D 486 -0.87 21.04 -35.13
N TYR D 487 -1.47 21.02 -33.93
CA TYR D 487 -0.72 20.52 -32.78
C TYR D 487 -0.42 19.03 -32.93
N LEU D 488 -1.43 18.24 -33.33
CA LEU D 488 -1.17 16.81 -33.56
C LEU D 488 -0.25 16.60 -34.75
N GLU D 489 -0.31 17.48 -35.75
CA GLU D 489 0.62 17.33 -36.86
C GLU D 489 2.06 17.58 -36.43
N GLU D 490 2.29 18.50 -35.50
CA GLU D 490 3.65 18.78 -35.04
C GLU D 490 4.19 17.73 -34.08
N LYS D 491 3.32 17.00 -33.35
CA LYS D 491 3.76 16.01 -32.40
C LYS D 491 3.72 14.58 -32.94
N ARG D 492 3.77 14.42 -34.26
CA ARG D 492 3.81 13.07 -34.82
C ARG D 492 5.19 12.45 -34.57
N GLY D 493 5.19 11.24 -34.03
CA GLY D 493 6.41 10.58 -33.63
C GLY D 493 6.86 10.87 -32.21
N TYR D 494 6.30 11.88 -31.57
CA TYR D 494 6.63 12.21 -30.19
C TYR D 494 5.82 11.34 -29.23
N ALA D 495 6.25 11.34 -27.96
CA ALA D 495 5.59 10.60 -26.90
C ALA D 495 5.56 11.49 -25.66
N GLU D 496 4.97 10.96 -24.59
CA GLU D 496 4.92 11.68 -23.33
C GLU D 496 6.34 11.92 -22.82
N PRO D 497 6.73 13.16 -22.53
CA PRO D 497 8.12 13.43 -22.13
C PRO D 497 8.46 12.77 -20.80
N TRP D 498 9.75 12.46 -20.65
CA TRP D 498 10.24 11.81 -19.44
C TRP D 498 10.33 12.81 -18.30
N HIS D 499 9.65 12.50 -17.20
CA HIS D 499 9.72 13.35 -16.02
C HIS D 499 11.15 13.33 -15.46
N PRO D 500 11.68 14.48 -15.04
CA PRO D 500 13.07 14.51 -14.56
C PRO D 500 13.34 13.54 -13.40
N GLY D 501 12.34 13.30 -12.56
CA GLY D 501 12.52 12.33 -11.49
C GLY D 501 12.70 10.92 -11.99
N GLU D 502 12.07 10.59 -13.12
CA GLU D 502 12.28 9.27 -13.72
C GLU D 502 13.67 9.13 -14.28
N ILE D 503 14.27 10.22 -14.76
CA ILE D 503 15.64 10.16 -15.25
C ILE D 503 16.61 10.00 -14.09
N GLU D 504 16.41 10.78 -13.02
CA GLU D 504 17.20 10.61 -11.81
C GLU D 504 17.12 9.18 -11.30
N GLU D 505 15.91 8.63 -11.25
CA GLU D 505 15.74 7.24 -10.83
C GLU D 505 16.39 6.27 -11.81
N ALA D 506 16.47 6.64 -13.08
CA ALA D 506 17.15 5.80 -14.06
C ALA D 506 18.64 5.71 -13.77
N GLN D 507 19.27 6.84 -13.49
CA GLN D 507 20.70 6.82 -13.17
C GLN D 507 20.97 6.13 -11.84
N ASP D 508 20.07 6.34 -10.86
CA ASP D 508 20.21 5.66 -9.59
C ASP D 508 20.07 4.15 -9.76
N LEU D 509 19.21 3.72 -10.68
CA LEU D 509 19.01 2.29 -10.89
C LEU D 509 20.19 1.68 -11.65
N ARG D 510 20.78 2.43 -12.57
CA ARG D 510 21.99 1.95 -13.24
C ARG D 510 23.11 1.75 -12.23
N ASP D 511 23.29 2.72 -11.32
CA ASP D 511 24.32 2.59 -10.31
C ASP D 511 24.02 1.46 -9.34
N THR D 512 22.73 1.17 -9.11
CA THR D 512 22.38 0.06 -8.23
C THR D 512 22.67 -1.29 -8.91
N LEU D 513 22.28 -1.43 -10.17
CA LEU D 513 22.43 -2.70 -10.87
C LEU D 513 23.88 -3.01 -11.21
N THR D 514 24.77 -2.00 -11.23
CA THR D 514 26.18 -2.29 -11.50
C THR D 514 26.78 -3.24 -10.45
N GLY D 515 26.43 -3.03 -9.18
CA GLY D 515 26.99 -3.84 -8.10
C GLY D 515 26.37 -5.21 -7.90
N ALA D 516 25.26 -5.51 -8.58
CA ALA D 516 24.63 -6.82 -8.45
C ALA D 516 25.38 -7.92 -9.21
N LEU D 517 26.30 -7.55 -10.08
CA LEU D 517 27.05 -8.54 -10.86
C LEU D 517 28.19 -9.14 -10.04
CHA BLA E . -31.26 -29.09 11.79
NA BLA E . -31.61 -26.70 12.13
C1A BLA E . -31.11 -27.75 11.46
C2A BLA E . -30.41 -27.26 10.35
C3A BLA E . -30.50 -25.86 10.39
C4A BLA E . -31.27 -25.54 11.52
CMA BLA E . -29.89 -24.94 9.40
CAA BLA E . -29.67 -28.07 9.30
CBA BLA E . -30.40 -28.51 8.07
CGA BLA E . -31.22 -27.51 7.33
O1A BLA E . -32.45 -27.70 7.15
O2A BLA E . -30.68 -26.45 6.88
CHB BLA E . -31.68 -24.16 12.04
NB BLA E . -31.62 -21.81 11.57
C1B BLA E . -31.98 -23.06 11.24
C2B BLA E . -32.66 -23.01 10.02
C3B BLA E . -32.69 -21.67 9.63
C4B BLA E . -32.03 -20.94 10.62
CMB BLA E . -33.26 -24.12 9.24
OB BLA E . -31.86 -19.74 10.63
CAB BLA E . -33.32 -21.14 8.39
CBB BLA E . -33.31 -19.82 8.08
NC BLA E . -34.56 -26.73 15.28
C1C BLA E . -35.15 -25.63 15.79
C2C BLA E . -35.55 -25.89 17.10
C3C BLA E . -35.19 -27.21 17.37
C4C BLA E . -34.57 -27.71 16.21
CMC BLA E . -36.24 -24.92 18.01
OC BLA E . -35.29 -24.59 15.21
CAC BLA E . -35.42 -27.97 18.64
CBC BLA E . -34.75 -27.52 19.92
CHD BLA E . -34.07 -29.00 16.07
ND BLA E . -32.67 -28.72 13.91
C1D BLA E . -33.26 -29.49 14.86
C2D BLA E . -32.99 -30.83 14.58
C3D BLA E . -32.23 -30.85 13.41
C4D BLA E . -32.04 -29.52 13.01
CMD BLA E . -33.45 -32.02 15.36
CAD BLA E . -31.70 -32.09 12.70
CBD BLA E . -32.55 -32.75 11.68
CGD BLA E . -32.05 -34.03 11.10
O1D BLA E . -31.06 -34.61 11.62
O2D BLA E . -32.61 -34.52 10.09
C1 EDO F . -18.19 -43.14 4.10
O1 EDO F . -19.54 -42.86 4.51
C2 EDO F . -18.20 -43.94 2.79
O2 EDO F . -18.86 -43.16 1.78
C ACT G . -31.13 -31.82 7.16
O ACT G . -31.28 -31.46 5.97
OXT ACT G . -29.97 -31.78 7.62
CH3 ACT G . -32.29 -32.29 8.00
CHA BLA H . 11.29 -37.55 -10.00
NA BLA H . 12.57 -39.18 -8.72
C1A BLA H . 11.41 -38.65 -9.16
C2A BLA H . 10.37 -39.43 -8.62
C3A BLA H . 10.96 -40.43 -7.84
C4A BLA H . 12.36 -40.27 -7.93
CMA BLA H . 10.23 -41.47 -7.07
CAA BLA H . 8.88 -39.17 -8.86
CBA BLA H . 8.03 -40.25 -9.47
CGA BLA H . 7.72 -40.20 -10.92
O1A BLA H . 7.84 -41.24 -11.62
O2A BLA H . 7.36 -39.12 -11.44
CHB BLA H . 13.55 -41.02 -7.31
NB BLA H . 14.77 -42.62 -6.08
C1B BLA H . 13.77 -42.36 -6.94
C2B BLA H . 13.19 -43.61 -7.26
C3B BLA H . 13.89 -44.60 -6.54
C4B BLA H . 14.86 -43.94 -5.81
CMB BLA H . 12.06 -43.94 -8.17
OB BLA H . 15.68 -44.43 -5.06
CAB BLA H . 13.62 -46.06 -6.56
CBB BLA H . 14.35 -46.94 -5.82
NC BLA H . 16.58 -38.18 -10.17
C1C BLA H . 17.67 -38.85 -9.77
C2C BLA H . 18.78 -38.02 -9.85
C3C BLA H . 18.32 -36.79 -10.34
C4C BLA H . 16.93 -36.93 -10.53
CMC BLA H . 20.19 -38.39 -9.49
OC BLA H . 17.66 -40.00 -9.39
CAC BLA H . 19.14 -35.56 -10.61
CBC BLA H . 19.79 -34.85 -9.46
CHD BLA H . 16.07 -35.96 -11.00
ND BLA H . 13.80 -36.99 -10.31
C1D BLA H . 14.55 -36.07 -10.98
C2D BLA H . 13.68 -35.21 -11.65
C3D BLA H . 12.37 -35.64 -11.38
C4D BLA H . 12.47 -36.76 -10.54
CMD BLA H . 14.09 -34.04 -12.50
CAD BLA H . 11.08 -35.04 -11.87
CBD BLA H . 10.79 -34.92 -13.33
CGD BLA H . 9.39 -34.62 -13.70
O1D BLA H . 9.07 -33.48 -14.14
O2D BLA H . 8.53 -35.51 -13.56
CHA BLA I . 8.33 35.51 19.49
NA BLA I . 10.54 36.52 19.83
C1A BLA I . 9.36 36.41 19.19
C2A BLA I . 9.33 37.35 18.17
C3A BLA I . 10.54 38.05 18.21
C4A BLA I . 11.28 37.50 19.26
CMA BLA I . 10.93 39.15 17.28
CAA BLA I . 8.19 37.60 17.18
CBA BLA I . 7.11 38.54 17.61
CGA BLA I . 7.40 40.00 17.55
O1A BLA I . 7.58 40.65 18.62
O2A BLA I . 7.48 40.58 16.44
CHB BLA I . 12.68 37.89 19.73
NB BLA I . 14.48 39.43 19.27
C1B BLA I . 13.22 39.17 19.69
C2B BLA I . 12.63 40.39 20.03
C3B BLA I . 13.57 41.38 19.81
C4B BLA I . 14.72 40.74 19.33
CMB BLA I . 11.24 40.61 20.53
OB BLA I . 15.78 41.28 19.03
CAB BLA I . 13.38 42.84 20.02
CBB BLA I . 14.37 43.76 19.79
NC BLA I . 11.62 34.79 23.62
C1C BLA I . 12.70 35.12 24.37
C2C BLA I . 13.00 34.08 25.22
C3C BLA I . 12.06 33.08 24.98
C4C BLA I . 11.22 33.56 23.99
CMC BLA I . 14.13 34.05 26.21
OC BLA I . 13.31 36.16 24.28
CAC BLA I . 11.98 31.75 25.67
CBC BLA I . 12.97 30.69 25.28
CHD BLA I . 10.14 32.84 23.46
ND BLA I . 9.52 34.35 21.46
C1D BLA I . 9.24 33.37 22.35
C2D BLA I . 7.97 32.85 22.07
C3D BLA I . 7.47 33.59 20.98
C4D BLA I . 8.46 34.51 20.62
CMD BLA I . 7.28 31.74 22.79
CAD BLA I . 6.12 33.39 20.33
CBD BLA I . 4.92 33.97 21.00
CGD BLA I . 3.63 33.94 20.27
O1D BLA I . 2.65 33.32 20.76
O2D BLA I . 3.53 34.52 19.17
C2 BGC J . 59.70 29.09 3.97
C3 BGC J . 60.14 30.52 4.30
C4 BGC J . 59.46 31.00 5.58
C5 BGC J . 59.63 29.99 6.72
C6 BGC J . 58.85 30.43 7.96
C1 BGC J . 59.88 28.21 5.19
O1 BGC J . 59.38 26.92 4.90
O2 BGC J . 60.42 28.63 2.84
O3 BGC J . 59.76 31.36 3.24
O4 BGC J . 59.98 32.23 5.96
O5 BGC J . 59.18 28.72 6.31
O6 BGC J . 58.62 29.28 8.74
CHA BLA K . -2.41 35.61 -27.77
NA BLA K . -2.89 33.38 -28.62
C1A BLA K . -2.90 34.31 -27.65
C2A BLA K . -3.48 33.74 -26.52
C3A BLA K . -3.82 32.43 -26.84
C4A BLA K . -3.43 32.23 -28.17
CMA BLA K . -4.47 31.44 -25.94
CAA BLA K . -3.71 34.43 -25.18
CBA BLA K . -4.75 35.48 -25.07
CGA BLA K . -6.17 35.11 -25.32
O1A BLA K . -6.75 34.29 -24.55
O2A BLA K . -6.79 35.60 -26.30
CHB BLA K . -3.57 30.96 -29.01
NB BLA K . -4.57 28.79 -29.21
C1B BLA K . -4.68 30.12 -29.07
C2B BLA K . -6.04 30.44 -28.99
C3B BLA K . -6.75 29.24 -29.10
C4B BLA K . -5.80 28.24 -29.23
CMB BLA K . -6.66 31.78 -28.84
OB BLA K . -6.02 27.04 -29.35
CAB BLA K . -8.22 29.08 -29.07
CBB BLA K . -8.84 27.88 -29.19
NC BLA K . -2.10 33.67 -32.59
C1C BLA K . -2.40 32.68 -33.46
C2C BLA K . -1.72 32.91 -34.65
C3C BLA K . -0.99 34.08 -34.48
C4C BLA K . -1.25 34.54 -33.19
CMC BLA K . -1.78 32.04 -35.87
OC BLA K . -3.13 31.76 -33.23
CAC BLA K . -0.10 34.74 -35.51
CBC BLA K . 1.21 34.09 -35.85
CHD BLA K . -0.72 35.68 -32.59
ND BLA K . -1.66 35.35 -30.21
C1D BLA K . -1.07 36.11 -31.17
C2D BLA K . -0.82 37.38 -30.64
C3D BLA K . -1.28 37.37 -29.31
C4D BLA K . -1.79 36.08 -29.07
CMD BLA K . -0.17 38.52 -31.35
CAD BLA K . -1.22 38.51 -28.33
CBD BLA K . -2.26 39.57 -28.41
CGD BLA K . -2.42 40.46 -27.23
O1D BLA K . -2.01 41.65 -27.27
O2D BLA K . -2.97 40.02 -26.20
#